data_2QF7
#
_entry.id   2QF7
#
_cell.length_a   234.729
_cell.length_b   93.258
_cell.length_c   137.222
_cell.angle_alpha   90.000
_cell.angle_beta   107.330
_cell.angle_gamma   90.000
#
_symmetry.space_group_name_H-M   'C 1 2 1'
#
loop_
_entity.id
_entity.type
_entity.pdbx_description
1 polymer 'Pyruvate carboxylase protein'
2 non-polymer 'MAGNESIUM ION'
3 non-polymer 'ZINC ION'
4 non-polymer 'CHLORIDE ION'
5 non-polymer 'COENZYME A'
6 non-polymer 'PHOSPHOTHIOPHOSPHORIC ACID-ADENYLATE ESTER'
7 non-polymer 'FORMIC ACID'
8 non-polymer GLYCEROL
9 water water
#
_entity_poly.entity_id   1
_entity_poly.type   'polypeptide(L)'
_entity_poly.pdbx_seq_one_letter_code
;MHHHHHHHHHGGPISKILVANRSEIAIRVFRAANELGIKTVAIWAEEDKLALHRFKADESYQVGRGPHLARDLGPIESYL
SIDEVIRVAKLSGADAIHPGYGLLSESPEFVDACNKAGIIFIGPKADTMRQLGNKVAARNLAISVGVPVVPATEPLPDDM
AEVAKMAAAIGYPVMLKASWGGGGRGMRVIRSEADLAKEVTEAKREAMAAFGKDEVYLEKLVERARHVESQILGDTHGNV
VHLFERDCSVQRRNQKVVERAPAPYLSEAQRQELAAYSLKIAGATNYIGAGTVEYLMDADTGKFYFIEVNPRIQVEHTVT
EVVTGIDIVKAQIHILDGAAIGTPQSGVPNQEDIRLNGHALQCRVTTEDPEHNFIPDYGRITAYRSASGFGIRLDGGTSY
SGAIITRYYDPLLVKVTAWAPNPLEAISRMDRALREFRIRGVATNLTFLEAIIGHPKFRDNSYTTRFIDTTPELFQQVKR
QDRATKLLTYLADVTVNGHPEAKDRPKPLENAARPVVPYANGNGVKDGTKQLLDTLGPKKFGEWMRNEKRVLLTDTTMRD
GHQSLLATRMRTYDIARIAGTYSHALPNLLSLECWGGATFDVSMRFLTEDPWERLALIREGAPNLLLQMLLRGANGVGYT
NYPDNVVKYFVRQAAKGGIDLFRVFDCLNWVENMRVSMDAIAEENKLCEAAICYTGDILNSARPKYDLKYYTNLAVELEK
AGAHIIAV(KCX)DMAGLLKPAAAKVLFKALREATGLPIHFHTHDTSGIAAATVLAAVEAGVDAVDAAMDALSGNTSQPC
LGSIVEALSGSERDPGLDPAWIRRISFYWEAVRNQYAAFESDLKGPASEVYLHEMPGGQFTNLKEQARSLGLETRWHQVA
QAYADANQMFGDIVKVTPSSKVVGDMALMMVSQDLTVADVVSPDREVSFPESVVSMLKGDLGQPPSGWPEALQKKALKGE
KPYTVRPGSLLKEADLDAERKVIEKKLEREVSDFEFASYLMYPKVFTDFALASDTYGPVSVLPTPAYFYGLADGEELFAD
IEKGKTLVIVNQAVSATDSQGMVTVFFELNGQPRRIKVPDRAHGATGAAVRRKAEPGNAAHVGAPMPGVISRVFVSSGQA
VNAGDVLVSIEAMKMETAIHAEKDGTIAEVLVKAGDQIDAKDLLAVYGG
;
_entity_poly.pdbx_strand_id   A,B
#
loop_
_chem_comp.id
_chem_comp.type
_chem_comp.name
_chem_comp.formula
AGS non-polymer 'PHOSPHOTHIOPHOSPHORIC ACID-ADENYLATE ESTER' 'C10 H16 N5 O12 P3 S'
CL non-polymer 'CHLORIDE ION' 'Cl -1'
COA non-polymer 'COENZYME A' 'C21 H36 N7 O16 P3 S'
FMT non-polymer 'FORMIC ACID' 'C H2 O2'
GOL non-polymer GLYCEROL 'C3 H8 O3'
MG non-polymer 'MAGNESIUM ION' 'Mg 2'
ZN non-polymer 'ZINC ION' 'Zn 2'
#
# COMPACT_ATOMS: atom_id res chain seq x y z
N GLY A 12 -8.10 -28.44 -34.38
CA GLY A 12 -9.38 -27.90 -33.81
C GLY A 12 -9.31 -26.41 -33.60
N PRO A 13 -10.39 -25.80 -33.06
CA PRO A 13 -10.41 -24.36 -32.79
C PRO A 13 -9.55 -24.02 -31.57
N ILE A 14 -8.96 -22.82 -31.56
CA ILE A 14 -8.02 -22.42 -30.50
C ILE A 14 -8.68 -22.41 -29.13
N SER A 15 -8.12 -23.17 -28.20
CA SER A 15 -8.72 -23.25 -26.88
C SER A 15 -7.73 -22.86 -25.75
N LYS A 16 -6.44 -22.78 -26.09
CA LYS A 16 -5.41 -22.34 -25.16
C LYS A 16 -4.34 -21.53 -25.88
N ILE A 17 -4.11 -20.30 -25.45
CA ILE A 17 -3.10 -19.45 -26.08
C ILE A 17 -2.00 -19.14 -25.07
N LEU A 18 -0.75 -19.41 -25.47
CA LEU A 18 0.40 -18.87 -24.75
C LEU A 18 0.79 -17.48 -25.27
N VAL A 19 0.95 -16.53 -24.36
CA VAL A 19 1.42 -15.22 -24.77
C VAL A 19 2.89 -15.15 -24.56
N ALA A 20 3.61 -15.06 -25.68
CA ALA A 20 5.07 -15.01 -25.61
C ALA A 20 5.50 -13.54 -25.41
N ASN A 21 5.08 -12.96 -24.29
CA ASN A 21 5.37 -11.57 -23.98
C ASN A 21 5.16 -11.29 -22.44
N ARG A 22 5.11 -10.02 -22.07
CA ARG A 22 5.12 -9.59 -20.69
C ARG A 22 4.38 -8.27 -20.62
N SER A 23 4.14 -7.82 -19.38
CA SER A 23 3.65 -6.48 -19.12
C SER A 23 2.31 -6.21 -19.85
N GLU A 24 2.10 -4.97 -20.29
CA GLU A 24 0.78 -4.51 -20.75
C GLU A 24 0.23 -5.26 -21.98
N ILE A 25 1.10 -5.62 -22.93
CA ILE A 25 0.57 -6.33 -24.10
C ILE A 25 0.17 -7.75 -23.75
N ALA A 26 0.87 -8.43 -22.84
CA ALA A 26 0.41 -9.75 -22.43
C ALA A 26 -0.95 -9.62 -21.80
N ILE A 27 -1.12 -8.65 -20.89
CA ILE A 27 -2.38 -8.46 -20.20
C ILE A 27 -3.52 -8.11 -21.16
N ARG A 28 -3.21 -7.30 -22.17
CA ARG A 28 -4.14 -7.02 -23.28
C ARG A 28 -4.65 -8.31 -24.01
N VAL A 29 -3.73 -9.18 -24.37
CA VAL A 29 -4.10 -10.46 -25.02
C VAL A 29 -4.89 -11.40 -24.10
N PHE A 30 -4.48 -11.49 -22.83
CA PHE A 30 -5.19 -12.31 -21.83
C PHE A 30 -6.65 -11.91 -21.74
N ARG A 31 -6.92 -10.61 -21.79
CA ARG A 31 -8.29 -10.08 -21.74
C ARG A 31 -9.12 -10.54 -22.95
N ALA A 32 -8.59 -10.31 -24.16
CA ALA A 32 -9.27 -10.78 -25.41
C ALA A 32 -9.53 -12.27 -25.37
N ALA A 33 -8.52 -13.05 -24.99
CA ALA A 33 -8.62 -14.51 -25.02
C ALA A 33 -9.63 -14.96 -24.01
N ASN A 34 -9.56 -14.41 -22.79
CA ASN A 34 -10.50 -14.87 -21.78
C ASN A 34 -11.92 -14.46 -22.17
N GLU A 35 -12.09 -13.26 -22.72
CA GLU A 35 -13.44 -12.86 -23.17
C GLU A 35 -14.02 -13.83 -24.22
N LEU A 36 -13.15 -14.40 -25.04
CA LEU A 36 -13.56 -15.43 -26.02
C LEU A 36 -13.67 -16.81 -25.41
N GLY A 37 -13.51 -16.94 -24.09
CA GLY A 37 -13.63 -18.29 -23.45
C GLY A 37 -12.38 -19.17 -23.68
N ILE A 38 -11.25 -18.53 -24.00
CA ILE A 38 -10.03 -19.27 -24.35
C ILE A 38 -9.09 -19.21 -23.15
N LYS A 39 -8.52 -20.33 -22.76
CA LYS A 39 -7.50 -20.37 -21.68
C LYS A 39 -6.17 -19.68 -22.04
N THR A 40 -5.50 -19.10 -21.04
CA THR A 40 -4.24 -18.39 -21.33
C THR A 40 -3.06 -19.01 -20.58
N VAL A 41 -1.86 -18.80 -21.12
CA VAL A 41 -0.62 -19.22 -20.47
C VAL A 41 0.30 -18.02 -20.48
N ALA A 42 0.81 -17.65 -19.30
CA ALA A 42 1.90 -16.65 -19.15
C ALA A 42 3.29 -17.27 -19.04
N ILE A 43 4.29 -16.54 -19.55
CA ILE A 43 5.69 -16.88 -19.28
C ILE A 43 6.36 -15.73 -18.54
N TRP A 44 7.31 -16.07 -17.70
CA TRP A 44 7.99 -15.06 -16.91
C TRP A 44 9.46 -15.45 -16.71
N ALA A 45 10.32 -14.44 -16.83
CA ALA A 45 11.72 -14.51 -16.44
C ALA A 45 11.81 -14.28 -14.94
N GLU A 46 12.85 -14.79 -14.29
CA GLU A 46 13.09 -14.61 -12.87
C GLU A 46 12.99 -13.15 -12.42
N GLU A 47 13.54 -12.24 -13.22
CA GLU A 47 13.43 -10.81 -12.94
C GLU A 47 11.97 -10.33 -12.97
N ASP A 48 11.10 -11.04 -13.66
CA ASP A 48 9.66 -10.76 -13.69
C ASP A 48 8.85 -11.61 -12.71
N LYS A 49 9.50 -12.11 -11.67
CA LYS A 49 8.81 -12.99 -10.72
C LYS A 49 7.65 -12.32 -10.01
N LEU A 50 7.70 -10.99 -9.85
CA LEU A 50 6.60 -10.28 -9.21
C LEU A 50 5.70 -9.56 -10.22
N ALA A 51 5.95 -9.79 -11.52
CA ALA A 51 5.22 -9.07 -12.57
C ALA A 51 3.77 -9.53 -12.62
N LEU A 52 2.85 -8.56 -12.67
CA LEU A 52 1.42 -8.92 -12.70
C LEU A 52 0.95 -9.77 -13.88
N HIS A 53 1.54 -9.63 -15.05
CA HIS A 53 1.11 -10.50 -16.15
C HIS A 53 1.24 -11.99 -15.75
N ARG A 54 2.20 -12.30 -14.87
CA ARG A 54 2.43 -13.67 -14.50
C ARG A 54 1.21 -14.25 -13.78
N PHE A 55 0.49 -13.41 -13.04
CA PHE A 55 -0.60 -13.84 -12.19
C PHE A 55 -1.95 -13.67 -12.87
N LYS A 56 -1.95 -13.15 -14.11
CA LYS A 56 -3.17 -12.77 -14.80
C LYS A 56 -3.59 -13.80 -15.85
N ALA A 57 -2.74 -14.79 -16.06
CA ALA A 57 -3.02 -15.89 -16.97
C ALA A 57 -3.67 -17.05 -16.18
N ASP A 58 -4.21 -18.03 -16.89
CA ASP A 58 -4.81 -19.25 -16.26
C ASP A 58 -3.77 -20.23 -15.79
N GLU A 59 -2.54 -20.06 -16.24
CA GLU A 59 -1.45 -21.01 -16.09
C GLU A 59 -0.18 -20.22 -16.40
N SER A 60 0.95 -20.58 -15.79
CA SER A 60 2.19 -19.82 -16.01
C SER A 60 3.42 -20.67 -15.84
N TYR A 61 4.47 -20.35 -16.61
CA TYR A 61 5.76 -21.04 -16.56
C TYR A 61 6.93 -20.06 -16.54
N GLN A 62 7.97 -20.37 -15.77
CA GLN A 62 9.20 -19.62 -15.81
C GLN A 62 9.96 -19.99 -17.07
N VAL A 63 10.59 -19.00 -17.71
CA VAL A 63 11.53 -19.22 -18.82
C VAL A 63 12.94 -18.72 -18.44
N GLY A 64 13.98 -19.38 -18.95
CA GLY A 64 15.35 -18.93 -18.76
C GLY A 64 16.19 -19.35 -17.56
N ARG A 65 15.69 -20.25 -16.71
CA ARG A 65 16.49 -20.83 -15.61
C ARG A 65 16.24 -22.30 -15.60
N GLY A 66 17.03 -23.05 -14.83
CA GLY A 66 16.80 -24.48 -14.69
C GLY A 66 17.91 -25.26 -15.33
N PRO A 67 18.06 -26.55 -14.94
CA PRO A 67 19.20 -27.41 -15.26
C PRO A 67 19.28 -27.80 -16.74
N HIS A 68 18.18 -27.64 -17.48
CA HIS A 68 18.17 -27.94 -18.92
C HIS A 68 19.04 -26.91 -19.71
N LEU A 69 19.23 -25.71 -19.12
CA LEU A 69 20.11 -24.66 -19.66
C LEU A 69 21.51 -24.76 -19.05
N ALA A 70 22.53 -24.38 -19.82
CA ALA A 70 23.91 -24.37 -19.30
C ALA A 70 24.15 -23.20 -18.33
N ARG A 71 23.43 -22.09 -18.56
CA ARG A 71 23.47 -20.91 -17.71
C ARG A 71 22.15 -20.16 -17.71
N ASP A 72 21.85 -19.48 -16.60
CA ASP A 72 20.66 -18.68 -16.58
C ASP A 72 20.74 -17.67 -17.71
N LEU A 73 19.58 -17.38 -18.29
CA LEU A 73 19.47 -16.39 -19.33
C LEU A 73 19.19 -15.03 -18.70
N GLY A 74 19.51 -13.99 -19.47
CA GLY A 74 19.24 -12.61 -19.05
C GLY A 74 17.76 -12.28 -18.98
N PRO A 75 17.43 -11.12 -18.39
CA PRO A 75 16.02 -10.76 -18.19
C PRO A 75 15.25 -10.66 -19.50
N ILE A 76 15.92 -10.18 -20.55
CA ILE A 76 15.25 -10.04 -21.85
C ILE A 76 15.53 -11.28 -22.69
N GLU A 77 16.77 -11.73 -22.61
CA GLU A 77 17.23 -12.96 -23.27
C GLU A 77 16.25 -14.13 -23.04
N SER A 78 15.74 -14.26 -21.80
CA SER A 78 14.77 -15.31 -21.46
C SER A 78 13.55 -15.32 -22.38
N TYR A 79 13.00 -14.13 -22.65
CA TYR A 79 11.81 -13.94 -23.51
C TYR A 79 12.13 -14.06 -25.00
N LEU A 80 13.38 -13.88 -25.40
CA LEU A 80 13.78 -13.98 -26.81
C LEU A 80 14.19 -15.41 -27.16
N SER A 81 14.28 -16.24 -26.12
CA SER A 81 14.69 -17.61 -26.33
C SER A 81 13.59 -18.42 -27.04
N ILE A 82 13.75 -18.66 -28.34
CA ILE A 82 12.78 -19.45 -29.06
C ILE A 82 12.63 -20.84 -28.41
N ASP A 83 13.76 -21.44 -28.07
CA ASP A 83 13.78 -22.73 -27.39
C ASP A 83 12.97 -22.75 -26.06
N GLU A 84 13.13 -21.74 -25.22
CA GLU A 84 12.35 -21.63 -24.00
C GLU A 84 10.85 -21.47 -24.25
N VAL A 85 10.49 -20.60 -25.19
CA VAL A 85 9.10 -20.36 -25.52
C VAL A 85 8.41 -21.63 -26.03
N ILE A 86 9.00 -22.29 -27.02
CA ILE A 86 8.50 -23.56 -27.54
C ILE A 86 8.40 -24.65 -26.44
N ARG A 87 9.45 -24.81 -25.63
CA ARG A 87 9.43 -25.77 -24.50
C ARG A 87 8.19 -25.58 -23.61
N VAL A 88 7.92 -24.37 -23.13
CA VAL A 88 6.75 -24.13 -22.29
C VAL A 88 5.42 -24.23 -23.05
N ALA A 89 5.42 -23.84 -24.33
CA ALA A 89 4.22 -24.03 -25.15
C ALA A 89 3.84 -25.52 -25.27
N LYS A 90 4.83 -26.37 -25.49
CA LYS A 90 4.63 -27.82 -25.46
C LYS A 90 4.15 -28.34 -24.11
N LEU A 91 4.86 -27.97 -23.04
CA LEU A 91 4.50 -28.38 -21.67
C LEU A 91 3.05 -28.09 -21.39
N SER A 92 2.63 -26.89 -21.76
CA SER A 92 1.32 -26.42 -21.40
C SER A 92 0.18 -26.91 -22.32
N GLY A 93 0.51 -27.43 -23.49
CA GLY A 93 -0.51 -27.90 -24.45
C GLY A 93 -1.18 -26.73 -25.18
N ALA A 94 -0.52 -25.57 -25.21
CA ALA A 94 -1.08 -24.42 -25.91
C ALA A 94 -1.30 -24.76 -27.39
N ASP A 95 -2.45 -24.36 -27.92
CA ASP A 95 -2.81 -24.48 -29.36
C ASP A 95 -2.15 -23.40 -30.25
N ALA A 96 -1.91 -22.25 -29.64
CA ALA A 96 -1.46 -21.08 -30.37
C ALA A 96 -0.61 -20.20 -29.48
N ILE A 97 0.23 -19.41 -30.13
CA ILE A 97 1.09 -18.42 -29.46
C ILE A 97 0.79 -17.03 -30.02
N HIS A 98 0.50 -16.09 -29.13
CA HIS A 98 0.45 -14.70 -29.53
C HIS A 98 1.76 -14.05 -29.15
N PRO A 99 2.45 -13.41 -30.11
CA PRO A 99 3.77 -12.81 -29.76
C PRO A 99 3.72 -11.36 -29.23
N GLY A 100 2.52 -10.77 -29.15
CA GLY A 100 2.35 -9.35 -28.79
C GLY A 100 3.12 -8.44 -29.76
N TYR A 101 3.84 -7.46 -29.23
CA TYR A 101 4.74 -6.66 -30.08
C TYR A 101 6.14 -6.65 -29.49
N GLY A 102 7.13 -6.24 -30.26
CA GLY A 102 8.52 -6.31 -29.77
C GLY A 102 8.91 -7.77 -29.67
N LEU A 103 9.93 -8.08 -28.86
CA LEU A 103 10.43 -9.47 -28.63
C LEU A 103 10.49 -10.30 -29.93
N LEU A 104 9.71 -11.40 -30.02
CA LEU A 104 9.78 -12.33 -31.16
C LEU A 104 8.68 -12.12 -32.22
N SER A 105 7.95 -11.01 -32.12
CA SER A 105 6.81 -10.77 -33.01
C SER A 105 7.15 -10.52 -34.49
N GLU A 106 8.42 -10.19 -34.77
CA GLU A 106 8.85 -10.07 -36.15
C GLU A 106 9.89 -11.11 -36.53
N SER A 107 9.97 -12.21 -35.80
CA SER A 107 11.01 -13.19 -36.02
C SER A 107 10.49 -14.35 -36.88
N PRO A 108 10.88 -14.41 -38.18
CA PRO A 108 10.48 -15.56 -39.00
C PRO A 108 10.99 -16.91 -38.49
N GLU A 109 12.16 -16.91 -37.85
CA GLU A 109 12.73 -18.09 -37.18
CA GLU A 109 12.71 -18.12 -37.22
C GLU A 109 11.75 -18.63 -36.14
N PHE A 110 11.13 -17.71 -35.41
CA PHE A 110 10.15 -18.09 -34.41
C PHE A 110 8.89 -18.66 -35.04
N VAL A 111 8.38 -18.04 -36.11
CA VAL A 111 7.20 -18.60 -36.80
C VAL A 111 7.51 -20.03 -37.29
N ASP A 112 8.68 -20.19 -37.88
CA ASP A 112 9.16 -21.50 -38.32
C ASP A 112 9.10 -22.54 -37.19
N ALA A 113 9.66 -22.19 -36.03
CA ALA A 113 9.64 -23.02 -34.82
C ALA A 113 8.22 -23.39 -34.40
N CYS A 114 7.32 -22.40 -34.38
CA CYS A 114 5.89 -22.65 -34.10
C CYS A 114 5.29 -23.72 -35.03
N ASN A 115 5.46 -23.51 -36.33
CA ASN A 115 4.91 -24.42 -37.33
C ASN A 115 5.51 -25.81 -37.18
N LYS A 116 6.82 -25.88 -36.92
CA LYS A 116 7.51 -27.18 -36.69
C LYS A 116 6.90 -27.93 -35.51
N ALA A 117 6.42 -27.20 -34.52
CA ALA A 117 5.86 -27.79 -33.30
C ALA A 117 4.38 -28.07 -33.40
N GLY A 118 3.76 -27.64 -34.50
CA GLY A 118 2.30 -27.75 -34.68
C GLY A 118 1.50 -26.74 -33.86
N ILE A 119 2.12 -25.61 -33.52
CA ILE A 119 1.47 -24.59 -32.70
C ILE A 119 1.21 -23.43 -33.64
N ILE A 120 -0.01 -22.89 -33.57
CA ILE A 120 -0.42 -21.78 -34.43
C ILE A 120 0.30 -20.51 -34.00
N PHE A 121 0.92 -19.82 -34.93
CA PHE A 121 1.49 -18.49 -34.66
C PHE A 121 0.43 -17.42 -34.95
N ILE A 122 0.11 -16.57 -33.96
CA ILE A 122 -0.93 -15.57 -34.21
C ILE A 122 -0.31 -14.32 -34.86
N GLY A 123 -0.30 -14.36 -36.19
CA GLY A 123 0.31 -13.33 -37.00
C GLY A 123 0.53 -13.86 -38.39
N PRO A 124 1.24 -13.09 -39.24
CA PRO A 124 1.46 -13.50 -40.62
C PRO A 124 2.47 -14.66 -40.81
N LYS A 125 2.50 -15.23 -42.02
CA LYS A 125 3.44 -16.32 -42.32
C LYS A 125 4.90 -15.89 -42.24
N ALA A 126 5.80 -16.86 -42.08
CA ALA A 126 7.23 -16.54 -42.05
C ALA A 126 7.70 -15.90 -43.36
N ASP A 127 7.13 -16.33 -44.49
CA ASP A 127 7.55 -15.73 -45.77
C ASP A 127 7.03 -14.31 -46.00
N THR A 128 5.85 -14.01 -45.46
CA THR A 128 5.36 -12.63 -45.43
C THR A 128 6.39 -11.77 -44.67
N MET A 129 6.78 -12.22 -43.48
CA MET A 129 7.77 -11.51 -42.69
CA MET A 129 7.77 -11.47 -42.69
C MET A 129 9.07 -11.25 -43.45
N ARG A 130 9.58 -12.30 -44.13
CA ARG A 130 10.86 -12.22 -44.83
C ARG A 130 10.79 -11.18 -45.97
N GLN A 131 9.72 -11.24 -46.76
CA GLN A 131 9.49 -10.26 -47.84
C GLN A 131 9.37 -8.82 -47.35
N LEU A 132 8.59 -8.60 -46.29
CA LEU A 132 8.36 -7.27 -45.78
C LEU A 132 9.53 -6.72 -44.97
N GLY A 133 10.38 -7.62 -44.47
CA GLY A 133 11.53 -7.23 -43.66
C GLY A 133 12.74 -6.80 -44.46
N ASN A 134 12.76 -7.16 -45.75
CA ASN A 134 13.77 -6.67 -46.72
C ASN A 134 13.24 -5.45 -47.50
N LYS A 135 13.94 -4.32 -47.34
CA LYS A 135 13.56 -3.04 -47.96
C LYS A 135 13.54 -3.08 -49.50
N VAL A 136 14.43 -3.89 -50.09
CA VAL A 136 14.45 -4.10 -51.53
C VAL A 136 13.14 -4.75 -52.01
N ALA A 137 12.73 -5.83 -51.35
CA ALA A 137 11.49 -6.52 -51.69
C ALA A 137 10.26 -5.64 -51.40
N ALA A 138 10.23 -5.04 -50.21
CA ALA A 138 9.10 -4.21 -49.77
C ALA A 138 8.84 -3.03 -50.72
N ARG A 139 9.91 -2.38 -51.18
CA ARG A 139 9.83 -1.25 -52.11
C ARG A 139 9.30 -1.70 -53.48
N ASN A 140 9.85 -2.80 -53.99
CA ASN A 140 9.43 -3.32 -55.29
C ASN A 140 7.99 -3.81 -55.31
N LEU A 141 7.55 -4.43 -54.21
CA LEU A 141 6.16 -4.87 -54.10
C LEU A 141 5.21 -3.64 -54.17
N ALA A 142 5.48 -2.61 -53.38
CA ALA A 142 4.73 -1.36 -53.41
C ALA A 142 4.75 -0.73 -54.81
N ILE A 143 5.95 -0.65 -55.40
CA ILE A 143 6.11 -0.16 -56.77
C ILE A 143 5.24 -1.00 -57.73
N SER A 144 5.18 -2.31 -57.51
CA SER A 144 4.49 -3.21 -58.47
C SER A 144 2.97 -3.06 -58.44
N VAL A 145 2.44 -2.56 -57.34
CA VAL A 145 1.00 -2.29 -57.25
C VAL A 145 0.63 -0.80 -57.27
N GLY A 146 1.54 0.02 -57.79
CA GLY A 146 1.31 1.46 -57.96
C GLY A 146 1.09 2.23 -56.67
N VAL A 147 1.87 1.89 -55.63
CA VAL A 147 1.89 2.65 -54.38
C VAL A 147 3.18 3.48 -54.38
N PRO A 148 3.07 4.81 -54.18
CA PRO A 148 4.25 5.66 -54.26
C PRO A 148 5.24 5.32 -53.13
N VAL A 149 6.53 5.44 -53.43
CA VAL A 149 7.61 5.23 -52.47
C VAL A 149 8.52 6.45 -52.56
N VAL A 150 9.40 6.64 -51.58
CA VAL A 150 10.22 7.87 -51.51
C VAL A 150 11.03 8.13 -52.81
N LYS A 220 14.62 12.32 -52.29
CA LYS A 220 13.73 13.40 -51.90
C LYS A 220 13.92 13.80 -50.45
N LEU A 221 13.60 15.08 -50.16
CA LEU A 221 13.32 15.61 -48.80
C LEU A 221 13.49 14.58 -47.63
N VAL A 222 12.50 14.26 -46.80
CA VAL A 222 11.28 15.05 -46.53
C VAL A 222 11.57 15.82 -45.25
N GLU A 223 11.65 17.13 -45.38
CA GLU A 223 12.07 18.01 -44.29
C GLU A 223 10.93 18.31 -43.35
N ARG A 224 9.74 18.53 -43.91
CA ARG A 224 8.51 18.66 -43.12
CA ARG A 224 8.50 18.67 -43.13
C ARG A 224 7.66 17.40 -43.35
N ALA A 225 7.81 16.44 -42.44
CA ALA A 225 7.21 15.14 -42.61
C ALA A 225 6.18 14.83 -41.55
N ARG A 226 5.15 14.09 -41.95
CA ARG A 226 4.28 13.46 -40.97
C ARG A 226 4.38 11.94 -41.10
N HIS A 227 4.20 11.21 -40.00
CA HIS A 227 4.14 9.74 -40.05
C HIS A 227 2.68 9.32 -39.92
N VAL A 228 2.13 8.70 -40.96
CA VAL A 228 0.75 8.22 -40.96
CA VAL A 228 0.76 8.19 -40.93
C VAL A 228 0.80 6.75 -41.29
N GLU A 229 -0.04 5.96 -40.63
CA GLU A 229 0.00 4.51 -40.88
C GLU A 229 -1.43 3.94 -40.94
N SER A 230 -1.66 3.01 -41.86
CA SER A 230 -2.96 2.33 -41.96
C SER A 230 -2.98 1.05 -41.16
N GLN A 231 -4.06 0.82 -40.42
CA GLN A 231 -4.25 -0.47 -39.76
C GLN A 231 -4.90 -1.43 -40.76
N ILE A 232 -4.27 -2.55 -41.05
CA ILE A 232 -4.96 -3.56 -41.86
C ILE A 232 -5.23 -4.85 -41.10
N LEU A 233 -6.17 -5.64 -41.58
CA LEU A 233 -6.41 -6.99 -41.10
C LEU A 233 -6.58 -7.84 -42.39
N GLY A 234 -5.94 -9.00 -42.47
CA GLY A 234 -6.15 -9.89 -43.63
C GLY A 234 -6.51 -11.25 -43.09
N ASP A 235 -7.35 -12.01 -43.79
CA ASP A 235 -7.68 -13.34 -43.31
C ASP A 235 -7.12 -14.40 -44.24
N THR A 236 -7.23 -15.66 -43.84
CA THR A 236 -6.73 -16.80 -44.60
C THR A 236 -7.54 -17.08 -45.88
N HIS A 237 -8.51 -16.24 -46.17
CA HIS A 237 -9.35 -16.44 -47.36
C HIS A 237 -9.19 -15.37 -48.44
N GLY A 238 -8.17 -14.52 -48.32
CA GLY A 238 -7.89 -13.50 -49.33
C GLY A 238 -8.64 -12.19 -49.11
N ASN A 239 -9.29 -12.05 -47.96
CA ASN A 239 -10.01 -10.81 -47.64
C ASN A 239 -9.07 -9.92 -46.88
N VAL A 240 -8.99 -8.65 -47.28
CA VAL A 240 -8.27 -7.64 -46.52
C VAL A 240 -9.18 -6.44 -46.25
N VAL A 241 -9.12 -5.88 -45.06
CA VAL A 241 -9.82 -4.63 -44.73
C VAL A 241 -8.84 -3.66 -44.08
N HIS A 242 -9.16 -2.37 -44.13
CA HIS A 242 -8.41 -1.35 -43.43
C HIS A 242 -9.28 -0.79 -42.29
N LEU A 243 -8.64 -0.35 -41.23
CA LEU A 243 -9.35 0.20 -40.08
C LEU A 243 -8.92 1.66 -39.98
N PHE A 244 -8.81 2.31 -41.15
CA PHE A 244 -8.34 3.70 -41.29
C PHE A 244 -6.95 3.87 -40.71
N GLU A 245 -6.60 5.08 -40.28
CA GLU A 245 -5.19 5.41 -40.09
C GLU A 245 -4.93 6.06 -38.75
N ARG A 246 -3.65 6.12 -38.41
CA ARG A 246 -3.18 6.80 -37.21
C ARG A 246 -2.10 7.79 -37.54
N ASP A 247 -2.08 8.87 -36.79
CA ASP A 247 -0.99 9.81 -36.86
C ASP A 247 0.01 9.43 -35.77
N CYS A 248 1.27 9.27 -36.17
CA CYS A 248 2.33 8.99 -35.23
C CYS A 248 3.49 9.97 -35.37
N SER A 249 3.21 11.22 -35.71
CA SER A 249 4.28 12.19 -35.95
C SER A 249 4.96 12.68 -34.68
N VAL A 250 4.24 12.66 -33.57
CA VAL A 250 4.81 13.18 -32.31
C VAL A 250 5.79 12.14 -31.76
N GLN A 251 7.07 12.35 -32.08
CA GLN A 251 8.19 11.43 -31.80
C GLN A 251 9.31 12.22 -31.13
N ARG A 252 9.94 11.62 -30.14
CA ARG A 252 11.08 12.20 -29.44
C ARG A 252 12.26 11.36 -29.81
N ARG A 253 13.35 12.04 -30.18
CA ARG A 253 14.45 11.41 -30.89
C ARG A 253 13.77 10.68 -32.05
N ASN A 254 13.80 9.36 -32.08
CA ASN A 254 13.03 8.69 -33.14
C ASN A 254 11.95 7.74 -32.64
N GLN A 255 11.50 7.97 -31.40
CA GLN A 255 10.58 7.08 -30.70
C GLN A 255 9.18 7.72 -30.58
N LYS A 256 8.13 6.92 -30.83
CA LYS A 256 6.73 7.39 -30.79
C LYS A 256 6.32 7.80 -29.40
N VAL A 257 5.66 8.95 -29.27
CA VAL A 257 5.23 9.42 -27.95
C VAL A 257 3.71 9.60 -27.78
N VAL A 258 3.06 10.25 -28.76
CA VAL A 258 1.59 10.41 -28.74
C VAL A 258 1.09 9.98 -30.12
N GLU A 259 0.10 9.07 -30.14
CA GLU A 259 -0.50 8.64 -31.41
C GLU A 259 -1.99 9.02 -31.39
N ARG A 260 -2.54 9.25 -32.58
CA ARG A 260 -3.91 9.76 -32.73
C ARG A 260 -4.61 8.94 -33.80
N ALA A 261 -5.92 8.71 -33.62
CA ALA A 261 -6.76 8.16 -34.66
C ALA A 261 -8.07 8.92 -34.71
N PRO A 262 -8.55 9.29 -35.90
CA PRO A 262 -7.84 9.21 -37.19
C PRO A 262 -6.74 10.29 -37.22
N ALA A 263 -6.00 10.40 -38.31
CA ALA A 263 -5.02 11.47 -38.41
C ALA A 263 -5.77 12.76 -38.60
N PRO A 264 -5.62 13.72 -37.65
CA PRO A 264 -6.57 14.83 -37.76
C PRO A 264 -6.30 15.82 -38.89
N TYR A 265 -5.10 15.83 -39.43
CA TYR A 265 -4.80 16.76 -40.49
C TYR A 265 -5.26 16.25 -41.86
N LEU A 266 -5.81 15.05 -41.96
CA LEU A 266 -6.21 14.56 -43.29
C LEU A 266 -7.63 14.96 -43.70
N SER A 267 -7.83 15.20 -45.00
CA SER A 267 -9.18 15.28 -45.56
C SER A 267 -9.72 13.86 -45.75
N GLU A 268 -11.03 13.71 -46.01
CA GLU A 268 -11.66 12.42 -46.32
CA GLU A 268 -11.46 12.32 -46.20
C GLU A 268 -11.07 11.77 -47.57
N ALA A 269 -10.81 12.61 -48.55
CA ALA A 269 -10.24 12.18 -49.86
C ALA A 269 -8.83 11.57 -49.63
N GLN A 270 -8.01 12.29 -48.87
CA GLN A 270 -6.69 11.78 -48.47
C GLN A 270 -6.76 10.49 -47.68
N ARG A 271 -7.68 10.44 -46.73
CA ARG A 271 -7.93 9.26 -45.94
C ARG A 271 -8.24 8.02 -46.81
N GLN A 272 -9.03 8.22 -47.87
CA GLN A 272 -9.45 7.15 -48.76
C GLN A 272 -8.35 6.76 -49.76
N GLU A 273 -7.54 7.72 -50.17
CA GLU A 273 -6.37 7.46 -51.02
C GLU A 273 -5.35 6.55 -50.33
N LEU A 274 -5.07 6.88 -49.07
CA LEU A 274 -4.18 6.11 -48.21
C LEU A 274 -4.71 4.68 -47.96
N ALA A 275 -5.99 4.54 -47.64
CA ALA A 275 -6.68 3.23 -47.50
C ALA A 275 -6.56 2.36 -48.74
N ALA A 276 -6.65 2.99 -49.91
CA ALA A 276 -6.54 2.24 -51.14
C ALA A 276 -5.12 1.71 -51.37
N TYR A 277 -4.11 2.48 -50.99
CA TYR A 277 -2.72 2.04 -51.10
C TYR A 277 -2.51 0.89 -50.17
N SER A 278 -3.00 1.02 -48.94
CA SER A 278 -2.76 0.01 -47.92
C SER A 278 -3.42 -1.31 -48.26
N LEU A 279 -4.61 -1.25 -48.84
CA LEU A 279 -5.30 -2.47 -49.24
C LEU A 279 -4.53 -3.17 -50.36
N LYS A 280 -3.93 -2.40 -51.26
CA LYS A 280 -3.06 -2.94 -52.30
C LYS A 280 -1.86 -3.71 -51.74
N ILE A 281 -1.16 -3.12 -50.76
CA ILE A 281 -0.03 -3.77 -50.11
C ILE A 281 -0.44 -5.06 -49.40
N ALA A 282 -1.49 -4.99 -48.59
CA ALA A 282 -2.02 -6.13 -47.85
C ALA A 282 -2.32 -7.31 -48.80
N GLY A 283 -3.10 -7.03 -49.85
CA GLY A 283 -3.51 -8.05 -50.83
C GLY A 283 -2.33 -8.62 -51.62
N ALA A 284 -1.39 -7.76 -51.96
CA ALA A 284 -0.21 -8.17 -52.71
C ALA A 284 0.64 -9.12 -51.85
N THR A 285 0.67 -8.88 -50.54
CA THR A 285 1.47 -9.74 -49.65
C THR A 285 0.66 -10.91 -49.07
N ASN A 286 -0.59 -11.06 -49.51
CA ASN A 286 -1.49 -12.07 -48.93
C ASN A 286 -1.47 -12.07 -47.42
N TYR A 287 -1.52 -10.87 -46.84
CA TYR A 287 -1.26 -10.70 -45.44
C TYR A 287 -2.29 -11.41 -44.54
N ILE A 288 -1.81 -12.12 -43.52
CA ILE A 288 -2.70 -12.75 -42.54
C ILE A 288 -2.51 -12.15 -41.16
N GLY A 289 -3.61 -11.68 -40.59
CA GLY A 289 -3.54 -11.17 -39.23
C GLY A 289 -3.63 -9.65 -39.26
N ALA A 290 -3.09 -9.05 -38.20
CA ALA A 290 -3.04 -7.61 -38.06
C ALA A 290 -1.67 -7.11 -38.54
N GLY A 291 -1.68 -6.06 -39.34
CA GLY A 291 -0.45 -5.37 -39.73
C GLY A 291 -0.65 -3.88 -39.94
N THR A 292 0.45 -3.14 -40.00
CA THR A 292 0.38 -1.70 -40.19
C THR A 292 1.22 -1.31 -41.39
N VAL A 293 0.60 -0.59 -42.34
CA VAL A 293 1.34 -0.04 -43.47
C VAL A 293 1.69 1.40 -43.11
N GLU A 294 2.99 1.69 -43.06
CA GLU A 294 3.48 3.01 -42.64
C GLU A 294 3.85 3.88 -43.82
N TYR A 295 3.46 5.14 -43.76
CA TYR A 295 3.77 6.12 -44.79
C TYR A 295 4.40 7.35 -44.19
N LEU A 296 5.19 8.00 -45.03
CA LEU A 296 5.56 9.36 -44.80
C LEU A 296 4.66 10.25 -45.67
N MET A 297 4.15 11.33 -45.09
CA MET A 297 3.39 12.32 -45.82
C MET A 297 4.19 13.61 -45.81
N ASP A 298 4.48 14.16 -46.99
CA ASP A 298 5.16 15.45 -47.11
C ASP A 298 4.18 16.58 -46.84
N ALA A 299 4.37 17.24 -45.70
CA ALA A 299 3.45 18.29 -45.25
C ALA A 299 3.29 19.47 -46.21
N ASP A 300 4.33 19.73 -47.01
CA ASP A 300 4.31 20.80 -48.02
C ASP A 300 3.48 20.49 -49.28
N THR A 301 3.34 19.20 -49.62
CA THR A 301 2.74 18.82 -50.91
C THR A 301 1.50 17.91 -50.77
N GLY A 302 1.33 17.35 -49.57
CA GLY A 302 0.31 16.36 -49.29
C GLY A 302 0.59 15.00 -49.89
N LYS A 303 1.78 14.80 -50.45
CA LYS A 303 2.12 13.52 -51.04
C LYS A 303 2.45 12.44 -49.99
N PHE A 304 1.95 11.23 -50.22
CA PHE A 304 2.23 10.07 -49.39
C PHE A 304 3.34 9.22 -49.99
N TYR A 305 4.10 8.54 -49.14
CA TYR A 305 5.21 7.68 -49.56
C TYR A 305 5.26 6.48 -48.63
N PHE A 306 5.10 5.28 -49.19
CA PHE A 306 5.18 4.02 -48.44
C PHE A 306 6.59 3.81 -47.88
N ILE A 307 6.68 3.48 -46.58
CA ILE A 307 7.93 3.32 -45.85
C ILE A 307 8.20 1.86 -45.47
N GLU A 308 7.26 1.22 -44.75
CA GLU A 308 7.41 -0.20 -44.38
C GLU A 308 6.05 -0.74 -43.94
N VAL A 309 5.91 -2.07 -43.92
CA VAL A 309 4.81 -2.71 -43.20
C VAL A 309 5.39 -3.27 -41.91
N ASN A 310 4.77 -2.94 -40.77
CA ASN A 310 5.03 -3.60 -39.49
C ASN A 310 4.11 -4.80 -39.32
N PRO A 311 4.65 -6.03 -39.40
CA PRO A 311 3.83 -7.24 -39.52
C PRO A 311 3.35 -7.83 -38.18
N ARG A 312 2.67 -7.00 -37.36
CA ARG A 312 2.34 -7.35 -35.99
C ARG A 312 1.38 -6.27 -35.48
N ILE A 313 0.74 -6.56 -34.36
CA ILE A 313 0.02 -5.55 -33.61
C ILE A 313 1.03 -4.52 -33.09
N GLN A 314 0.57 -3.31 -32.81
CA GLN A 314 1.43 -2.27 -32.34
C GLN A 314 0.88 -1.68 -31.06
N VAL A 315 1.73 -0.97 -30.36
CA VAL A 315 1.37 -0.43 -29.06
C VAL A 315 0.22 0.55 -29.28
N GLU A 316 0.21 1.23 -30.43
CA GLU A 316 -0.83 2.25 -30.69
C GLU A 316 -2.14 1.68 -31.29
N HIS A 317 -2.32 0.35 -31.31
CA HIS A 317 -3.55 -0.21 -31.82
C HIS A 317 -4.77 0.34 -31.06
N THR A 318 -4.59 0.71 -29.79
CA THR A 318 -5.71 1.15 -28.93
C THR A 318 -6.53 2.31 -29.50
N VAL A 319 -5.90 3.32 -30.11
CA VAL A 319 -6.68 4.45 -30.64
C VAL A 319 -7.56 4.00 -31.79
N THR A 320 -7.05 3.10 -32.63
CA THR A 320 -7.83 2.59 -33.73
C THR A 320 -9.06 1.82 -33.20
N GLU A 321 -8.86 1.00 -32.15
CA GLU A 321 -9.97 0.19 -31.61
C GLU A 321 -11.08 1.11 -31.11
N VAL A 322 -10.72 2.18 -30.41
CA VAL A 322 -11.74 3.05 -29.81
CA VAL A 322 -11.77 3.01 -29.82
C VAL A 322 -12.53 3.85 -30.87
N VAL A 323 -11.88 4.25 -31.96
CA VAL A 323 -12.62 5.01 -32.98
C VAL A 323 -13.37 4.14 -34.02
N THR A 324 -12.99 2.87 -34.13
CA THR A 324 -13.71 1.97 -35.04
C THR A 324 -14.68 1.02 -34.33
N GLY A 325 -14.48 0.81 -33.03
CA GLY A 325 -15.31 -0.16 -32.32
C GLY A 325 -14.90 -1.61 -32.58
N ILE A 326 -13.74 -1.85 -33.24
CA ILE A 326 -13.33 -3.23 -33.63
C ILE A 326 -12.14 -3.73 -32.78
N ASP A 327 -12.31 -4.86 -32.10
CA ASP A 327 -11.27 -5.43 -31.23
C ASP A 327 -10.20 -6.11 -32.13
N ILE A 328 -9.02 -5.52 -32.22
N ILE A 328 -9.02 -5.51 -32.24
CA ILE A 328 -7.96 -6.05 -33.11
CA ILE A 328 -8.01 -6.04 -33.16
C ILE A 328 -7.45 -7.40 -32.67
C ILE A 328 -7.38 -7.37 -32.67
N VAL A 329 -7.29 -7.56 -31.35
CA VAL A 329 -6.74 -8.80 -30.81
C VAL A 329 -7.75 -9.95 -31.00
N LYS A 330 -9.03 -9.71 -30.71
CA LYS A 330 -10.00 -10.80 -30.99
C LYS A 330 -9.99 -11.15 -32.48
N ALA A 331 -9.91 -10.14 -33.33
CA ALA A 331 -9.83 -10.33 -34.79
C ALA A 331 -8.63 -11.19 -35.20
N GLN A 332 -7.44 -10.92 -34.64
CA GLN A 332 -6.25 -11.77 -34.86
C GLN A 332 -6.57 -13.22 -34.51
N ILE A 333 -7.20 -13.42 -33.35
CA ILE A 333 -7.50 -14.78 -32.90
C ILE A 333 -8.48 -15.50 -33.85
N HIS A 334 -9.62 -14.88 -34.15
CA HIS A 334 -10.61 -15.48 -35.07
C HIS A 334 -10.02 -15.74 -36.45
N ILE A 335 -9.19 -14.81 -36.91
CA ILE A 335 -8.59 -14.95 -38.21
C ILE A 335 -7.72 -16.20 -38.22
N LEU A 336 -6.84 -16.36 -37.23
CA LEU A 336 -6.02 -17.59 -37.16
C LEU A 336 -6.81 -18.87 -36.86
N ASP A 337 -7.97 -18.75 -36.22
CA ASP A 337 -8.94 -19.86 -36.15
C ASP A 337 -9.59 -20.20 -37.48
N GLY A 338 -9.36 -19.40 -38.51
CA GLY A 338 -9.96 -19.70 -39.81
C GLY A 338 -11.21 -18.93 -40.20
N ALA A 339 -11.64 -17.94 -39.39
CA ALA A 339 -12.85 -17.18 -39.70
C ALA A 339 -12.65 -16.26 -40.91
N ALA A 340 -13.75 -15.98 -41.60
CA ALA A 340 -13.76 -15.04 -42.70
C ALA A 340 -14.19 -13.61 -42.23
N ILE A 341 -13.37 -12.62 -42.59
CA ILE A 341 -13.70 -11.20 -42.33
C ILE A 341 -15.03 -10.94 -43.03
N GLY A 342 -15.94 -10.28 -42.34
CA GLY A 342 -17.27 -10.00 -42.87
C GLY A 342 -18.34 -10.80 -42.15
N THR A 343 -17.94 -11.91 -41.53
CA THR A 343 -18.88 -12.76 -40.78
C THR A 343 -18.83 -12.42 -39.28
N PRO A 344 -19.97 -12.53 -38.57
CA PRO A 344 -20.01 -12.21 -37.13
C PRO A 344 -18.93 -12.98 -36.33
N GLN A 345 -18.60 -14.19 -36.78
CA GLN A 345 -17.58 -15.03 -36.14
C GLN A 345 -16.19 -14.47 -36.23
N SER A 346 -15.92 -13.64 -37.22
CA SER A 346 -14.58 -13.08 -37.39
C SER A 346 -14.32 -11.91 -36.43
N GLY A 347 -15.39 -11.31 -35.90
CA GLY A 347 -15.27 -10.12 -35.07
C GLY A 347 -14.97 -8.90 -35.92
N VAL A 348 -15.00 -9.09 -37.25
CA VAL A 348 -14.67 -8.02 -38.20
C VAL A 348 -15.80 -7.80 -39.23
N PRO A 349 -16.30 -6.56 -39.34
CA PRO A 349 -17.27 -6.12 -40.35
C PRO A 349 -16.69 -6.12 -41.77
N ASN A 350 -17.56 -6.24 -42.79
CA ASN A 350 -17.14 -5.93 -44.15
C ASN A 350 -16.71 -4.46 -44.21
N GLN A 351 -15.86 -4.12 -45.20
CA GLN A 351 -15.30 -2.78 -45.33
C GLN A 351 -16.38 -1.70 -45.26
N GLU A 352 -17.46 -1.89 -46.01
CA GLU A 352 -18.55 -0.92 -46.04
C GLU A 352 -19.19 -0.59 -44.68
N ASP A 353 -18.98 -1.46 -43.69
CA ASP A 353 -19.57 -1.31 -42.36
C ASP A 353 -18.52 -0.86 -41.31
N ILE A 354 -17.30 -0.62 -41.78
CA ILE A 354 -16.24 -0.10 -40.91
C ILE A 354 -16.23 1.42 -41.00
N ARG A 355 -16.37 2.10 -39.86
CA ARG A 355 -16.38 3.53 -39.94
C ARG A 355 -15.78 4.18 -38.71
N LEU A 356 -15.39 5.43 -38.88
CA LEU A 356 -14.75 6.20 -37.85
C LEU A 356 -15.84 6.81 -36.98
N ASN A 357 -15.63 6.77 -35.69
CA ASN A 357 -16.55 7.40 -34.78
C ASN A 357 -15.71 8.19 -33.78
N GLY A 358 -15.67 9.51 -33.98
CA GLY A 358 -14.90 10.43 -33.15
C GLY A 358 -13.39 10.32 -33.35
N HIS A 359 -12.68 10.68 -32.28
CA HIS A 359 -11.25 10.96 -32.32
C HIS A 359 -10.66 10.45 -31.04
N ALA A 360 -9.45 9.89 -31.12
CA ALA A 360 -8.78 9.40 -29.91
C ALA A 360 -7.27 9.68 -29.97
N LEU A 361 -6.64 9.68 -28.80
CA LEU A 361 -5.20 9.75 -28.71
C LEU A 361 -4.75 8.88 -27.54
N GLN A 362 -3.50 8.44 -27.64
CA GLN A 362 -2.89 7.60 -26.61
C GLN A 362 -1.56 8.20 -26.19
N CYS A 363 -1.32 8.15 -24.86
CA CYS A 363 -0.10 8.67 -24.19
C CYS A 363 0.43 7.47 -23.37
N ARG A 364 1.73 7.16 -23.44
CA ARG A 364 2.31 6.11 -22.60
C ARG A 364 2.96 6.79 -21.43
N VAL A 365 2.49 6.47 -20.24
CA VAL A 365 3.08 7.03 -19.02
C VAL A 365 4.22 6.08 -18.64
N THR A 366 5.41 6.68 -18.44
CA THR A 366 6.63 5.92 -18.17
C THR A 366 7.36 6.56 -17.00
N THR A 367 8.43 5.91 -16.54
CA THR A 367 9.32 6.47 -15.49
C THR A 367 10.42 7.39 -16.02
N GLU A 368 10.33 7.79 -17.29
CA GLU A 368 11.29 8.70 -17.89
C GLU A 368 11.17 10.10 -17.32
N ASP A 369 12.26 10.56 -16.69
CA ASP A 369 12.24 11.78 -15.90
C ASP A 369 12.65 13.03 -16.68
N PRO A 370 11.68 13.92 -16.97
CA PRO A 370 11.98 15.16 -17.71
C PRO A 370 12.96 16.10 -16.96
N GLU A 371 13.18 15.79 -15.68
CA GLU A 371 14.04 16.56 -14.81
C GLU A 371 15.46 15.98 -14.84
N HIS A 372 15.58 14.78 -15.41
CA HIS A 372 16.84 14.04 -15.52
C HIS A 372 17.09 13.49 -16.90
N ASN A 373 16.86 14.30 -17.93
CA ASN A 373 17.15 13.93 -19.32
C ASN A 373 16.46 12.65 -19.80
N PHE A 374 15.30 12.37 -19.21
CA PHE A 374 14.43 11.23 -19.58
C PHE A 374 15.04 9.88 -19.29
N ILE A 375 16.01 9.87 -18.39
CA ILE A 375 16.55 8.64 -17.87
C ILE A 375 15.38 7.99 -17.09
N PRO A 376 15.05 6.71 -17.40
CA PRO A 376 13.98 6.08 -16.63
C PRO A 376 14.34 5.93 -15.16
N ASP A 377 13.39 6.25 -14.29
CA ASP A 377 13.56 6.07 -12.86
C ASP A 377 13.19 4.64 -12.52
N TYR A 378 13.49 4.23 -11.29
CA TYR A 378 13.15 2.90 -10.84
C TYR A 378 13.06 2.90 -9.30
N GLY A 379 12.51 1.84 -8.72
CA GLY A 379 12.35 1.79 -7.27
C GLY A 379 10.93 1.36 -6.98
N ARG A 380 10.52 1.39 -5.72
CA ARG A 380 9.17 1.04 -5.29
C ARG A 380 8.22 2.20 -5.59
N ILE A 381 7.08 1.84 -6.15
CA ILE A 381 5.98 2.78 -6.32
C ILE A 381 5.23 2.80 -4.99
N THR A 382 5.20 3.97 -4.36
CA THR A 382 4.54 4.11 -3.07
C THR A 382 3.03 4.44 -3.19
N ALA A 383 2.61 4.95 -4.33
CA ALA A 383 1.23 5.34 -4.54
C ALA A 383 0.96 5.28 -6.01
N TYR A 384 -0.15 4.66 -6.36
CA TYR A 384 -0.62 4.62 -7.74
C TYR A 384 -2.14 4.62 -7.77
N ARG A 385 -2.72 5.67 -8.35
CA ARG A 385 -4.15 5.77 -8.55
C ARG A 385 -4.39 6.32 -9.94
N SER A 386 -5.00 5.52 -10.79
CA SER A 386 -5.32 5.90 -12.16
C SER A 386 -6.59 6.75 -12.17
N ALA A 387 -6.98 7.25 -13.32
CA ALA A 387 -8.16 8.10 -13.41
C ALA A 387 -8.87 7.63 -14.68
N SER A 388 -10.18 7.43 -14.59
CA SER A 388 -10.97 6.85 -15.68
C SER A 388 -12.13 7.80 -16.08
N GLY A 389 -13.39 7.33 -16.08
CA GLY A 389 -14.54 8.18 -16.41
C GLY A 389 -14.90 7.98 -17.89
N PHE A 390 -15.83 8.80 -18.39
CA PHE A 390 -16.31 8.68 -19.75
C PHE A 390 -15.19 9.00 -20.71
N GLY A 391 -14.97 8.11 -21.67
CA GLY A 391 -14.04 8.37 -22.76
C GLY A 391 -12.59 8.04 -22.43
N ILE A 392 -12.32 7.50 -21.24
CA ILE A 392 -10.97 7.03 -20.86
C ILE A 392 -10.87 5.47 -20.95
N ARG A 393 -9.88 5.01 -21.72
CA ARG A 393 -9.54 3.59 -21.72
C ARG A 393 -8.13 3.44 -21.10
N LEU A 394 -7.95 2.47 -20.21
CA LEU A 394 -6.61 2.17 -19.64
C LEU A 394 -6.11 0.81 -20.13
N ASP A 395 -4.84 0.73 -20.54
CA ASP A 395 -4.15 -0.55 -20.77
C ASP A 395 -2.89 -0.52 -19.93
N GLY A 396 -3.02 -1.10 -18.77
CA GLY A 396 -1.92 -1.12 -17.84
C GLY A 396 -1.93 -2.52 -17.30
N GLY A 397 -2.33 -2.56 -16.02
CA GLY A 397 -2.46 -3.74 -15.19
C GLY A 397 -1.16 -4.12 -14.49
N THR A 398 -0.10 -3.30 -14.62
CA THR A 398 1.24 -3.63 -14.12
C THR A 398 1.71 -2.79 -12.92
N SER A 399 1.28 -1.52 -12.82
CA SER A 399 1.61 -0.70 -11.64
C SER A 399 0.60 -0.78 -10.50
N TYR A 400 1.07 -0.66 -9.28
CA TYR A 400 0.17 -0.62 -8.12
C TYR A 400 1.04 -0.13 -7.02
N SER A 401 0.45 0.32 -5.92
CA SER A 401 1.30 0.76 -4.85
C SER A 401 1.88 -0.50 -4.20
N GLY A 402 3.19 -0.49 -3.99
CA GLY A 402 3.89 -1.72 -3.61
C GLY A 402 4.85 -2.21 -4.68
N ALA A 403 4.45 -2.08 -5.95
CA ALA A 403 5.25 -2.54 -7.12
C ALA A 403 6.66 -1.94 -7.17
N ILE A 404 7.65 -2.75 -7.56
CA ILE A 404 9.03 -2.30 -7.77
C ILE A 404 9.33 -2.13 -9.27
N ILE A 405 9.71 -0.93 -9.71
CA ILE A 405 10.11 -0.78 -11.12
C ILE A 405 11.61 -1.08 -11.17
N THR A 406 12.00 -2.04 -12.01
CA THR A 406 13.40 -2.42 -12.20
C THR A 406 13.90 -1.67 -13.42
N ARG A 407 15.20 -1.71 -13.71
CA ARG A 407 15.73 -1.17 -14.96
C ARG A 407 15.92 -2.25 -16.02
N TYR A 408 15.42 -3.45 -15.78
CA TYR A 408 15.66 -4.55 -16.74
C TYR A 408 14.84 -4.48 -18.03
N TYR A 409 13.68 -3.84 -17.95
CA TYR A 409 12.67 -3.88 -19.00
C TYR A 409 12.27 -2.46 -19.31
N ASP A 410 11.39 -2.28 -20.28
CA ASP A 410 10.97 -0.94 -20.71
CA ASP A 410 10.92 -0.95 -20.72
C ASP A 410 10.19 -0.25 -19.58
N PRO A 411 10.38 1.07 -19.43
CA PRO A 411 9.77 1.68 -18.23
C PRO A 411 8.29 2.11 -18.33
N LEU A 412 7.43 1.37 -19.00
CA LEU A 412 6.01 1.71 -19.12
C LEU A 412 5.29 1.56 -17.79
N LEU A 413 4.48 2.54 -17.35
CA LEU A 413 3.63 2.35 -16.20
C LEU A 413 2.22 2.00 -16.60
N VAL A 414 1.72 2.62 -17.68
CA VAL A 414 0.32 2.50 -18.09
C VAL A 414 0.14 3.26 -19.41
N LYS A 415 -0.74 2.77 -20.28
CA LYS A 415 -1.08 3.46 -21.51
C LYS A 415 -2.47 3.99 -21.35
N VAL A 416 -2.64 5.29 -21.57
CA VAL A 416 -3.92 5.97 -21.40
C VAL A 416 -4.41 6.34 -22.80
N THR A 417 -5.67 6.02 -23.10
CA THR A 417 -6.30 6.37 -24.38
C THR A 417 -7.55 7.22 -24.05
N ALA A 418 -7.68 8.36 -24.71
CA ALA A 418 -8.82 9.25 -24.49
C ALA A 418 -9.57 9.40 -25.79
N TRP A 419 -10.89 9.42 -25.70
CA TRP A 419 -11.79 9.48 -26.86
C TRP A 419 -12.73 10.65 -26.69
N ALA A 420 -13.07 11.33 -27.77
CA ALA A 420 -14.25 12.19 -27.77
C ALA A 420 -14.76 12.35 -29.21
N PRO A 421 -15.97 12.92 -29.38
CA PRO A 421 -16.49 13.16 -30.71
C PRO A 421 -15.63 14.04 -31.62
N ASN A 422 -14.83 14.92 -31.00
CA ASN A 422 -14.01 15.90 -31.72
CA ASN A 422 -14.03 15.87 -31.74
C ASN A 422 -12.62 15.92 -31.12
N PRO A 423 -11.59 16.33 -31.92
CA PRO A 423 -10.20 16.20 -31.40
C PRO A 423 -9.80 17.10 -30.24
N LEU A 424 -10.26 18.34 -30.24
CA LEU A 424 -9.96 19.24 -29.11
C LEU A 424 -10.56 18.76 -27.80
N GLU A 425 -11.77 18.21 -27.85
CA GLU A 425 -12.35 17.62 -26.66
C GLU A 425 -11.58 16.36 -26.17
N ALA A 426 -11.11 15.49 -27.07
CA ALA A 426 -10.32 14.33 -26.66
C ALA A 426 -9.03 14.77 -25.98
N ILE A 427 -8.40 15.83 -26.49
CA ILE A 427 -7.23 16.44 -25.83
C ILE A 427 -7.59 16.88 -24.42
N SER A 428 -8.69 17.62 -24.27
CA SER A 428 -9.06 18.10 -22.93
C SER A 428 -9.34 16.94 -21.96
N ARG A 429 -9.82 15.82 -22.51
CA ARG A 429 -10.14 14.63 -21.72
C ARG A 429 -8.87 13.90 -21.27
N MET A 430 -7.92 13.70 -22.20
CA MET A 430 -6.55 13.23 -21.86
C MET A 430 -5.89 14.10 -20.82
N ASP A 431 -5.88 15.41 -21.05
CA ASP A 431 -5.27 16.32 -20.11
C ASP A 431 -5.86 16.16 -18.69
N ARG A 432 -7.19 16.12 -18.55
CA ARG A 432 -7.84 15.92 -17.23
C ARG A 432 -7.38 14.60 -16.58
N ALA A 433 -7.37 13.50 -17.36
CA ALA A 433 -7.02 12.18 -16.81
C ALA A 433 -5.57 12.15 -16.36
N LEU A 434 -4.69 12.67 -17.23
CA LEU A 434 -3.25 12.69 -16.87
C LEU A 434 -2.97 13.53 -15.64
N ARG A 435 -3.65 14.66 -15.51
CA ARG A 435 -3.48 15.49 -14.33
C ARG A 435 -4.13 14.89 -13.06
N GLU A 436 -5.05 13.96 -13.24
CA GLU A 436 -5.79 13.39 -12.10
C GLU A 436 -5.06 12.13 -11.56
N PHE A 437 -4.30 11.44 -12.41
CA PHE A 437 -3.40 10.35 -11.97
C PHE A 437 -2.55 10.81 -10.80
N ARG A 438 -2.30 9.89 -9.87
CA ARG A 438 -1.33 10.12 -8.81
C ARG A 438 -0.40 8.93 -8.78
N ILE A 439 0.87 9.21 -9.01
CA ILE A 439 1.91 8.17 -8.97
C ILE A 439 3.05 8.70 -8.14
N ARG A 440 3.41 7.97 -7.10
CA ARG A 440 4.46 8.44 -6.20
C ARG A 440 5.51 7.34 -6.01
N GLY A 441 6.74 7.74 -5.66
CA GLY A 441 7.83 6.78 -5.39
C GLY A 441 8.83 6.70 -6.54
N VAL A 442 8.31 6.75 -7.76
CA VAL A 442 9.15 6.90 -8.95
C VAL A 442 8.78 8.20 -9.69
N ALA A 443 9.75 8.84 -10.33
CA ALA A 443 9.45 9.90 -11.31
C ALA A 443 8.65 9.41 -12.56
N THR A 444 7.90 10.31 -13.20
CA THR A 444 7.21 9.95 -14.45
C THR A 444 7.33 11.05 -15.49
N ASN A 445 6.95 10.73 -16.72
CA ASN A 445 6.90 11.69 -17.81
C ASN A 445 5.55 12.45 -17.90
N LEU A 446 4.71 12.40 -16.85
CA LEU A 446 3.38 13.06 -16.91
C LEU A 446 3.42 14.57 -17.32
N THR A 447 4.35 15.35 -16.77
CA THR A 447 4.39 16.77 -17.08
C THR A 447 4.76 17.00 -18.55
N PHE A 448 5.58 16.11 -19.10
CA PHE A 448 6.02 16.21 -20.48
C PHE A 448 4.87 15.88 -21.46
N LEU A 449 4.12 14.82 -21.16
CA LEU A 449 2.93 14.50 -21.90
C LEU A 449 1.91 15.62 -21.86
N GLU A 450 1.65 16.14 -20.67
CA GLU A 450 0.81 17.32 -20.51
C GLU A 450 1.27 18.49 -21.39
N ALA A 451 2.58 18.75 -21.42
CA ALA A 451 3.16 19.86 -22.19
C ALA A 451 2.91 19.69 -23.69
N ILE A 452 3.10 18.47 -24.18
CA ILE A 452 2.86 18.17 -25.58
C ILE A 452 1.42 18.43 -26.01
N ILE A 453 0.45 17.86 -25.31
CA ILE A 453 -0.95 17.96 -25.74
C ILE A 453 -1.53 19.37 -25.44
N GLY A 454 -0.86 20.09 -24.55
CA GLY A 454 -1.19 21.49 -24.28
C GLY A 454 -0.59 22.48 -25.25
N HIS A 455 0.22 21.99 -26.20
CA HIS A 455 0.94 22.92 -27.10
C HIS A 455 0.08 23.31 -28.30
N PRO A 456 0.10 24.62 -28.69
CA PRO A 456 -0.66 25.11 -29.81
C PRO A 456 -0.44 24.34 -31.09
N LYS A 457 0.79 23.89 -31.38
CA LYS A 457 1.03 23.10 -32.60
C LYS A 457 0.40 21.73 -32.54
N PHE A 458 0.28 21.16 -31.34
CA PHE A 458 -0.42 19.89 -31.20
C PHE A 458 -1.93 20.11 -31.41
N ARG A 459 -2.46 21.18 -30.84
CA ARG A 459 -3.89 21.44 -30.93
C ARG A 459 -4.36 21.72 -32.36
N ASP A 460 -3.50 22.35 -33.17
CA ASP A 460 -3.86 22.76 -34.53
C ASP A 460 -3.20 21.86 -35.57
N ASN A 461 -2.63 20.75 -35.11
CA ASN A 461 -2.20 19.65 -36.01
C ASN A 461 -1.16 20.07 -37.00
N SER A 462 -0.35 21.05 -36.64
CA SER A 462 0.66 21.63 -37.52
C SER A 462 2.07 21.09 -37.28
N TYR A 463 2.22 20.12 -36.38
CA TYR A 463 3.52 19.54 -36.04
C TYR A 463 4.02 18.58 -37.13
N THR A 464 5.34 18.39 -37.16
CA THR A 464 5.98 17.37 -37.98
C THR A 464 6.73 16.42 -37.06
N THR A 465 7.39 15.41 -37.65
CA THR A 465 8.22 14.45 -36.91
C THR A 465 9.39 15.11 -36.17
N ARG A 466 9.66 16.39 -36.46
CA ARG A 466 10.73 17.13 -35.78
C ARG A 466 10.21 17.99 -34.63
N PHE A 467 8.90 17.96 -34.38
CA PHE A 467 8.27 18.88 -33.42
C PHE A 467 8.94 18.82 -32.04
N ILE A 468 8.99 17.65 -31.43
CA ILE A 468 9.52 17.54 -30.08
C ILE A 468 10.98 17.96 -30.04
N ASP A 469 11.76 17.49 -31.01
CA ASP A 469 13.21 17.66 -31.00
C ASP A 469 13.55 19.12 -31.22
N THR A 470 12.62 19.89 -31.77
CA THR A 470 12.87 21.32 -32.01
C THR A 470 12.00 22.27 -31.19
N THR A 471 11.40 21.78 -30.10
CA THR A 471 10.47 22.59 -29.30
C THR A 471 10.89 22.58 -27.83
N PRO A 472 11.75 23.54 -27.42
CA PRO A 472 12.34 23.56 -26.06
C PRO A 472 11.35 23.89 -24.92
N GLU A 473 10.35 24.71 -25.18
CA GLU A 473 9.36 25.04 -24.13
C GLU A 473 8.69 23.76 -23.55
N LEU A 474 8.68 22.66 -24.34
CA LEU A 474 8.15 21.38 -23.86
C LEU A 474 8.96 20.85 -22.71
N PHE A 475 10.20 21.31 -22.61
CA PHE A 475 11.15 20.74 -21.66
C PHE A 475 11.25 21.58 -20.39
N GLN A 476 10.51 22.66 -20.36
CA GLN A 476 10.50 23.56 -19.26
C GLN A 476 10.17 22.87 -17.96
N GLN A 477 11.05 23.06 -16.99
CA GLN A 477 10.93 22.43 -15.68
C GLN A 477 9.66 22.97 -15.00
N VAL A 478 8.96 22.11 -14.28
CA VAL A 478 7.67 22.50 -13.68
C VAL A 478 7.77 23.12 -12.26
N LYS A 479 8.52 22.49 -11.35
CA LYS A 479 8.71 22.94 -9.91
C LYS A 479 7.47 23.14 -9.00
N ARG A 480 7.18 22.11 -8.22
CA ARG A 480 6.03 22.07 -7.32
C ARG A 480 6.28 22.79 -6.00
N GLN A 481 5.22 23.35 -5.42
CA GLN A 481 5.31 23.88 -4.08
C GLN A 481 5.56 22.72 -3.11
N ASP A 482 4.79 21.64 -3.27
CA ASP A 482 5.01 20.40 -2.50
C ASP A 482 4.88 20.69 -1.00
N ARG A 483 3.93 21.58 -0.69
CA ARG A 483 3.67 22.10 0.64
C ARG A 483 3.35 21.02 1.66
N ALA A 484 2.54 20.03 1.29
CA ALA A 484 2.12 19.01 2.28
C ALA A 484 3.30 18.15 2.72
N THR A 485 4.15 17.76 1.77
CA THR A 485 5.35 17.00 2.12
C THR A 485 6.26 17.80 3.09
N LYS A 486 6.43 19.09 2.85
CA LYS A 486 7.25 19.92 3.78
C LYS A 486 6.64 20.02 5.18
N LEU A 487 5.31 20.16 5.24
CA LEU A 487 4.62 20.20 6.54
C LEU A 487 4.75 18.90 7.30
N LEU A 488 4.67 17.77 6.58
CA LEU A 488 4.82 16.49 7.24
C LEU A 488 6.24 16.36 7.75
N THR A 489 7.21 16.87 6.99
CA THR A 489 8.61 16.90 7.42
C THR A 489 8.77 17.73 8.70
N TYR A 490 8.13 18.89 8.73
CA TYR A 490 8.11 19.70 9.98
C TYR A 490 7.52 18.89 11.15
N LEU A 491 6.34 18.33 10.93
CA LEU A 491 5.64 17.60 12.00
C LEU A 491 6.42 16.41 12.50
N ALA A 492 7.06 15.67 11.60
CA ALA A 492 7.96 14.56 11.99
C ALA A 492 9.12 15.06 12.80
N ASP A 493 9.78 16.12 12.32
CA ASP A 493 10.91 16.65 13.06
C ASP A 493 10.54 17.08 14.48
N VAL A 494 9.41 17.76 14.63
CA VAL A 494 9.05 18.26 15.97
C VAL A 494 8.53 17.10 16.85
N THR A 495 7.81 16.15 16.24
CA THR A 495 7.31 14.98 16.96
C THR A 495 8.49 14.18 17.54
N VAL A 496 9.53 13.98 16.74
CA VAL A 496 10.69 13.22 17.24
C VAL A 496 11.74 14.00 18.00
N ASN A 497 11.98 15.26 17.64
CA ASN A 497 13.08 16.01 18.23
C ASN A 497 12.62 17.15 19.12
N GLY A 498 11.32 17.48 19.13
CA GLY A 498 10.81 18.62 19.95
C GLY A 498 11.09 19.99 19.35
N HIS A 499 10.42 21.02 19.87
CA HIS A 499 10.63 22.38 19.44
C HIS A 499 11.60 22.96 20.47
N PRO A 500 12.66 23.68 20.02
CA PRO A 500 13.65 24.23 20.99
C PRO A 500 13.07 25.18 22.03
N GLU A 501 11.95 25.83 21.71
CA GLU A 501 11.32 26.79 22.64
C GLU A 501 10.32 26.16 23.63
N ALA A 502 9.88 24.94 23.37
CA ALA A 502 8.96 24.29 24.30
C ALA A 502 9.73 23.25 25.15
N LYS A 503 10.89 22.84 24.61
CA LYS A 503 12.02 22.28 25.40
C LYS A 503 11.69 21.60 26.72
N ASP A 504 12.17 22.20 27.81
CA ASP A 504 11.88 21.79 29.16
C ASP A 504 11.15 22.97 29.83
N ARG A 505 10.06 23.39 29.19
CA ARG A 505 9.20 24.41 29.76
C ARG A 505 7.89 23.70 30.10
N PRO A 506 7.03 24.29 30.96
CA PRO A 506 5.78 23.63 31.28
C PRO A 506 4.94 23.31 30.02
N LYS A 507 4.08 22.31 30.12
CA LYS A 507 3.26 21.89 29.00
C LYS A 507 1.81 22.21 29.26
N PRO A 508 1.01 22.45 28.19
CA PRO A 508 -0.41 22.61 28.46
C PRO A 508 -1.01 21.36 29.09
N LEU A 509 -1.96 21.58 29.99
CA LEU A 509 -2.78 20.51 30.57
C LEU A 509 -3.30 19.67 29.41
N GLU A 510 -3.01 18.36 29.44
CA GLU A 510 -3.06 17.48 28.26
C GLU A 510 -4.45 17.17 27.67
N ASN A 511 -5.49 17.67 28.34
CA ASN A 511 -6.89 17.43 27.95
C ASN A 511 -7.04 17.34 26.42
N ALA A 512 -7.10 18.46 25.69
CA ALA A 512 -7.09 19.84 26.20
C ALA A 512 -7.96 20.58 25.16
N ALA A 513 -8.86 21.46 25.62
CA ALA A 513 -9.92 22.05 24.75
C ALA A 513 -9.42 23.02 23.67
N ARG A 514 -9.54 22.64 22.39
CA ARG A 514 -9.27 23.57 21.26
C ARG A 514 -10.06 24.88 21.42
N PRO A 515 -9.41 26.02 21.07
CA PRO A 515 -10.18 27.27 20.98
C PRO A 515 -11.24 27.14 19.87
N VAL A 516 -12.45 27.54 20.17
CA VAL A 516 -13.57 27.53 19.23
C VAL A 516 -13.85 28.95 18.76
N VAL A 517 -13.81 29.18 17.45
CA VAL A 517 -14.19 30.49 16.89
C VAL A 517 -15.70 30.74 17.15
N PRO A 518 -16.06 31.84 17.83
CA PRO A 518 -17.47 32.06 18.12
C PRO A 518 -18.30 32.22 16.81
N TYR A 519 -19.60 32.08 16.88
CA TYR A 519 -20.31 32.29 15.63
C TYR A 519 -20.79 33.72 15.60
N ALA A 520 -20.44 34.46 14.53
CA ALA A 520 -20.75 35.92 14.36
C ALA A 520 -22.05 36.38 15.02
N GLY A 522 -24.77 37.35 12.26
CA GLY A 522 -24.31 37.87 10.98
C GLY A 522 -24.37 36.90 9.79
N ASN A 523 -24.52 37.37 8.53
CA ASN A 523 -24.88 38.75 8.06
C ASN A 523 -23.90 39.25 6.97
N GLY A 524 -23.30 40.42 7.19
CA GLY A 524 -22.14 40.95 6.42
C GLY A 524 -21.41 41.98 7.31
N VAL A 525 -20.25 42.48 6.90
CA VAL A 525 -19.50 43.37 7.83
C VAL A 525 -19.90 44.85 7.66
N LYS A 526 -20.13 45.55 8.77
CA LYS A 526 -20.48 46.95 8.75
C LYS A 526 -19.19 47.80 8.60
N ASP A 527 -19.29 48.92 7.88
CA ASP A 527 -18.15 49.83 7.63
C ASP A 527 -17.67 50.29 8.98
N GLY A 528 -16.37 50.45 9.16
CA GLY A 528 -15.90 51.02 10.42
C GLY A 528 -14.83 52.10 10.20
N THR A 529 -13.89 52.21 11.14
CA THR A 529 -12.85 53.26 11.05
C THR A 529 -11.97 53.17 9.80
N LYS A 530 -11.75 51.96 9.28
CA LYS A 530 -10.98 51.82 8.05
CA LYS A 530 -10.97 51.82 8.05
C LYS A 530 -11.64 52.62 6.91
N GLN A 531 -12.97 52.53 6.83
CA GLN A 531 -13.68 53.20 5.75
C GLN A 531 -13.68 54.73 5.94
N LEU A 532 -13.74 55.19 7.18
CA LEU A 532 -13.63 56.61 7.49
C LEU A 532 -12.24 57.10 7.14
N LEU A 533 -11.21 56.30 7.45
CA LEU A 533 -9.84 56.75 7.06
C LEU A 533 -9.76 56.87 5.54
N ASP A 534 -10.20 55.83 4.86
CA ASP A 534 -10.14 55.79 3.41
C ASP A 534 -10.86 56.94 2.75
N THR A 535 -12.00 57.35 3.31
CA THR A 535 -12.85 58.37 2.66
C THR A 535 -12.60 59.80 3.16
N LEU A 536 -12.06 59.95 4.36
CA LEU A 536 -11.75 61.29 4.91
C LEU A 536 -10.24 61.65 4.75
N GLY A 537 -9.37 60.66 4.74
CA GLY A 537 -7.93 60.93 4.76
C GLY A 537 -7.48 61.06 6.22
N PRO A 538 -6.15 60.93 6.47
CA PRO A 538 -5.68 60.91 7.87
C PRO A 538 -5.91 62.18 8.67
N LYS A 539 -5.70 63.36 8.07
CA LYS A 539 -5.85 64.54 8.87
C LYS A 539 -7.33 64.75 9.30
N LYS A 540 -8.28 64.61 8.38
CA LYS A 540 -9.72 64.77 8.71
C LYS A 540 -10.27 63.55 9.51
N PHE A 541 -9.63 62.39 9.36
CA PHE A 541 -9.91 61.26 10.27
C PHE A 541 -9.55 61.60 11.74
N GLY A 542 -8.40 62.19 11.97
CA GLY A 542 -8.06 62.67 13.32
C GLY A 542 -9.07 63.72 13.80
N GLU A 543 -9.51 64.63 12.92
CA GLU A 543 -10.51 65.61 13.31
CA GLU A 543 -10.54 65.61 13.24
C GLU A 543 -11.84 64.91 13.71
N TRP A 544 -12.23 63.89 12.97
CA TRP A 544 -13.40 63.04 13.27
C TRP A 544 -13.24 62.39 14.68
N MET A 545 -12.05 61.86 14.97
CA MET A 545 -11.76 61.28 16.30
C MET A 545 -11.92 62.30 17.39
N ARG A 546 -11.40 63.51 17.17
CA ARG A 546 -11.45 64.59 18.16
C ARG A 546 -12.91 64.91 18.47
N ASN A 547 -13.70 65.08 17.42
CA ASN A 547 -15.10 65.48 17.51
C ASN A 547 -15.98 64.39 18.15
N GLU A 548 -15.57 63.14 18.01
CA GLU A 548 -16.40 62.03 18.42
C GLU A 548 -16.66 62.15 19.95
N LYS A 549 -17.92 62.09 20.33
CA LYS A 549 -18.27 62.20 21.77
C LYS A 549 -17.92 60.94 22.56
N ARG A 550 -18.28 59.77 22.02
CA ARG A 550 -17.94 58.48 22.63
C ARG A 550 -16.42 58.28 22.64
N VAL A 551 -15.93 57.55 23.66
CA VAL A 551 -14.52 57.21 23.70
C VAL A 551 -14.34 56.06 22.72
N LEU A 552 -13.18 56.06 22.08
CA LEU A 552 -12.83 55.06 21.09
C LEU A 552 -11.87 54.10 21.74
N LEU A 553 -11.93 52.81 21.38
CA LEU A 553 -11.11 51.82 22.03
CA LEU A 553 -11.11 51.81 22.02
C LEU A 553 -10.21 51.12 21.02
N THR A 554 -8.97 50.91 21.43
CA THR A 554 -7.99 50.09 20.67
C THR A 554 -7.79 48.83 21.50
N ASP A 555 -7.90 47.67 20.87
CA ASP A 555 -7.65 46.38 21.50
C ASP A 555 -6.17 46.00 21.22
N THR A 556 -5.37 45.79 22.28
CA THR A 556 -3.96 45.46 22.13
C THR A 556 -3.66 43.96 22.28
N THR A 557 -4.69 43.14 22.31
CA THR A 557 -4.50 41.70 22.59
C THR A 557 -3.52 41.02 21.60
N MET A 558 -3.63 41.43 20.33
CA MET A 558 -2.83 40.81 19.24
C MET A 558 -1.39 41.33 19.14
N ARG A 559 -1.01 42.31 19.97
CA ARG A 559 0.39 42.67 20.05
C ARG A 559 0.86 42.82 21.49
N ASP A 560 0.58 43.97 22.09
CA ASP A 560 1.15 44.24 23.39
C ASP A 560 0.67 43.26 24.47
N GLY A 561 -0.57 42.84 24.39
CA GLY A 561 -1.04 41.89 25.43
C GLY A 561 -0.19 40.60 25.52
N HIS A 562 0.05 39.92 24.39
CA HIS A 562 0.88 38.70 24.49
C HIS A 562 2.39 39.05 24.54
N GLN A 563 2.81 40.24 24.07
CA GLN A 563 4.25 40.63 24.23
C GLN A 563 4.55 40.68 25.73
N SER A 564 3.64 41.29 26.49
CA SER A 564 3.82 41.37 27.95
C SER A 564 3.70 40.00 28.65
N LEU A 565 2.71 39.20 28.28
CA LEU A 565 2.36 38.01 29.11
C LEU A 565 2.91 36.69 28.58
N LEU A 566 3.17 36.62 27.28
CA LEU A 566 3.56 35.32 26.73
C LEU A 566 4.83 35.40 25.86
N ALA A 567 5.73 36.35 26.18
CA ALA A 567 7.01 36.54 25.46
C ALA A 567 6.78 36.76 23.96
N THR A 568 5.66 37.36 23.58
CA THR A 568 5.29 37.61 22.18
C THR A 568 5.18 36.32 21.35
N ARG A 569 4.87 35.18 21.97
CA ARG A 569 4.86 33.91 21.20
CA ARG A 569 4.86 33.91 21.21
C ARG A 569 3.53 33.55 20.53
N MET A 570 2.54 34.42 20.66
CA MET A 570 1.22 34.16 20.05
C MET A 570 1.33 34.04 18.52
N ARG A 571 0.78 32.95 17.96
CA ARG A 571 0.96 32.64 16.56
C ARG A 571 -0.14 33.21 15.67
N THR A 572 0.24 33.45 14.41
CA THR A 572 -0.70 33.86 13.36
C THR A 572 -1.96 33.01 13.35
N TYR A 573 -1.82 31.68 13.49
CA TYR A 573 -2.95 30.74 13.40
C TYR A 573 -4.05 31.20 14.38
N ASP A 574 -3.67 31.53 15.60
CA ASP A 574 -4.65 31.92 16.63
C ASP A 574 -5.15 33.34 16.47
N ILE A 575 -4.29 34.22 15.95
CA ILE A 575 -4.63 35.62 15.73
C ILE A 575 -5.56 35.77 14.51
N ALA A 576 -5.19 35.17 13.37
CA ALA A 576 -5.96 35.32 12.16
C ALA A 576 -7.35 34.71 12.32
N ARG A 577 -7.48 33.65 13.11
CA ARG A 577 -8.74 32.93 13.21
C ARG A 577 -9.83 33.71 13.91
N ILE A 578 -9.45 34.67 14.74
CA ILE A 578 -10.45 35.48 15.42
C ILE A 578 -10.70 36.86 14.75
N ALA A 579 -9.91 37.27 13.74
CA ALA A 579 -10.09 38.63 13.19
C ALA A 579 -11.51 38.90 12.61
N GLY A 580 -12.06 37.91 11.89
CA GLY A 580 -13.46 37.93 11.39
C GLY A 580 -14.46 38.21 12.48
N THR A 581 -14.23 37.61 13.67
CA THR A 581 -15.13 37.74 14.79
C THR A 581 -15.14 39.17 15.29
N TYR A 582 -13.95 39.75 15.45
CA TYR A 582 -13.84 41.17 15.79
C TYR A 582 -14.55 42.05 14.77
N SER A 583 -14.31 41.77 13.47
CA SER A 583 -14.90 42.55 12.38
C SER A 583 -16.45 42.58 12.49
N HIS A 584 -17.07 41.41 12.75
CA HIS A 584 -18.52 41.30 12.78
C HIS A 584 -19.08 41.74 14.11
N ALA A 585 -18.38 41.45 15.22
CA ALA A 585 -18.98 41.56 16.55
C ALA A 585 -18.70 42.90 17.20
N LEU A 586 -17.52 43.48 16.93
CA LEU A 586 -17.08 44.76 17.53
C LEU A 586 -16.70 45.76 16.46
N PRO A 587 -17.67 46.05 15.55
CA PRO A 587 -17.32 46.88 14.42
C PRO A 587 -17.06 48.35 14.77
N ASN A 588 -17.36 48.77 16.01
CA ASN A 588 -17.09 50.13 16.44
C ASN A 588 -15.70 50.37 17.02
N LEU A 589 -14.86 49.34 17.07
CA LEU A 589 -13.48 49.54 17.60
C LEU A 589 -12.69 50.54 16.73
N LEU A 590 -11.89 51.40 17.38
CA LEU A 590 -10.98 52.29 16.65
C LEU A 590 -9.97 51.47 15.83
N SER A 591 -9.27 50.55 16.46
CA SER A 591 -8.19 49.81 15.82
C SER A 591 -7.85 48.52 16.57
N LEU A 592 -7.21 47.59 15.84
CA LEU A 592 -6.56 46.46 16.46
C LEU A 592 -5.07 46.76 16.47
N GLU A 593 -4.46 46.75 17.64
CA GLU A 593 -2.99 46.92 17.68
C GLU A 593 -2.49 45.50 17.48
N CYS A 594 -1.82 45.27 16.37
CA CYS A 594 -1.57 43.90 15.93
C CYS A 594 -0.22 43.73 15.28
N TRP A 595 0.67 44.72 15.39
CA TRP A 595 1.90 44.65 14.64
C TRP A 595 2.97 45.55 15.23
N GLY A 596 4.22 45.28 14.84
CA GLY A 596 5.39 45.94 15.38
C GLY A 596 5.69 45.48 16.80
N GLY A 597 6.41 46.34 17.54
CA GLY A 597 7.06 45.93 18.80
C GLY A 597 7.85 44.65 18.52
N ALA A 598 7.80 43.68 19.44
CA ALA A 598 8.62 42.47 19.28
C ALA A 598 8.04 41.46 18.28
N THR A 599 6.80 41.64 17.79
CA THR A 599 6.22 40.59 16.93
C THR A 599 7.01 40.38 15.66
N PHE A 600 7.68 41.44 15.20
CA PHE A 600 8.25 41.36 13.85
C PHE A 600 9.42 40.35 13.82
N ASP A 601 10.38 40.50 14.73
CA ASP A 601 11.46 39.52 14.76
C ASP A 601 11.10 38.18 15.45
N VAL A 602 10.35 38.22 16.52
CA VAL A 602 9.92 36.97 17.23
C VAL A 602 9.16 36.02 16.29
N SER A 603 8.28 36.57 15.46
CA SER A 603 7.47 35.71 14.57
C SER A 603 8.41 34.86 13.70
N MET A 604 9.45 35.48 13.15
CA MET A 604 10.39 34.72 12.31
C MET A 604 11.36 33.90 13.17
N ARG A 605 11.94 34.51 14.18
CA ARG A 605 13.04 33.81 14.87
C ARG A 605 12.55 32.62 15.72
N PHE A 606 11.38 32.76 16.36
CA PHE A 606 10.92 31.74 17.31
C PHE A 606 9.67 30.99 16.86
N LEU A 607 8.90 31.58 15.95
CA LEU A 607 7.66 30.94 15.50
C LEU A 607 7.74 30.45 14.07
N THR A 608 8.89 30.64 13.41
CA THR A 608 9.08 30.27 11.99
C THR A 608 7.87 30.72 11.11
N GLU A 609 7.49 31.98 11.24
CA GLU A 609 6.44 32.55 10.38
C GLU A 609 6.65 33.99 10.01
N ASP A 610 5.95 34.40 8.94
CA ASP A 610 6.17 35.67 8.25
C ASP A 610 5.30 36.78 8.85
N PRO A 611 5.91 37.85 9.43
CA PRO A 611 5.00 38.86 9.99
C PRO A 611 4.11 39.54 8.92
N TRP A 612 4.55 39.54 7.67
CA TRP A 612 3.77 40.20 6.63
C TRP A 612 2.51 39.42 6.33
N GLU A 613 2.65 38.10 6.31
CA GLU A 613 1.49 37.23 6.08
C GLU A 613 0.50 37.38 7.22
N ARG A 614 1.00 37.39 8.47
CA ARG A 614 0.11 37.62 9.59
C ARG A 614 -0.68 38.91 9.38
N LEU A 615 0.01 39.98 8.99
CA LEU A 615 -0.69 41.25 8.84
C LEU A 615 -1.72 41.13 7.66
N ALA A 616 -1.34 40.50 6.55
CA ALA A 616 -2.32 40.31 5.43
C ALA A 616 -3.60 39.56 5.83
N LEU A 617 -3.46 38.49 6.65
CA LEU A 617 -4.61 37.70 7.10
C LEU A 617 -5.50 38.51 8.00
N ILE A 618 -4.91 39.28 8.88
CA ILE A 618 -5.72 40.18 9.73
C ILE A 618 -6.49 41.21 8.87
N ARG A 619 -5.80 41.83 7.93
CA ARG A 619 -6.38 42.78 7.01
C ARG A 619 -7.59 42.18 6.32
N GLU A 620 -7.42 40.97 5.79
CA GLU A 620 -8.48 40.27 5.07
CA GLU A 620 -8.52 40.38 5.04
C GLU A 620 -9.66 39.97 5.98
N GLY A 621 -9.35 39.54 7.20
CA GLY A 621 -10.40 39.15 8.15
C GLY A 621 -11.11 40.32 8.79
N ALA A 622 -10.43 41.47 8.87
CA ALA A 622 -11.02 42.63 9.51
C ALA A 622 -10.91 43.90 8.64
N PRO A 623 -11.60 43.92 7.46
CA PRO A 623 -11.44 44.99 6.44
C PRO A 623 -12.09 46.32 6.88
N ASN A 624 -12.78 46.31 8.02
CA ASN A 624 -13.48 47.51 8.53
C ASN A 624 -12.79 48.24 9.66
N LEU A 625 -11.74 47.64 10.22
CA LEU A 625 -11.06 48.22 11.37
C LEU A 625 -9.64 48.66 11.02
N LEU A 626 -9.18 49.74 11.66
CA LEU A 626 -7.84 50.28 11.44
C LEU A 626 -6.88 49.26 12.00
N LEU A 627 -5.77 49.04 11.33
CA LEU A 627 -4.76 48.12 11.88
C LEU A 627 -3.59 48.94 12.35
N GLN A 628 -3.14 48.72 13.56
CA GLN A 628 -2.24 49.67 14.21
C GLN A 628 -0.97 48.94 14.56
N MET A 629 0.17 49.58 14.30
CA MET A 629 1.47 49.02 14.75
C MET A 629 2.15 49.97 15.73
N LEU A 630 3.08 49.43 16.52
CA LEU A 630 3.97 50.29 17.27
C LEU A 630 5.25 50.37 16.42
N LEU A 631 5.67 51.60 16.12
CA LEU A 631 6.89 51.86 15.37
C LEU A 631 7.88 52.73 16.19
N ARG A 632 9.14 52.32 16.25
CA ARG A 632 10.20 53.18 16.80
CA ARG A 632 10.22 53.16 16.79
CA ARG A 632 10.15 53.21 16.81
C ARG A 632 10.65 54.16 15.71
N GLY A 633 10.63 55.46 16.04
CA GLY A 633 10.98 56.52 15.07
C GLY A 633 12.36 56.29 14.49
N ALA A 634 13.32 55.97 15.35
CA ALA A 634 14.70 55.86 14.91
C ALA A 634 14.95 54.65 13.99
N ASN A 635 14.26 53.54 14.22
CA ASN A 635 14.62 52.34 13.45
C ASN A 635 13.52 51.41 13.01
N GLY A 636 12.29 51.87 13.00
CA GLY A 636 11.17 51.06 12.52
C GLY A 636 10.85 49.94 13.47
N VAL A 637 11.16 48.70 13.09
CA VAL A 637 10.97 47.56 13.99
C VAL A 637 12.31 46.88 14.32
N GLY A 638 13.41 47.53 13.92
CA GLY A 638 14.74 46.95 14.00
C GLY A 638 15.44 46.95 15.33
N TYR A 639 16.71 46.58 15.32
CA TYR A 639 17.40 46.33 16.57
C TYR A 639 18.61 47.26 16.72
N THR A 640 18.86 48.06 15.69
CA THR A 640 19.99 49.01 15.69
C THR A 640 19.56 50.31 14.93
N ASN A 641 20.48 51.24 14.66
CA ASN A 641 20.11 52.40 13.83
C ASN A 641 20.31 52.03 12.36
N TYR A 642 19.47 52.56 11.50
CA TYR A 642 19.58 52.32 10.04
C TYR A 642 19.60 53.66 9.31
N PRO A 643 20.17 53.69 8.11
CA PRO A 643 20.01 54.90 7.29
C PRO A 643 18.56 55.30 7.08
N ASP A 644 18.33 56.61 7.01
CA ASP A 644 17.02 57.18 6.67
C ASP A 644 16.35 56.43 5.50
N ASN A 645 17.05 56.22 4.39
CA ASN A 645 16.39 55.53 3.24
C ASN A 645 15.83 54.13 3.59
N VAL A 646 16.47 53.44 4.54
CA VAL A 646 16.03 52.13 5.00
C VAL A 646 14.78 52.29 5.83
N VAL A 647 14.79 53.27 6.74
CA VAL A 647 13.65 53.47 7.62
C VAL A 647 12.44 53.86 6.79
N LYS A 648 12.66 54.75 5.83
CA LYS A 648 11.58 55.16 4.92
C LYS A 648 11.02 53.99 4.08
N TYR A 649 11.91 53.14 3.58
CA TYR A 649 11.52 51.95 2.79
C TYR A 649 10.63 51.04 3.62
N PHE A 650 11.03 50.80 4.87
CA PHE A 650 10.20 49.98 5.73
C PHE A 650 8.82 50.57 5.98
N VAL A 651 8.73 51.86 6.29
CA VAL A 651 7.43 52.48 6.49
C VAL A 651 6.58 52.34 5.26
N ARG A 652 7.20 52.56 4.09
CA ARG A 652 6.47 52.35 2.84
C ARG A 652 5.88 50.95 2.71
N GLN A 653 6.68 49.92 3.00
CA GLN A 653 6.17 48.56 2.93
C GLN A 653 5.10 48.29 3.99
N ALA A 654 5.28 48.80 5.21
CA ALA A 654 4.29 48.59 6.29
C ALA A 654 2.93 49.12 5.84
N ALA A 655 2.92 50.31 5.21
CA ALA A 655 1.69 50.92 4.67
C ALA A 655 1.07 50.05 3.59
N LYS A 656 1.89 49.60 2.65
CA LYS A 656 1.39 48.71 1.61
C LYS A 656 0.87 47.38 2.17
N GLY A 657 1.55 46.86 3.18
CA GLY A 657 1.14 45.55 3.73
C GLY A 657 -0.16 45.54 4.53
N GLY A 658 -0.63 46.72 4.95
CA GLY A 658 -1.96 46.83 5.61
C GLY A 658 -1.99 47.71 6.85
N ILE A 659 -0.88 48.33 7.23
CA ILE A 659 -0.94 49.20 8.42
C ILE A 659 -1.59 50.53 8.11
N ASP A 660 -2.54 50.96 8.97
CA ASP A 660 -3.24 52.22 8.79
C ASP A 660 -2.81 53.26 9.81
N LEU A 661 -2.44 52.81 11.00
CA LEU A 661 -2.25 53.76 12.11
C LEU A 661 -0.92 53.39 12.71
N PHE A 662 0.04 54.29 12.60
CA PHE A 662 1.39 54.08 13.10
C PHE A 662 1.55 54.86 14.38
N ARG A 663 1.74 54.18 15.53
CA ARG A 663 2.07 54.88 16.75
C ARG A 663 3.58 54.95 16.78
N VAL A 664 4.12 56.16 16.62
CA VAL A 664 5.58 56.32 16.51
C VAL A 664 6.08 56.89 17.85
N PHE A 665 7.17 56.32 18.38
CA PHE A 665 7.73 56.82 19.63
C PHE A 665 9.26 56.95 19.55
N ASP A 666 9.82 57.73 20.48
CA ASP A 666 11.25 57.77 20.65
C ASP A 666 11.59 57.52 22.12
N CYS A 667 12.60 56.68 22.41
CA CYS A 667 12.89 56.28 23.80
C CYS A 667 13.38 57.38 24.74
N LEU A 668 13.70 58.55 24.18
CA LEU A 668 14.10 59.71 24.97
C LEU A 668 13.14 60.89 24.79
N ASN A 669 12.00 60.63 24.12
CA ASN A 669 11.07 61.66 23.69
C ASN A 669 11.75 62.76 22.86
N TRP A 670 12.69 62.37 22.00
CA TRP A 670 13.42 63.35 21.20
C TRP A 670 12.75 63.53 19.87
N VAL A 671 12.04 64.64 19.72
CA VAL A 671 11.25 64.89 18.52
C VAL A 671 12.10 64.82 17.25
N GLU A 672 13.30 65.39 17.27
CA GLU A 672 14.11 65.35 16.05
CA GLU A 672 14.24 65.33 16.15
C GLU A 672 14.39 63.91 15.56
N ASN A 673 14.45 62.93 16.47
CA ASN A 673 14.65 61.54 16.11
C ASN A 673 13.38 60.87 15.61
N MET A 674 12.26 61.57 15.67
CA MET A 674 11.00 61.05 15.15
C MET A 674 10.59 61.59 13.77
N ARG A 675 11.19 62.70 13.35
CA ARG A 675 10.81 63.42 12.12
CA ARG A 675 10.71 63.37 12.15
C ARG A 675 10.86 62.54 10.88
N VAL A 676 11.95 61.80 10.71
CA VAL A 676 12.08 60.98 9.50
C VAL A 676 10.87 60.03 9.38
N SER A 677 10.51 59.35 10.46
CA SER A 677 9.38 58.37 10.38
C SER A 677 8.04 59.04 10.21
N MET A 678 7.82 60.10 10.95
CA MET A 678 6.61 60.91 10.84
C MET A 678 6.39 61.37 9.43
N ASP A 679 7.45 61.89 8.77
CA ASP A 679 7.32 62.39 7.41
C ASP A 679 7.00 61.24 6.45
N ALA A 680 7.69 60.11 6.61
CA ALA A 680 7.39 58.91 5.79
C ALA A 680 5.94 58.44 5.96
N ILE A 681 5.42 58.42 7.20
CA ILE A 681 4.03 57.98 7.41
C ILE A 681 3.07 58.92 6.67
N ALA A 682 3.24 60.23 6.83
CA ALA A 682 2.42 61.24 6.17
C ALA A 682 2.51 61.10 4.64
N GLU A 683 3.70 60.82 4.13
CA GLU A 683 3.90 60.56 2.69
C GLU A 683 3.07 59.40 2.14
N GLU A 684 2.83 58.39 2.99
CA GLU A 684 2.09 57.20 2.61
C GLU A 684 0.60 57.40 2.83
N ASN A 685 0.25 58.59 3.30
CA ASN A 685 -1.12 58.99 3.65
CA ASN A 685 -1.15 58.94 3.54
C ASN A 685 -1.79 58.06 4.63
N LYS A 686 -1.01 57.68 5.64
CA LYS A 686 -1.52 56.82 6.71
C LYS A 686 -1.54 57.70 7.94
N LEU A 687 -2.10 57.19 9.05
CA LEU A 687 -2.21 57.99 10.27
C LEU A 687 -0.90 57.96 11.04
N CYS A 688 -0.45 59.15 11.44
CA CYS A 688 0.75 59.34 12.20
C CYS A 688 0.34 59.73 13.61
N GLU A 689 0.46 58.78 14.54
CA GLU A 689 0.11 58.97 15.89
C GLU A 689 1.41 59.10 16.63
N ALA A 690 1.76 60.33 16.97
CA ALA A 690 3.07 60.58 17.56
C ALA A 690 2.93 60.47 19.07
N ALA A 691 3.68 59.54 19.66
CA ALA A 691 3.63 59.29 21.11
C ALA A 691 4.63 60.10 21.94
N ILE A 692 4.15 60.51 23.11
CA ILE A 692 4.98 61.05 24.15
C ILE A 692 4.96 60.00 25.26
N CYS A 693 6.14 59.51 25.62
CA CYS A 693 6.28 58.55 26.72
C CYS A 693 6.18 59.27 28.04
N TYR A 694 5.40 58.68 28.95
CA TYR A 694 5.15 59.25 30.27
C TYR A 694 6.14 58.67 31.26
N THR A 695 6.69 59.52 32.15
CA THR A 695 7.58 59.05 33.20
C THR A 695 7.47 60.04 34.35
N GLY A 696 7.99 59.65 35.52
CA GLY A 696 7.96 60.53 36.68
C GLY A 696 6.53 60.71 37.15
N ASP A 697 6.17 61.94 37.52
CA ASP A 697 4.87 62.19 38.15
C ASP A 697 4.66 63.69 38.10
N ILE A 698 3.74 64.14 37.24
CA ILE A 698 3.53 65.58 37.04
C ILE A 698 3.01 66.28 38.27
N LEU A 699 2.38 65.53 39.18
CA LEU A 699 1.84 66.22 40.37
C LEU A 699 2.83 66.21 41.53
N ASN A 700 4.05 65.75 41.28
CA ASN A 700 5.07 65.66 42.33
C ASN A 700 6.04 66.79 42.06
N SER A 701 5.92 67.86 42.83
CA SER A 701 6.68 69.07 42.57
C SER A 701 8.13 68.96 43.03
N ALA A 702 8.54 67.76 43.44
CA ALA A 702 9.93 67.53 43.80
C ALA A 702 10.65 66.72 42.74
N ARG A 703 9.93 66.43 41.65
CA ARG A 703 10.51 65.87 40.39
C ARG A 703 10.11 66.75 39.18
N PRO A 704 10.52 68.03 39.17
CA PRO A 704 9.86 68.96 38.22
C PRO A 704 10.32 68.80 36.78
N LYS A 705 11.34 67.98 36.51
CA LYS A 705 11.81 67.75 35.14
C LYS A 705 10.71 67.29 34.17
N TYR A 706 9.86 66.37 34.61
CA TYR A 706 8.76 65.87 33.77
C TYR A 706 7.47 66.43 34.34
N ASP A 707 7.32 67.75 34.26
CA ASP A 707 6.15 68.44 34.76
C ASP A 707 5.10 68.55 33.65
N LEU A 708 3.96 69.18 33.94
CA LEU A 708 2.89 69.28 32.96
C LEU A 708 3.33 69.98 31.68
N LYS A 709 4.04 71.11 31.79
CA LYS A 709 4.49 71.83 30.57
C LYS A 709 5.40 70.97 29.70
N TYR A 710 6.21 70.11 30.30
CA TYR A 710 7.00 69.17 29.54
C TYR A 710 6.14 68.42 28.50
N TYR A 711 4.99 67.88 28.93
CA TYR A 711 4.11 67.12 28.04
C TYR A 711 3.34 68.03 27.07
N THR A 712 2.83 69.17 27.54
CA THR A 712 2.01 69.96 26.62
C THR A 712 2.96 70.62 25.58
N ASN A 713 4.17 71.00 25.97
CA ASN A 713 5.14 71.54 24.98
C ASN A 713 5.47 70.50 23.90
N LEU A 714 5.67 69.25 24.32
CA LEU A 714 5.89 68.15 23.38
CA LEU A 714 5.90 68.17 23.37
C LEU A 714 4.72 67.94 22.43
N ALA A 715 3.49 67.99 22.95
CA ALA A 715 2.29 67.79 22.09
C ALA A 715 2.24 68.89 21.02
N VAL A 716 2.48 70.14 21.43
CA VAL A 716 2.58 71.24 20.45
C VAL A 716 3.69 71.00 19.39
N GLU A 717 4.87 70.57 19.81
CA GLU A 717 5.99 70.30 18.88
CA GLU A 717 5.93 70.35 18.83
C GLU A 717 5.62 69.19 17.89
N LEU A 718 4.97 68.16 18.41
CA LEU A 718 4.55 67.04 17.54
C LEU A 718 3.42 67.39 16.56
N GLU A 719 2.46 68.19 16.99
CA GLU A 719 1.49 68.75 16.04
C GLU A 719 2.21 69.56 14.91
N LYS A 720 3.19 70.39 15.29
CA LYS A 720 3.91 71.19 14.29
C LYS A 720 4.73 70.27 13.37
N ALA A 721 5.15 69.12 13.88
CA ALA A 721 5.87 68.11 13.08
C ALA A 721 4.97 67.23 12.21
N GLY A 722 3.66 67.51 12.23
CA GLY A 722 2.72 66.86 11.29
C GLY A 722 1.95 65.67 11.85
N ALA A 723 1.92 65.49 13.18
CA ALA A 723 1.14 64.38 13.74
C ALA A 723 -0.36 64.55 13.38
N HIS A 724 -1.07 63.44 13.21
CA HIS A 724 -2.55 63.43 13.00
C HIS A 724 -3.28 63.21 14.35
N ILE A 725 -2.57 62.54 15.27
CA ILE A 725 -3.08 62.13 16.62
C ILE A 725 -1.86 62.24 17.55
N ILE A 726 -2.06 62.63 18.82
CA ILE A 726 -0.99 62.57 19.83
C ILE A 726 -1.31 61.36 20.74
N ALA A 727 -0.32 60.51 21.06
CA ALA A 727 -0.51 59.48 22.09
C ALA A 727 0.25 59.85 23.34
N VAL A 728 -0.29 59.42 24.47
CA VAL A 728 0.44 59.35 25.72
C VAL A 728 0.74 57.87 25.91
N KCX A 729 2.04 57.52 25.85
CA KCX A 729 2.47 56.12 25.93
CB KCX A 729 3.57 55.84 24.90
CG KCX A 729 4.02 54.36 24.85
CD KCX A 729 5.12 54.14 23.81
CE KCX A 729 5.77 52.74 24.05
NZ KCX A 729 4.83 51.64 23.65
C KCX A 729 3.01 55.89 27.36
O KCX A 729 4.14 56.28 27.67
CX KCX A 729 4.17 50.84 24.54
OQ1 KCX A 729 3.46 49.96 23.89
OQ2 KCX A 729 4.17 51.00 25.92
N ASP A 730 2.22 55.29 28.23
CA ASP A 730 2.65 55.13 29.62
C ASP A 730 3.15 53.68 29.71
N MET A 731 4.39 53.45 29.24
CA MET A 731 4.90 52.09 29.03
C MET A 731 5.10 51.34 30.34
N ALA A 732 5.30 52.09 31.43
CA ALA A 732 5.47 51.50 32.75
C ALA A 732 4.22 51.56 33.63
N GLY A 733 3.13 52.13 33.11
CA GLY A 733 1.87 52.17 33.92
C GLY A 733 2.03 53.09 35.12
N LEU A 734 2.74 54.20 34.92
CA LEU A 734 3.02 55.14 36.06
C LEU A 734 2.02 56.25 36.18
N LEU A 735 1.19 56.49 35.15
CA LEU A 735 0.29 57.64 35.27
C LEU A 735 -0.82 57.28 36.29
N LYS A 736 -1.00 58.16 37.26
CA LYS A 736 -2.00 58.01 38.31
C LYS A 736 -3.26 58.79 37.92
N PRO A 737 -4.43 58.36 38.46
CA PRO A 737 -5.73 58.93 38.05
C PRO A 737 -5.83 60.45 38.19
N ALA A 738 -5.34 60.98 39.31
CA ALA A 738 -5.45 62.43 39.57
C ALA A 738 -4.59 63.19 38.54
N ALA A 739 -3.46 62.61 38.20
CA ALA A 739 -2.57 63.15 37.16
C ALA A 739 -3.21 63.04 35.75
N ALA A 740 -3.85 61.93 35.45
CA ALA A 740 -4.60 61.80 34.19
C ALA A 740 -5.67 62.90 34.04
N LYS A 741 -6.36 63.20 35.13
CA LYS A 741 -7.39 64.24 35.10
C LYS A 741 -6.82 65.60 34.68
N VAL A 742 -5.66 65.95 35.24
CA VAL A 742 -4.99 67.21 34.90
C VAL A 742 -4.34 67.16 33.49
N LEU A 743 -3.67 66.06 33.19
CA LEU A 743 -2.93 65.90 31.94
C LEU A 743 -3.80 65.93 30.69
N PHE A 744 -4.84 65.12 30.65
CA PHE A 744 -5.70 65.07 29.48
C PHE A 744 -6.50 66.32 29.25
N LYS A 745 -6.89 67.01 30.33
CA LYS A 745 -7.51 68.31 30.18
C LYS A 745 -6.52 69.33 29.54
N ALA A 746 -5.31 69.39 30.07
CA ALA A 746 -4.29 70.26 29.57
C ALA A 746 -3.88 69.95 28.14
N LEU A 747 -3.69 68.68 27.80
CA LEU A 747 -3.34 68.30 26.42
C LEU A 747 -4.37 68.74 25.38
N ARG A 748 -5.64 68.55 25.68
CA ARG A 748 -6.71 68.91 24.73
C ARG A 748 -6.92 70.39 24.63
N GLU A 749 -6.38 71.13 25.61
CA GLU A 749 -6.36 72.59 25.52
C GLU A 749 -5.11 73.05 24.75
N ALA A 750 -4.03 72.28 24.84
CA ALA A 750 -2.76 72.66 24.20
C ALA A 750 -2.71 72.39 22.69
N THR A 751 -3.36 71.32 22.25
CA THR A 751 -3.44 70.97 20.83
C THR A 751 -4.90 70.67 20.48
N GLY A 752 -5.28 70.95 19.23
CA GLY A 752 -6.60 70.62 18.70
C GLY A 752 -6.65 69.17 18.23
N LEU A 753 -5.49 68.51 18.19
CA LEU A 753 -5.43 67.08 17.75
C LEU A 753 -6.12 66.10 18.73
N PRO A 754 -6.63 64.93 18.23
CA PRO A 754 -7.21 63.94 19.14
C PRO A 754 -6.06 63.34 19.97
N ILE A 755 -6.36 62.86 21.19
CA ILE A 755 -5.34 62.27 22.08
C ILE A 755 -5.70 60.82 22.36
N HIS A 756 -4.68 59.96 22.41
CA HIS A 756 -4.87 58.52 22.49
C HIS A 756 -3.99 57.98 23.64
N PHE A 757 -4.58 57.28 24.63
CA PHE A 757 -3.90 56.92 25.88
C PHE A 757 -3.62 55.43 26.02
N HIS A 758 -2.34 55.10 26.16
CA HIS A 758 -1.90 53.71 26.27
C HIS A 758 -1.21 53.53 27.59
N THR A 759 -1.63 52.56 28.40
CA THR A 759 -0.94 52.32 29.69
C THR A 759 -0.86 50.79 29.98
N HIS A 760 -0.11 50.46 31.04
CA HIS A 760 0.04 49.07 31.47
C HIS A 760 -0.44 48.95 32.89
N ASP A 761 -0.84 47.75 33.28
CA ASP A 761 -1.56 47.55 34.56
C ASP A 761 -0.66 47.00 35.69
N THR A 762 0.64 47.23 35.60
CA THR A 762 1.59 46.65 36.57
C THR A 762 1.25 46.98 38.01
N SER A 763 0.79 48.21 38.23
CA SER A 763 0.39 48.70 39.56
C SER A 763 -0.91 48.10 40.08
N GLY A 764 -1.73 47.52 39.20
CA GLY A 764 -3.09 47.07 39.53
C GLY A 764 -4.14 48.15 39.65
N ILE A 765 -3.81 49.35 39.18
CA ILE A 765 -4.77 50.43 39.22
C ILE A 765 -4.89 51.18 37.90
N ALA A 766 -4.31 50.65 36.84
CA ALA A 766 -4.32 51.38 35.59
C ALA A 766 -5.69 51.60 35.00
N ALA A 767 -6.69 50.73 35.28
CA ALA A 767 -8.05 51.01 34.83
C ALA A 767 -8.62 52.28 35.48
N ALA A 768 -8.24 52.57 36.73
CA ALA A 768 -8.63 53.86 37.35
C ALA A 768 -8.10 55.04 36.50
N THR A 769 -6.85 54.96 36.08
CA THR A 769 -6.27 55.99 35.26
C THR A 769 -6.95 56.12 33.89
N VAL A 770 -7.26 54.99 33.24
CA VAL A 770 -7.96 54.99 31.97
C VAL A 770 -9.33 55.69 32.13
N LEU A 771 -10.11 55.27 33.16
CA LEU A 771 -11.42 55.90 33.43
C LEU A 771 -11.35 57.39 33.74
N ALA A 772 -10.31 57.78 34.48
CA ALA A 772 -10.05 59.21 34.78
C ALA A 772 -9.71 59.97 33.47
N ALA A 773 -8.92 59.34 32.59
CA ALA A 773 -8.63 59.90 31.25
C ALA A 773 -9.91 60.08 30.39
N VAL A 774 -10.78 59.08 30.43
CA VAL A 774 -12.07 59.13 29.69
C VAL A 774 -12.92 60.31 30.23
N GLU A 775 -13.02 60.41 31.54
N GLU A 775 -13.01 60.42 31.55
CA GLU A 775 -13.80 61.52 32.11
CA GLU A 775 -13.79 61.50 32.14
C GLU A 775 -13.21 62.88 31.73
C GLU A 775 -13.20 62.90 31.84
N ALA A 776 -11.88 62.95 31.65
CA ALA A 776 -11.19 64.21 31.31
C ALA A 776 -11.25 64.51 29.79
N GLY A 777 -11.93 63.64 29.03
CA GLY A 777 -12.15 63.89 27.60
C GLY A 777 -11.20 63.23 26.61
N VAL A 778 -10.34 62.30 27.05
CA VAL A 778 -9.36 61.70 26.11
C VAL A 778 -10.14 61.04 24.95
N ASP A 779 -9.58 61.09 23.75
CA ASP A 779 -10.31 60.61 22.57
C ASP A 779 -10.33 59.09 22.37
N ALA A 780 -9.25 58.40 22.73
CA ALA A 780 -9.17 56.98 22.58
C ALA A 780 -8.31 56.45 23.67
N VAL A 781 -8.57 55.19 24.03
CA VAL A 781 -7.76 54.49 25.05
C VAL A 781 -7.55 53.06 24.57
N ASP A 782 -6.48 52.45 25.03
CA ASP A 782 -6.12 51.05 24.68
C ASP A 782 -6.49 50.15 25.85
N ALA A 783 -6.88 48.92 25.53
CA ALA A 783 -7.09 47.92 26.57
C ALA A 783 -6.94 46.53 25.94
N ALA A 784 -6.71 45.53 26.76
CA ALA A 784 -6.52 44.16 26.28
C ALA A 784 -7.73 43.35 26.70
N MET A 785 -8.11 42.40 25.87
CA MET A 785 -9.16 41.45 26.22
C MET A 785 -8.85 40.85 27.58
N ASP A 786 -9.91 40.60 28.36
CA ASP A 786 -9.78 40.21 29.78
C ASP A 786 -8.77 39.08 30.00
N ALA A 787 -8.89 38.03 29.16
CA ALA A 787 -8.04 36.81 29.22
C ALA A 787 -6.55 37.07 29.03
N LEU A 788 -6.18 38.24 28.54
CA LEU A 788 -4.78 38.67 28.33
C LEU A 788 -4.52 40.07 28.89
N SER A 789 -5.15 40.36 30.03
CA SER A 789 -5.10 41.72 30.61
C SER A 789 -4.59 41.63 32.03
N GLY A 790 -4.31 42.80 32.62
CA GLY A 790 -3.90 42.84 34.00
C GLY A 790 -2.40 42.75 34.08
N ASN A 791 -1.90 42.96 35.29
CA ASN A 791 -0.44 42.95 35.53
C ASN A 791 0.35 43.72 34.47
N THR A 792 1.32 43.10 33.81
CA THR A 792 2.20 43.89 32.91
C THR A 792 1.56 44.14 31.56
N SER A 793 0.36 43.60 31.36
CA SER A 793 -0.38 43.85 30.11
C SER A 793 -1.19 45.16 30.30
N GLN A 794 -2.14 45.41 29.40
CA GLN A 794 -3.05 46.59 29.57
C GLN A 794 -4.11 46.19 30.55
N PRO A 795 -4.83 47.16 31.11
CA PRO A 795 -6.00 46.85 31.91
C PRO A 795 -7.15 46.26 31.09
N CYS A 796 -8.14 45.74 31.82
CA CYS A 796 -9.11 44.81 31.29
C CYS A 796 -10.14 45.50 30.40
N LEU A 797 -10.22 45.14 29.13
CA LEU A 797 -11.15 45.79 28.19
CA LEU A 797 -11.14 45.83 28.22
C LEU A 797 -12.63 45.63 28.59
N GLY A 798 -13.04 44.40 28.94
CA GLY A 798 -14.49 44.18 29.17
C GLY A 798 -14.91 44.98 30.42
N SER A 799 -14.03 45.06 31.42
CA SER A 799 -14.48 45.73 32.66
C SER A 799 -14.51 47.26 32.48
N ILE A 800 -13.56 47.78 31.72
CA ILE A 800 -13.53 49.22 31.36
C ILE A 800 -14.81 49.58 30.58
N VAL A 801 -15.17 48.74 29.60
CA VAL A 801 -16.41 48.97 28.82
C VAL A 801 -17.64 48.83 29.74
N GLU A 802 -17.64 47.83 30.64
CA GLU A 802 -18.75 47.75 31.62
C GLU A 802 -18.81 49.01 32.47
N ALA A 803 -17.68 49.53 32.92
CA ALA A 803 -17.70 50.73 33.78
C ALA A 803 -18.32 51.93 33.02
N LEU A 804 -18.16 51.95 31.70
CA LEU A 804 -18.62 53.07 30.86
C LEU A 804 -20.02 52.88 30.29
N SER A 805 -20.60 51.68 30.50
CA SER A 805 -21.90 51.31 29.97
CA SER A 805 -21.89 51.36 29.91
C SER A 805 -23.00 52.26 30.44
N GLY A 806 -23.80 52.80 29.52
CA GLY A 806 -24.88 53.70 29.87
C GLY A 806 -24.41 55.12 30.16
N SER A 807 -23.11 55.40 30.11
CA SER A 807 -22.63 56.76 30.43
C SER A 807 -22.61 57.60 29.16
N GLU A 808 -22.42 58.90 29.32
CA GLU A 808 -22.29 59.85 28.21
C GLU A 808 -21.26 59.40 27.16
N ARG A 809 -20.14 58.82 27.60
CA ARG A 809 -19.04 58.45 26.67
C ARG A 809 -19.03 56.96 26.32
N ASP A 810 -20.12 56.26 26.63
CA ASP A 810 -20.29 54.84 26.35
C ASP A 810 -19.76 54.55 24.95
N PRO A 811 -18.75 53.65 24.83
CA PRO A 811 -18.13 53.36 23.52
C PRO A 811 -18.99 52.51 22.57
N GLY A 812 -20.12 51.98 23.03
CA GLY A 812 -20.99 51.23 22.12
C GLY A 812 -20.41 49.89 21.70
N LEU A 813 -19.79 49.19 22.65
CA LEU A 813 -19.25 47.86 22.38
C LEU A 813 -20.04 46.88 23.21
N ASP A 814 -20.51 45.80 22.58
CA ASP A 814 -21.32 44.75 23.24
C ASP A 814 -20.45 43.92 24.23
N PRO A 815 -20.68 44.06 25.55
CA PRO A 815 -20.00 43.30 26.60
C PRO A 815 -20.05 41.77 26.42
N ALA A 816 -21.20 41.26 25.98
CA ALA A 816 -21.36 39.84 25.74
C ALA A 816 -20.37 39.35 24.68
N TRP A 817 -20.20 40.13 23.60
CA TRP A 817 -19.24 39.80 22.53
C TRP A 817 -17.82 39.94 22.99
N ILE A 818 -17.55 40.97 23.79
CA ILE A 818 -16.22 41.08 24.40
C ILE A 818 -15.96 39.78 25.20
N ARG A 819 -16.90 39.35 26.05
CA ARG A 819 -16.69 38.13 26.85
C ARG A 819 -16.50 36.88 25.98
N ARG A 820 -17.30 36.74 24.90
CA ARG A 820 -17.16 35.60 23.99
C ARG A 820 -15.78 35.57 23.32
N ILE A 821 -15.29 36.73 22.88
CA ILE A 821 -13.93 36.79 22.31
C ILE A 821 -12.85 36.54 23.37
N SER A 822 -13.02 37.09 24.57
CA SER A 822 -12.13 36.81 25.66
C SER A 822 -12.09 35.31 26.01
N PHE A 823 -13.23 34.62 26.00
CA PHE A 823 -13.24 33.19 26.30
C PHE A 823 -12.41 32.46 25.23
N TYR A 824 -12.51 32.93 23.99
CA TYR A 824 -11.67 32.38 22.89
C TYR A 824 -10.17 32.62 23.22
N TRP A 825 -9.80 33.83 23.62
CA TRP A 825 -8.40 34.12 23.97
C TRP A 825 -7.86 33.31 25.20
N GLU A 826 -8.77 33.04 26.14
CA GLU A 826 -8.45 32.25 27.31
C GLU A 826 -8.09 30.82 26.83
N ALA A 827 -8.90 30.25 25.95
CA ALA A 827 -8.58 28.91 25.50
C ALA A 827 -7.28 28.92 24.64
N VAL A 828 -7.08 29.98 23.85
CA VAL A 828 -5.84 30.10 23.04
C VAL A 828 -4.63 30.18 24.02
N ARG A 829 -4.73 31.02 25.04
CA ARG A 829 -3.62 31.26 25.97
C ARG A 829 -3.16 30.01 26.68
N ASN A 830 -4.10 29.13 26.98
CA ASN A 830 -3.80 27.85 27.61
C ASN A 830 -2.77 27.00 26.81
N GLN A 831 -2.71 27.21 25.50
CA GLN A 831 -1.80 26.43 24.63
C GLN A 831 -0.34 26.89 24.80
N TYR A 832 -0.18 28.09 25.39
CA TYR A 832 1.10 28.75 25.56
C TYR A 832 1.62 28.67 27.01
N ALA A 833 1.27 27.60 27.71
CA ALA A 833 1.72 27.41 29.07
C ALA A 833 3.26 27.51 29.20
N ALA A 834 3.98 27.05 28.17
CA ALA A 834 5.46 27.14 28.19
C ALA A 834 5.99 28.54 28.43
N PHE A 835 5.21 29.57 28.06
CA PHE A 835 5.67 30.97 28.00
C PHE A 835 5.12 31.87 29.08
N GLU A 836 4.42 31.28 30.05
CA GLU A 836 3.84 32.09 31.17
C GLU A 836 5.01 32.45 32.10
N SER A 837 4.92 33.62 32.74
CA SER A 837 5.88 33.99 33.76
C SER A 837 5.30 33.66 35.12
N ASP A 838 6.13 33.76 36.15
CA ASP A 838 5.70 33.51 37.51
CA ASP A 838 5.69 33.50 37.52
C ASP A 838 5.16 34.77 38.24
N LEU A 839 4.69 35.76 37.48
CA LEU A 839 4.17 37.00 38.13
C LEU A 839 2.77 36.77 38.76
N LYS A 840 2.61 37.22 39.99
CA LYS A 840 1.39 36.87 40.72
C LYS A 840 0.33 37.95 40.76
N GLY A 841 0.73 39.23 40.72
CA GLY A 841 -0.25 40.29 40.84
C GLY A 841 0.32 41.69 40.79
N PRO A 842 -0.49 42.67 41.23
CA PRO A 842 -0.16 44.10 41.24
C PRO A 842 1.15 44.33 42.01
N ALA A 843 1.84 45.42 41.68
CA ALA A 843 3.05 45.80 42.43
C ALA A 843 3.20 47.30 42.43
N SER A 844 3.06 47.94 43.59
CA SER A 844 3.29 49.36 43.66
C SER A 844 4.80 49.68 43.58
N GLU A 845 5.62 48.61 43.61
CA GLU A 845 7.04 48.74 43.42
C GLU A 845 7.35 49.40 42.07
N VAL A 846 6.44 49.31 41.11
CA VAL A 846 6.59 49.96 39.82
C VAL A 846 6.85 51.46 39.93
N TYR A 847 6.29 52.10 40.97
CA TYR A 847 6.45 53.53 41.11
C TYR A 847 7.87 53.86 41.57
N LEU A 848 8.53 52.90 42.22
CA LEU A 848 9.96 53.04 42.55
C LEU A 848 10.84 52.82 41.32
N HIS A 849 10.72 51.66 40.68
CA HIS A 849 11.66 51.34 39.63
C HIS A 849 11.37 51.94 38.24
N GLU A 850 10.09 52.04 37.88
CA GLU A 850 9.70 52.54 36.55
C GLU A 850 10.16 51.63 35.40
N MET A 851 10.28 50.32 35.66
CA MET A 851 10.49 49.40 34.53
C MET A 851 9.24 49.26 33.69
N PRO A 852 9.40 49.35 32.35
CA PRO A 852 8.28 49.17 31.48
C PRO A 852 7.69 47.77 31.69
N GLY A 853 6.38 47.69 31.48
CA GLY A 853 5.62 46.47 31.72
C GLY A 853 6.16 45.41 30.80
N GLY A 854 6.50 45.81 29.56
CA GLY A 854 7.14 44.91 28.57
C GLY A 854 8.57 44.44 28.90
N GLN A 855 9.17 45.04 29.92
CA GLN A 855 10.56 44.72 30.27
C GLN A 855 10.58 43.84 31.48
N PHE A 856 9.61 44.05 32.40
CA PHE A 856 9.65 43.49 33.77
C PHE A 856 10.07 41.99 33.89
N THR A 857 9.38 41.14 33.17
CA THR A 857 9.60 39.69 33.24
C THR A 857 10.94 39.31 32.62
N ASN A 858 11.27 39.97 31.52
CA ASN A 858 12.56 39.72 30.84
C ASN A 858 13.72 40.02 31.75
N LEU A 859 13.60 41.13 32.49
CA LEU A 859 14.69 41.59 33.33
C LEU A 859 14.80 40.71 34.55
N LYS A 860 13.67 40.33 35.11
CA LYS A 860 13.67 39.39 36.24
C LYS A 860 14.27 38.01 35.84
N GLU A 861 13.92 37.53 34.65
CA GLU A 861 14.50 36.28 34.11
C GLU A 861 16.01 36.39 33.89
N GLN A 862 16.48 37.51 33.31
CA GLN A 862 17.91 37.83 33.26
C GLN A 862 18.60 37.88 34.65
N ALA A 863 18.01 38.58 35.61
CA ALA A 863 18.58 38.60 36.94
C ALA A 863 18.75 37.16 37.45
N ARG A 864 17.73 36.33 37.26
CA ARG A 864 17.78 34.95 37.76
C ARG A 864 18.96 34.19 37.12
N SER A 865 19.12 34.35 35.80
CA SER A 865 20.20 33.72 35.06
C SER A 865 21.59 34.20 35.46
N LEU A 866 21.66 35.40 36.03
CA LEU A 866 22.93 35.91 36.50
C LEU A 866 23.19 35.57 37.96
N GLY A 867 22.29 34.78 38.55
CA GLY A 867 22.47 34.37 39.95
C GLY A 867 21.97 35.39 40.96
N LEU A 868 21.12 36.31 40.51
CA LEU A 868 20.63 37.43 41.34
C LEU A 868 19.14 37.32 41.74
N GLU A 869 18.52 36.17 41.50
CA GLU A 869 17.06 35.99 41.78
C GLU A 869 16.76 36.43 43.23
N THR A 870 17.68 36.16 44.16
CA THR A 870 17.41 36.46 45.56
C THR A 870 17.69 37.93 45.89
N ARG A 871 18.22 38.69 44.93
CA ARG A 871 18.50 40.10 45.19
C ARG A 871 17.71 40.94 44.23
N TRP A 872 16.61 40.39 43.72
CA TRP A 872 15.72 41.10 42.78
C TRP A 872 15.30 42.46 43.26
N HIS A 873 14.92 42.59 44.52
CA HIS A 873 14.46 43.91 44.98
C HIS A 873 15.64 44.90 45.04
N GLN A 874 16.83 44.36 45.28
CA GLN A 874 18.08 45.14 45.19
C GLN A 874 18.35 45.63 43.74
N VAL A 875 18.07 44.77 42.75
CA VAL A 875 18.17 45.14 41.36
C VAL A 875 17.18 46.27 41.02
N ALA A 876 15.94 46.15 41.50
CA ALA A 876 14.92 47.17 41.27
C ALA A 876 15.36 48.52 41.85
N GLN A 877 15.98 48.53 43.02
CA GLN A 877 16.52 49.77 43.60
C GLN A 877 17.71 50.29 42.79
N ALA A 878 18.62 49.39 42.36
CA ALA A 878 19.75 49.81 41.53
C ALA A 878 19.24 50.42 40.22
N TYR A 879 18.15 49.90 39.69
CA TYR A 879 17.50 50.44 38.49
C TYR A 879 17.03 51.89 38.70
N ALA A 880 16.31 52.12 39.81
CA ALA A 880 15.96 53.49 40.20
C ALA A 880 17.19 54.42 40.37
N ASP A 881 18.23 53.96 41.11
CA ASP A 881 19.41 54.77 41.30
C ASP A 881 20.14 55.05 40.00
N ALA A 882 20.25 54.02 39.16
CA ALA A 882 20.89 54.14 37.84
C ALA A 882 20.13 55.14 36.93
N ASN A 883 18.81 55.08 36.94
CA ASN A 883 18.02 56.07 36.22
C ASN A 883 18.40 57.53 36.59
N GLN A 884 18.53 57.81 37.90
CA GLN A 884 18.90 59.14 38.36
C GLN A 884 20.34 59.47 37.96
N MET A 885 21.22 58.48 38.03
CA MET A 885 22.62 58.64 37.60
C MET A 885 22.76 59.10 36.13
N PHE A 886 21.92 58.53 35.26
CA PHE A 886 21.84 58.91 33.84
C PHE A 886 21.17 60.26 33.62
N GLY A 887 20.67 60.87 34.70
CA GLY A 887 20.09 62.21 34.62
C GLY A 887 18.57 62.22 34.74
N ASP A 888 17.98 61.05 35.01
CA ASP A 888 16.53 60.83 35.11
C ASP A 888 15.94 60.87 33.70
N ILE A 889 15.87 59.69 33.07
CA ILE A 889 15.58 59.63 31.67
C ILE A 889 14.30 58.83 31.40
N VAL A 890 13.81 58.95 30.18
CA VAL A 890 12.73 58.11 29.74
C VAL A 890 13.23 56.68 29.50
N LYS A 891 12.51 55.69 30.08
CA LYS A 891 12.94 54.30 29.98
C LYS A 891 11.92 53.46 29.27
N VAL A 892 12.23 53.17 28.01
CA VAL A 892 11.36 52.34 27.18
C VAL A 892 12.36 51.77 26.15
N THR A 893 12.04 50.66 25.48
CA THR A 893 12.98 50.06 24.52
CA THR A 893 13.03 50.08 24.57
C THR A 893 13.54 51.09 23.53
N PRO A 894 14.90 51.18 23.36
CA PRO A 894 16.02 50.49 24.06
C PRO A 894 16.64 51.12 25.30
N SER A 895 16.28 52.36 25.66
CA SER A 895 16.91 52.98 26.83
C SER A 895 16.67 52.14 28.08
N SER A 896 15.53 51.44 28.15
CA SER A 896 15.18 50.72 29.37
C SER A 896 16.19 49.58 29.56
N LYS A 897 16.58 48.96 28.47
CA LYS A 897 17.58 47.89 28.51
C LYS A 897 18.92 48.36 29.05
N VAL A 898 19.31 49.58 28.69
CA VAL A 898 20.56 50.16 29.15
C VAL A 898 20.54 50.31 30.67
N VAL A 899 19.44 50.83 31.21
CA VAL A 899 19.31 51.02 32.64
C VAL A 899 19.29 49.64 33.33
N GLY A 900 18.67 48.66 32.67
CA GLY A 900 18.68 47.27 33.17
C GLY A 900 20.08 46.70 33.27
N ASP A 901 20.85 46.85 32.21
CA ASP A 901 22.25 46.38 32.19
C ASP A 901 23.05 47.04 33.28
N MET A 902 22.83 48.34 33.45
CA MET A 902 23.59 49.08 34.48
CA MET A 902 23.59 49.08 34.46
C MET A 902 23.27 48.58 35.88
N ALA A 903 21.97 48.41 36.17
CA ALA A 903 21.47 47.90 37.46
C ALA A 903 22.01 46.51 37.78
N LEU A 904 21.95 45.60 36.82
CA LEU A 904 22.54 44.25 37.00
C LEU A 904 23.98 44.29 37.34
N MET A 905 24.75 45.15 36.66
CA MET A 905 26.16 45.26 36.98
C MET A 905 26.41 45.86 38.36
N MET A 906 25.61 46.86 38.71
CA MET A 906 25.76 47.45 40.04
C MET A 906 25.51 46.42 41.15
N VAL A 907 24.49 45.57 41.00
CA VAL A 907 24.24 44.54 42.02
C VAL A 907 25.33 43.43 41.99
N SER A 908 25.57 42.84 40.81
CA SER A 908 26.68 41.89 40.61
C SER A 908 28.01 42.33 41.28
N GLN A 909 28.41 43.59 41.08
CA GLN A 909 29.75 43.99 41.49
C GLN A 909 29.75 44.82 42.75
N ASP A 910 28.58 44.97 43.37
CA ASP A 910 28.44 45.82 44.55
C ASP A 910 28.97 47.23 44.30
N LEU A 911 28.41 47.91 43.31
CA LEU A 911 28.82 49.28 42.99
C LEU A 911 27.68 50.24 43.33
N THR A 912 27.96 51.22 44.16
CA THR A 912 27.00 52.32 44.35
C THR A 912 27.13 53.28 43.14
N VAL A 913 26.15 54.17 42.97
CA VAL A 913 26.26 55.25 41.98
C VAL A 913 27.57 56.06 42.16
N ALA A 914 27.94 56.35 43.40
CA ALA A 914 29.20 57.02 43.68
C ALA A 914 30.42 56.22 43.19
N ASP A 915 30.41 54.91 43.42
CA ASP A 915 31.45 54.03 42.89
C ASP A 915 31.46 54.12 41.36
N VAL A 916 30.29 53.99 40.76
CA VAL A 916 30.17 54.03 39.29
C VAL A 916 30.80 55.32 38.70
N VAL A 917 30.53 56.49 39.31
CA VAL A 917 30.99 57.74 38.70
C VAL A 917 32.39 58.21 39.15
N SER A 918 32.90 57.65 40.25
CA SER A 918 34.14 58.11 40.85
C SER A 918 35.36 57.98 39.93
N PRO A 919 36.26 58.99 39.96
CA PRO A 919 37.51 58.90 39.21
C PRO A 919 38.47 57.82 39.68
N ASP A 920 38.26 57.24 40.86
CA ASP A 920 39.23 56.24 41.37
C ASP A 920 38.71 54.81 41.54
N ARG A 921 37.58 54.49 40.91
CA ARG A 921 37.15 53.11 40.85
C ARG A 921 36.98 52.73 39.38
N GLU A 922 37.76 51.76 38.92
CA GLU A 922 37.69 51.29 37.53
C GLU A 922 36.40 50.51 37.33
N VAL A 923 35.73 50.77 36.23
CA VAL A 923 34.49 50.07 35.93
C VAL A 923 34.53 49.76 34.43
N SER A 924 34.19 48.53 34.07
CA SER A 924 33.97 48.17 32.68
C SER A 924 32.49 48.25 32.40
N PHE A 925 32.05 49.36 31.81
CA PHE A 925 30.62 49.61 31.61
C PHE A 925 30.03 48.63 30.61
N PRO A 926 28.75 48.28 30.77
CA PRO A 926 28.10 47.45 29.75
C PRO A 926 28.15 48.20 28.40
N GLU A 927 28.27 47.47 27.30
CA GLU A 927 28.30 48.01 25.91
CA GLU A 927 28.39 48.12 26.00
C GLU A 927 27.12 48.90 25.62
N SER A 928 25.95 48.52 26.17
CA SER A 928 24.74 49.28 25.94
C SER A 928 24.85 50.66 26.57
N VAL A 929 25.51 50.73 27.71
CA VAL A 929 25.74 51.97 28.43
C VAL A 929 26.73 52.87 27.70
N VAL A 930 27.83 52.28 27.25
CA VAL A 930 28.84 53.02 26.48
C VAL A 930 28.17 53.62 25.24
N SER A 931 27.40 52.81 24.53
CA SER A 931 26.76 53.23 23.28
C SER A 931 25.73 54.34 23.51
N MET A 932 24.92 54.21 24.57
CA MET A 932 23.98 55.25 24.94
C MET A 932 24.68 56.58 25.26
N LEU A 933 25.70 56.54 26.09
CA LEU A 933 26.40 57.77 26.47
C LEU A 933 27.16 58.35 25.28
N LYS A 934 27.57 57.48 24.36
CA LYS A 934 28.21 57.93 23.11
C LYS A 934 27.25 58.77 22.26
N GLY A 935 25.97 58.38 22.22
CA GLY A 935 24.94 59.12 21.51
C GLY A 935 24.05 58.28 20.61
N ASP A 936 24.25 56.97 20.60
CA ASP A 936 23.59 56.08 19.66
C ASP A 936 22.09 56.00 19.85
N LEU A 937 21.59 56.39 21.02
CA LEU A 937 20.13 56.32 21.29
C LEU A 937 19.47 57.71 21.15
N GLY A 938 20.30 58.73 20.87
CA GLY A 938 19.84 60.12 20.81
C GLY A 938 20.19 60.90 22.07
N GLN A 939 19.52 62.03 22.24
CA GLN A 939 19.86 63.00 23.24
C GLN A 939 18.66 63.25 24.14
N PRO A 940 18.87 63.14 25.47
CA PRO A 940 17.88 63.54 26.45
C PRO A 940 17.92 65.08 26.59
N PRO A 941 16.83 65.69 27.08
CA PRO A 941 16.70 67.15 26.93
C PRO A 941 17.82 67.87 27.64
N SER A 942 18.41 67.17 28.60
CA SER A 942 19.44 67.71 29.45
C SER A 942 20.85 67.44 28.91
N GLY A 943 20.99 66.61 27.87
CA GLY A 943 22.28 66.02 27.52
C GLY A 943 22.60 64.92 28.53
N TRP A 944 23.68 64.17 28.29
CA TRP A 944 24.20 63.12 29.20
C TRP A 944 25.11 63.69 30.27
N PRO A 945 25.05 63.16 31.53
CA PRO A 945 25.96 63.65 32.60
C PRO A 945 27.43 63.53 32.20
N GLU A 946 28.19 64.63 32.31
CA GLU A 946 29.52 64.72 31.71
C GLU A 946 30.54 63.77 32.33
N ALA A 947 30.59 63.73 33.66
CA ALA A 947 31.60 62.88 34.35
C ALA A 947 31.40 61.36 34.11
N LEU A 948 30.16 60.90 34.20
CA LEU A 948 29.84 59.55 33.82
C LEU A 948 30.19 59.26 32.37
N GLN A 949 29.79 60.14 31.45
CA GLN A 949 30.05 59.90 30.04
C GLN A 949 31.56 59.81 29.75
N LYS A 950 32.32 60.74 30.33
CA LYS A 950 33.78 60.72 30.16
C LYS A 950 34.39 59.42 30.67
N LYS A 951 33.99 59.01 31.88
CA LYS A 951 34.52 57.78 32.46
C LYS A 951 34.24 56.58 31.57
N ALA A 952 32.98 56.43 31.17
CA ALA A 952 32.50 55.29 30.38
C ALA A 952 33.09 55.22 28.97
N LEU A 953 33.32 56.36 28.33
CA LEU A 953 33.76 56.35 26.93
C LEU A 953 35.25 56.05 26.75
N LYS A 954 36.02 56.14 27.83
CA LYS A 954 37.45 55.80 27.82
C LYS A 954 38.17 56.40 26.61
N GLY A 955 37.93 57.68 26.35
CA GLY A 955 38.63 58.38 25.27
C GLY A 955 37.89 58.48 23.94
N GLU A 956 36.84 57.69 23.72
CA GLU A 956 36.03 57.80 22.51
C GLU A 956 35.21 59.07 22.62
N LYS A 957 35.13 59.84 21.53
CA LYS A 957 34.38 61.11 21.53
C LYS A 957 32.87 60.86 21.42
N PRO A 958 32.05 61.54 22.24
CA PRO A 958 30.60 61.37 22.06
C PRO A 958 30.07 62.27 20.93
N TYR A 959 28.87 62.01 20.43
CA TYR A 959 28.24 62.93 19.46
C TYR A 959 26.85 63.31 19.98
N THR A 960 26.37 64.50 19.60
CA THR A 960 25.07 64.96 20.10
C THR A 960 24.03 65.13 18.97
N VAL A 961 24.43 64.81 17.75
CA VAL A 961 23.48 64.84 16.61
C VAL A 961 22.60 63.58 16.54
N ARG A 962 21.57 63.65 15.70
CA ARG A 962 20.65 62.56 15.43
C ARG A 962 21.48 61.41 14.88
N PRO A 963 21.41 60.22 15.51
CA PRO A 963 22.27 59.11 15.09
C PRO A 963 22.17 58.78 13.61
N GLY A 964 20.97 58.84 13.05
CA GLY A 964 20.76 58.48 11.65
C GLY A 964 21.39 59.41 10.64
N SER A 965 21.67 60.64 11.09
CA SER A 965 22.35 61.65 10.25
C SER A 965 23.83 61.31 9.96
N LEU A 966 24.36 60.34 10.73
CA LEU A 966 25.75 59.88 10.58
C LEU A 966 25.89 58.63 9.73
N LEU A 967 24.75 58.04 9.36
CA LEU A 967 24.74 56.79 8.61
C LEU A 967 24.46 57.21 7.21
N LYS A 968 24.98 56.55 6.19
CA LYS A 968 24.88 57.28 4.93
C LYS A 968 23.49 57.11 4.29
N GLU A 969 23.48 56.57 3.09
CA GLU A 969 22.29 56.06 2.49
C GLU A 969 22.72 54.61 2.26
N ALA A 970 21.83 53.65 2.51
CA ALA A 970 22.14 52.30 2.14
C ALA A 970 22.02 52.19 0.63
N ASP A 971 22.80 51.31 0.02
CA ASP A 971 22.70 51.06 -1.43
C ASP A 971 21.67 49.92 -1.59
N LEU A 972 20.40 50.29 -1.78
CA LEU A 972 19.32 49.30 -1.72
C LEU A 972 19.32 48.30 -2.89
N ASP A 973 19.73 48.72 -4.09
CA ASP A 973 19.79 47.78 -5.20
C ASP A 973 20.90 46.74 -4.97
N ALA A 974 22.02 47.16 -4.38
CA ALA A 974 23.11 46.23 -4.04
C ALA A 974 22.75 45.30 -2.88
N GLU A 975 22.10 45.84 -1.84
CA GLU A 975 21.64 44.99 -0.74
C GLU A 975 20.63 43.95 -1.21
N ARG A 976 19.74 44.35 -2.10
CA ARG A 976 18.76 43.43 -2.71
C ARG A 976 19.47 42.26 -3.44
N LYS A 977 20.51 42.57 -4.21
CA LYS A 977 21.25 41.52 -4.92
C LYS A 977 21.97 40.55 -3.95
N VAL A 978 22.44 41.06 -2.80
CA VAL A 978 23.06 40.21 -1.79
C VAL A 978 22.11 39.12 -1.25
N ILE A 979 20.91 39.52 -0.79
CA ILE A 979 19.96 38.54 -0.29
C ILE A 979 19.43 37.63 -1.42
N GLU A 980 19.18 38.20 -2.58
CA GLU A 980 18.72 37.41 -3.71
C GLU A 980 19.73 36.35 -4.16
N LYS A 981 21.01 36.70 -4.23
CA LYS A 981 22.06 35.72 -4.50
C LYS A 981 22.11 34.61 -3.44
N LYS A 982 22.07 35.00 -2.16
CA LYS A 982 22.14 34.05 -1.05
C LYS A 982 20.98 33.05 -1.10
N LEU A 983 19.77 33.55 -1.31
CA LEU A 983 18.60 32.67 -1.38
C LEU A 983 18.43 32.00 -2.76
N GLU A 984 19.19 32.48 -3.74
CA GLU A 984 19.15 31.94 -5.11
C GLU A 984 17.78 32.15 -5.79
N ARG A 985 17.16 33.30 -5.52
CA ARG A 985 15.86 33.62 -6.07
C ARG A 985 15.59 35.08 -5.83
N GLU A 986 14.59 35.62 -6.51
CA GLU A 986 14.12 36.95 -6.23
C GLU A 986 13.38 36.94 -4.92
N VAL A 987 13.43 38.04 -4.20
CA VAL A 987 12.63 38.16 -3.00
C VAL A 987 11.61 39.28 -3.24
N SER A 988 10.52 39.29 -2.48
CA SER A 988 9.51 40.33 -2.62
C SER A 988 10.00 41.60 -1.93
N ASP A 989 9.36 42.74 -2.21
CA ASP A 989 9.70 43.96 -1.48
C ASP A 989 9.50 43.79 0.02
N PHE A 990 8.52 43.01 0.43
CA PHE A 990 8.27 42.80 1.88
C PHE A 990 9.40 42.00 2.50
N GLU A 991 9.80 40.93 1.81
CA GLU A 991 10.95 40.13 2.24
C GLU A 991 12.21 41.00 2.31
N PHE A 992 12.40 41.87 1.32
CA PHE A 992 13.55 42.76 1.35
C PHE A 992 13.50 43.69 2.58
N ALA A 993 12.34 44.27 2.89
CA ALA A 993 12.19 45.02 4.13
C ALA A 993 12.56 44.21 5.41
N SER A 994 12.15 42.93 5.45
CA SER A 994 12.50 42.00 6.54
C SER A 994 14.04 41.85 6.63
N TYR A 995 14.69 41.62 5.51
CA TYR A 995 16.13 41.48 5.44
C TYR A 995 16.89 42.77 5.88
N LEU A 996 16.38 43.95 5.50
CA LEU A 996 16.95 45.24 5.90
C LEU A 996 16.92 45.45 7.41
N MET A 997 15.80 45.06 8.02
CA MET A 997 15.63 45.15 9.45
C MET A 997 16.40 44.06 10.20
N TYR A 998 16.26 42.80 9.75
CA TYR A 998 16.85 41.64 10.50
C TYR A 998 17.51 40.69 9.52
N PRO A 999 18.70 41.04 9.04
CA PRO A 999 19.32 40.25 7.99
C PRO A 999 19.50 38.77 8.30
N LYS A 1000 20.05 38.44 9.45
CA LYS A 1000 20.33 37.04 9.78
C LYS A 1000 19.02 36.31 10.07
N VAL A 1001 18.14 36.91 10.87
CA VAL A 1001 16.84 36.32 11.22
C VAL A 1001 15.98 36.06 9.97
N PHE A 1002 15.91 37.04 9.06
CA PHE A 1002 15.21 36.81 7.82
C PHE A 1002 15.84 35.69 7.01
N THR A 1003 17.17 35.72 6.88
CA THR A 1003 17.82 34.67 6.09
C THR A 1003 17.52 33.29 6.65
N ASP A 1004 17.69 33.12 7.96
CA ASP A 1004 17.40 31.85 8.63
C ASP A 1004 15.93 31.43 8.40
N PHE A 1005 15.02 32.39 8.52
CA PHE A 1005 13.59 32.11 8.31
C PHE A 1005 13.33 31.65 6.86
N ALA A 1006 13.87 32.35 5.86
CA ALA A 1006 13.61 31.99 4.45
C ALA A 1006 14.11 30.58 4.16
N LEU A 1007 15.26 30.22 4.73
CA LEU A 1007 15.82 28.89 4.56
C LEU A 1007 15.00 27.81 5.29
N ALA A 1008 14.53 28.10 6.50
CA ALA A 1008 13.64 27.17 7.21
C ALA A 1008 12.27 27.04 6.48
N SER A 1009 11.78 28.14 5.89
CA SER A 1009 10.55 28.08 5.08
C SER A 1009 10.69 27.18 3.85
N ASP A 1010 11.88 27.20 3.24
CA ASP A 1010 12.19 26.32 2.12
CA ASP A 1010 12.16 26.32 2.12
C ASP A 1010 12.13 24.84 2.51
N THR A 1011 12.53 24.53 3.73
CA THR A 1011 12.58 23.14 4.18
C THR A 1011 11.21 22.69 4.69
N TYR A 1012 10.58 23.53 5.49
CA TYR A 1012 9.40 23.11 6.25
C TYR A 1012 8.05 23.55 5.71
N GLY A 1013 8.05 24.46 4.74
CA GLY A 1013 6.82 24.94 4.16
C GLY A 1013 6.04 25.86 5.09
N PRO A 1014 4.72 26.00 4.85
CA PRO A 1014 3.90 27.01 5.56
C PRO A 1014 3.49 26.58 6.94
N VAL A 1015 4.45 26.40 7.85
CA VAL A 1015 4.11 25.87 9.18
C VAL A 1015 3.14 26.79 9.97
N SER A 1016 3.07 28.05 9.57
CA SER A 1016 2.10 28.96 10.21
C SER A 1016 0.66 28.43 10.12
N VAL A 1017 0.39 27.53 9.17
CA VAL A 1017 -0.99 27.02 9.02
C VAL A 1017 -1.31 25.89 10.00
N LEU A 1018 -0.28 25.36 10.67
CA LEU A 1018 -0.52 24.29 11.67
C LEU A 1018 -1.14 24.86 12.94
N PRO A 1019 -2.09 24.12 13.57
CA PRO A 1019 -2.60 24.49 14.90
C PRO A 1019 -1.42 24.59 15.89
N THR A 1020 -1.59 25.43 16.90
CA THR A 1020 -0.49 25.67 17.85
C THR A 1020 0.07 24.45 18.58
N PRO A 1021 -0.81 23.54 19.07
CA PRO A 1021 -0.21 22.37 19.77
C PRO A 1021 0.68 21.51 18.84
N ALA A 1022 0.27 21.40 17.57
CA ALA A 1022 1.10 20.66 16.57
C ALA A 1022 2.37 21.41 16.24
N TYR A 1023 2.29 22.75 16.16
CA TYR A 1023 3.50 23.54 15.93
C TYR A 1023 4.58 23.29 17.01
N PHE A 1024 4.18 23.40 18.27
CA PHE A 1024 5.16 23.27 19.38
C PHE A 1024 5.49 21.83 19.81
N TYR A 1025 4.52 20.93 19.67
CA TYR A 1025 4.65 19.51 20.18
C TYR A 1025 4.44 18.39 19.17
N GLY A 1026 4.05 18.73 17.94
CA GLY A 1026 3.85 17.70 16.90
C GLY A 1026 2.59 16.91 17.16
N LEU A 1027 2.53 15.70 16.62
CA LEU A 1027 1.36 14.81 16.80
C LEU A 1027 1.67 13.62 17.70
N ALA A 1028 0.82 13.38 18.69
CA ALA A 1028 0.87 12.11 19.45
C ALA A 1028 0.46 10.91 18.56
N ASP A 1029 0.75 9.72 19.05
CA ASP A 1029 0.50 8.57 18.21
C ASP A 1029 -1.00 8.39 18.10
N GLY A 1030 -1.46 8.22 16.87
CA GLY A 1030 -2.90 8.15 16.60
C GLY A 1030 -3.63 9.48 16.48
N GLU A 1031 -2.93 10.60 16.77
CA GLU A 1031 -3.56 11.93 16.75
C GLU A 1031 -3.73 12.44 15.31
N GLU A 1032 -4.84 13.15 15.09
CA GLU A 1032 -5.22 13.71 13.78
C GLU A 1032 -5.26 15.22 13.88
N LEU A 1033 -4.77 15.90 12.85
N LEU A 1033 -4.91 15.87 12.78
CA LEU A 1033 -4.96 17.35 12.71
CA LEU A 1033 -4.89 17.31 12.65
C LEU A 1033 -5.53 17.69 11.33
C LEU A 1033 -5.47 17.72 11.28
N PHE A 1034 -6.12 18.90 11.24
CA PHE A 1034 -6.59 19.49 9.99
C PHE A 1034 -5.72 20.72 9.78
N ALA A 1035 -5.20 20.92 8.57
CA ALA A 1035 -4.47 22.16 8.27
C ALA A 1035 -4.88 22.68 6.94
N ASP A 1036 -5.12 23.98 6.84
CA ASP A 1036 -5.44 24.60 5.56
C ASP A 1036 -4.22 25.21 4.93
N ILE A 1037 -3.71 24.62 3.86
CA ILE A 1037 -2.59 25.25 3.14
C ILE A 1037 -3.02 26.47 2.39
N GLU A 1038 -4.27 26.44 1.92
CA GLU A 1038 -4.95 27.65 1.49
C GLU A 1038 -6.46 27.50 1.71
N LYS A 1039 -7.21 28.56 1.45
N LYS A 1039 -7.20 28.56 1.47
CA LYS A 1039 -8.66 28.50 1.57
CA LYS A 1039 -8.67 28.51 1.54
C LYS A 1039 -9.21 27.41 0.64
C LYS A 1039 -9.13 27.35 0.64
N GLY A 1040 -9.89 26.42 1.23
CA GLY A 1040 -10.54 25.32 0.49
C GLY A 1040 -9.64 24.13 0.25
N LYS A 1041 -8.47 24.15 0.87
CA LYS A 1041 -7.49 23.08 0.73
C LYS A 1041 -7.07 22.60 2.09
N THR A 1042 -7.93 21.77 2.69
CA THR A 1042 -7.79 21.29 4.04
C THR A 1042 -7.19 19.92 4.03
N LEU A 1043 -6.05 19.75 4.71
CA LEU A 1043 -5.39 18.45 4.76
C LEU A 1043 -5.76 17.77 6.04
N VAL A 1044 -5.92 16.46 5.99
CA VAL A 1044 -6.15 15.73 7.19
C VAL A 1044 -4.89 14.91 7.36
N ILE A 1045 -4.25 15.08 8.52
CA ILE A 1045 -2.98 14.43 8.84
C ILE A 1045 -3.12 13.57 10.12
N VAL A 1046 -2.73 12.31 10.06
CA VAL A 1046 -2.70 11.44 11.22
C VAL A 1046 -1.29 10.87 11.47
N ASN A 1047 -0.82 10.89 12.72
CA ASN A 1047 0.39 10.14 13.10
C ASN A 1047 0.03 8.69 13.38
N GLN A 1048 0.35 7.78 12.44
CA GLN A 1048 0.01 6.36 12.52
C GLN A 1048 1.02 5.57 13.39
N ALA A 1049 2.32 5.83 13.19
CA ALA A 1049 3.39 5.05 13.87
C ALA A 1049 4.68 5.81 13.76
N VAL A 1050 5.58 5.58 14.71
CA VAL A 1050 6.93 6.17 14.70
C VAL A 1050 7.89 5.02 14.90
N SER A 1051 8.85 4.85 13.99
CA SER A 1051 9.78 3.75 14.07
C SER A 1051 10.86 3.97 15.13
N ALA A 1052 11.56 2.90 15.46
CA ALA A 1052 12.85 3.00 16.16
C ALA A 1052 13.82 3.71 15.21
N THR A 1053 14.83 4.35 15.77
CA THR A 1053 15.93 4.87 14.97
C THR A 1053 16.55 3.69 14.18
N ASP A 1054 16.87 3.92 12.91
CA ASP A 1054 17.51 2.90 12.09
C ASP A 1054 19.02 3.11 12.10
N SER A 1055 19.71 2.23 11.41
CA SER A 1055 21.17 2.18 11.37
C SER A 1055 21.79 3.44 10.78
N GLN A 1056 20.96 4.25 10.13
CA GLN A 1056 21.41 5.52 9.57
C GLN A 1056 21.13 6.72 10.49
N GLY A 1057 20.57 6.45 11.67
CA GLY A 1057 20.26 7.51 12.62
C GLY A 1057 18.97 8.26 12.34
N MET A 1058 18.13 7.65 11.48
CA MET A 1058 16.87 8.24 11.00
C MET A 1058 15.65 7.57 11.64
N VAL A 1059 14.65 8.38 11.97
CA VAL A 1059 13.40 7.87 12.46
C VAL A 1059 12.37 8.05 11.33
N THR A 1060 11.58 7.01 11.03
CA THR A 1060 10.44 7.12 10.09
C THR A 1060 9.12 7.35 10.82
N VAL A 1061 8.42 8.45 10.47
CA VAL A 1061 7.09 8.70 10.98
C VAL A 1061 6.16 8.28 9.84
N PHE A 1062 5.24 7.36 10.16
CA PHE A 1062 4.30 6.82 9.16
C PHE A 1062 3.06 7.68 9.33
N PHE A 1063 2.84 8.60 8.40
CA PHE A 1063 1.65 9.47 8.43
C PHE A 1063 0.55 8.91 7.57
N GLU A 1064 -0.68 9.30 7.86
CA GLU A 1064 -1.76 9.19 6.83
C GLU A 1064 -2.09 10.64 6.43
N LEU A 1065 -2.04 10.92 5.14
CA LEU A 1065 -2.26 12.30 4.67
C LEU A 1065 -3.40 12.19 3.69
N ASN A 1066 -4.51 12.87 3.96
CA ASN A 1066 -5.68 12.74 3.11
C ASN A 1066 -6.02 11.28 2.81
N GLY A 1067 -5.82 10.44 3.82
CA GLY A 1067 -6.18 9.02 3.71
C GLY A 1067 -5.11 8.13 3.10
N GLN A 1068 -3.96 8.70 2.73
CA GLN A 1068 -2.93 7.90 2.02
C GLN A 1068 -1.68 7.86 2.88
N PRO A 1069 -1.02 6.70 2.93
CA PRO A 1069 0.19 6.56 3.70
C PRO A 1069 1.35 7.39 3.14
N ARG A 1070 2.06 8.04 4.02
CA ARG A 1070 3.24 8.79 3.64
C ARG A 1070 4.28 8.51 4.73
N ARG A 1071 5.45 8.04 4.35
CA ARG A 1071 6.58 7.84 5.28
C ARG A 1071 7.55 8.99 5.14
N ILE A 1072 7.92 9.58 6.26
CA ILE A 1072 8.81 10.72 6.30
C ILE A 1072 9.95 10.38 7.26
N LYS A 1073 11.19 10.53 6.81
CA LYS A 1073 12.38 10.26 7.66
C LYS A 1073 12.98 11.56 8.14
N VAL A 1074 13.30 11.62 9.43
CA VAL A 1074 14.06 12.75 9.98
C VAL A 1074 15.22 12.23 10.85
N PRO A 1075 16.31 13.05 10.99
CA PRO A 1075 17.40 12.60 11.88
C PRO A 1075 16.92 12.54 13.32
N ASP A 1076 17.37 11.54 14.05
CA ASP A 1076 17.15 11.44 15.47
C ASP A 1076 18.19 12.31 16.22
N ARG A 1077 18.04 13.62 16.06
CA ARG A 1077 18.91 14.60 16.69
C ARG A 1077 18.91 14.51 18.21
N ALA A 1078 17.80 14.03 18.75
CA ALA A 1078 17.59 13.89 20.20
C ALA A 1078 18.57 12.88 20.80
N HIS A 1079 18.94 11.87 19.99
CA HIS A 1079 19.88 10.83 20.38
C HIS A 1079 21.23 10.93 19.67
N GLY A 1080 21.60 12.13 19.25
CA GLY A 1080 22.95 12.37 18.74
C GLY A 1080 23.19 12.18 17.24
N ALA A 1081 22.11 12.08 16.46
CA ALA A 1081 22.20 11.86 15.00
C ALA A 1081 22.11 13.14 14.11
N THR A 1082 22.57 14.28 14.61
CA THR A 1082 22.90 15.44 13.74
C THR A 1082 24.12 15.10 12.84
N GLY A 1083 23.93 15.13 11.52
CA GLY A 1083 25.00 14.76 10.57
C GLY A 1083 24.58 13.55 9.74
N ALA A 1084 23.28 13.41 9.58
CA ALA A 1084 22.69 12.14 9.25
C ALA A 1084 21.69 12.27 8.12
N ALA A 1085 21.80 11.35 7.16
CA ALA A 1085 20.71 11.00 6.21
C ALA A 1085 21.11 9.65 5.58
N VAL A 1086 22.03 8.99 6.30
CA VAL A 1086 23.36 8.60 5.80
C VAL A 1086 23.63 8.16 4.34
N ARG A 1087 23.14 6.99 3.92
CA ARG A 1087 23.48 6.34 2.61
C ARG A 1087 23.10 7.10 1.33
N ARG A 1088 24.11 7.53 0.56
CA ARG A 1088 23.91 7.91 -0.85
C ARG A 1088 23.53 6.58 -1.57
N LYS A 1089 22.53 6.49 -2.47
CA LYS A 1089 21.94 7.51 -3.39
C LYS A 1089 22.62 7.55 -4.79
N ALA A 1090 22.18 6.67 -5.69
CA ALA A 1090 22.69 6.62 -7.06
C ALA A 1090 21.91 7.55 -7.99
N GLU A 1091 22.65 8.20 -8.88
CA GLU A 1091 22.06 9.04 -9.94
C GLU A 1091 21.74 8.18 -11.17
N PRO A 1092 20.45 8.11 -11.57
CA PRO A 1092 20.05 7.18 -12.66
C PRO A 1092 20.85 7.45 -13.97
N GLY A 1093 21.36 8.68 -14.07
CA GLY A 1093 22.24 9.07 -15.18
C GLY A 1093 23.56 8.34 -15.38
N ASN A 1094 24.42 8.35 -14.36
CA ASN A 1094 25.85 8.09 -14.60
C ASN A 1094 26.43 6.71 -14.33
N ALA A 1095 27.63 6.52 -14.85
CA ALA A 1095 28.07 5.24 -15.36
C ALA A 1095 29.11 4.31 -14.66
N ALA A 1096 30.08 4.73 -13.82
CA ALA A 1096 30.16 5.81 -12.81
C ALA A 1096 29.53 5.45 -11.45
N HIS A 1097 28.22 5.22 -11.44
CA HIS A 1097 27.50 4.85 -10.23
C HIS A 1097 27.00 3.43 -10.37
N VAL A 1098 27.13 2.67 -9.29
CA VAL A 1098 26.58 1.33 -9.19
C VAL A 1098 25.42 1.41 -8.18
N GLY A 1099 24.20 1.42 -8.71
CA GLY A 1099 23.02 1.56 -7.88
C GLY A 1099 22.38 0.21 -7.66
N ALA A 1100 21.84 -0.01 -6.47
CA ALA A 1100 21.16 -1.27 -6.13
C ALA A 1100 19.90 -1.43 -6.95
N PRO A 1101 19.78 -2.55 -7.68
CA PRO A 1101 18.55 -2.82 -8.44
C PRO A 1101 17.35 -3.17 -7.54
N MET A 1102 17.63 -3.52 -6.29
CA MET A 1102 16.62 -4.10 -5.42
C MET A 1102 17.00 -3.92 -3.94
N PRO A 1103 15.97 -3.91 -3.04
CA PRO A 1103 16.21 -3.90 -1.61
C PRO A 1103 16.66 -5.26 -1.07
N GLY A 1104 17.52 -5.21 -0.05
CA GLY A 1104 17.99 -6.41 0.65
C GLY A 1104 19.11 -6.11 1.62
N VAL A 1105 19.88 -7.13 1.99
CA VAL A 1105 21.09 -6.96 2.78
C VAL A 1105 22.26 -7.46 1.94
N ILE A 1106 23.38 -6.74 1.92
CA ILE A 1106 24.50 -7.26 1.16
C ILE A 1106 25.13 -8.48 1.88
N SER A 1107 25.37 -9.55 1.11
CA SER A 1107 25.89 -10.81 1.65
C SER A 1107 27.39 -10.98 1.43
N ARG A 1108 27.89 -10.38 0.36
CA ARG A 1108 29.33 -10.40 0.09
C ARG A 1108 29.76 -9.21 -0.76
N VAL A 1109 30.90 -8.63 -0.41
CA VAL A 1109 31.58 -7.65 -1.26
C VAL A 1109 32.78 -8.34 -1.93
N PHE A 1110 32.87 -8.25 -3.25
CA PHE A 1110 33.92 -8.93 -4.03
C PHE A 1110 35.01 -7.99 -4.55
N VAL A 1111 34.95 -6.71 -4.20
CA VAL A 1111 35.81 -5.69 -4.83
C VAL A 1111 36.25 -4.60 -3.85
N SER A 1112 37.36 -3.91 -4.16
CA SER A 1112 37.60 -2.53 -3.67
C SER A 1112 38.55 -1.62 -4.49
N SER A 1113 39.07 -2.09 -5.62
CA SER A 1113 39.82 -1.21 -6.59
C SER A 1113 40.10 -1.66 -8.06
N GLY A 1114 39.08 -2.13 -8.78
CA GLY A 1114 39.07 -2.04 -10.27
C GLY A 1114 39.25 -3.21 -11.22
N GLN A 1115 38.23 -3.50 -12.04
CA GLN A 1115 38.30 -4.56 -13.05
C GLN A 1115 37.02 -4.99 -13.81
N ALA A 1116 37.17 -5.03 -15.15
CA ALA A 1116 36.40 -5.87 -16.12
C ALA A 1116 35.06 -5.43 -16.75
N VAL A 1117 33.97 -6.09 -16.38
CA VAL A 1117 32.68 -5.90 -17.06
C VAL A 1117 31.99 -7.25 -17.14
N ASP A 1121 32.04 -8.95 -14.14
CA ASP A 1121 32.50 -9.33 -12.80
C ASP A 1121 31.48 -8.99 -11.71
N VAL A 1122 31.33 -9.89 -10.75
CA VAL A 1122 30.43 -9.65 -9.62
C VAL A 1122 31.12 -8.70 -8.65
N LEU A 1123 30.43 -7.62 -8.29
CA LEU A 1123 30.96 -6.58 -7.41
C LEU A 1123 30.50 -6.83 -5.97
N VAL A 1124 29.21 -7.05 -5.81
CA VAL A 1124 28.63 -7.38 -4.52
C VAL A 1124 27.52 -8.39 -4.77
N SER A 1125 27.11 -9.08 -3.72
CA SER A 1125 25.86 -9.79 -3.78
C SER A 1125 24.92 -9.26 -2.71
N ILE A 1126 23.62 -9.42 -2.97
CA ILE A 1126 22.53 -8.94 -2.12
C ILE A 1126 21.64 -10.14 -1.83
N GLU A 1127 21.30 -10.36 -0.55
CA GLU A 1127 20.42 -11.45 -0.16
C GLU A 1127 18.96 -10.97 0.04
N ALA A 1128 18.01 -11.69 -0.59
CA ALA A 1128 16.58 -11.45 -0.41
C ALA A 1128 15.77 -12.68 -0.80
N GLU A 1132 20.50 -15.18 -3.04
CA GLU A 1132 21.48 -14.14 -3.28
C GLU A 1132 21.55 -13.74 -4.77
N THR A 1133 21.61 -12.44 -5.00
CA THR A 1133 21.92 -11.81 -6.29
C THR A 1133 23.12 -10.91 -5.92
N ALA A 1134 24.30 -10.96 -6.54
CA ALA A 1134 24.67 -11.34 -7.90
C ALA A 1134 24.57 -10.04 -8.74
N ILE A 1135 25.19 -8.95 -8.26
CA ILE A 1135 25.22 -7.70 -9.04
C ILE A 1135 26.54 -7.49 -9.82
N HIS A 1136 26.39 -7.43 -11.14
CA HIS A 1136 27.51 -7.43 -12.08
C HIS A 1136 27.92 -6.03 -12.54
N ALA A 1137 29.22 -5.90 -12.81
CA ALA A 1137 29.82 -4.70 -13.38
C ALA A 1137 29.30 -4.53 -14.81
N GLU A 1138 28.79 -3.35 -15.14
CA GLU A 1138 28.21 -3.12 -16.46
C GLU A 1138 29.25 -2.71 -17.51
N LYS A 1139 30.44 -2.35 -17.06
CA LYS A 1139 31.47 -1.80 -17.93
C LYS A 1139 32.87 -2.13 -17.43
N ASP A 1140 33.87 -1.87 -18.28
CA ASP A 1140 35.27 -1.92 -17.87
C ASP A 1140 35.58 -0.71 -17.01
N GLY A 1141 36.37 -0.92 -15.94
CA GLY A 1141 36.84 0.21 -15.17
C GLY A 1141 37.61 -0.12 -13.91
N THR A 1142 38.02 0.94 -13.22
CA THR A 1142 38.59 0.87 -11.88
C THR A 1142 37.59 1.50 -10.90
N ILE A 1143 37.11 0.72 -9.94
CA ILE A 1143 36.19 1.27 -8.94
C ILE A 1143 36.98 2.07 -7.87
N ALA A 1144 36.51 3.29 -7.62
CA ALA A 1144 37.23 4.24 -6.77
C ALA A 1144 36.54 4.51 -5.42
N GLU A 1145 35.58 3.65 -5.08
CA GLU A 1145 34.81 3.75 -3.83
C GLU A 1145 33.83 2.58 -3.72
N VAL A 1146 33.69 2.06 -2.51
CA VAL A 1146 32.75 0.99 -2.20
C VAL A 1146 31.97 1.42 -0.96
N LEU A 1147 30.75 1.90 -1.18
CA LEU A 1147 29.97 2.53 -0.12
C LEU A 1147 29.35 1.47 0.79
N VAL A 1148 29.57 0.23 0.38
CA VAL A 1148 29.27 -0.95 1.17
C VAL A 1148 30.54 -1.84 1.14
N LYS A 1149 30.71 -2.75 2.08
CA LYS A 1149 30.18 -2.61 3.42
C LYS A 1149 30.05 -3.88 4.24
N ALA A 1150 29.44 -4.90 3.64
CA ALA A 1150 28.24 -5.38 4.30
C ALA A 1150 27.88 -6.77 4.78
N GLY A 1151 27.23 -6.74 5.94
CA GLY A 1151 25.90 -7.31 6.14
C GLY A 1151 24.92 -6.13 6.29
N ASP A 1152 25.01 -5.14 5.38
CA ASP A 1152 24.19 -3.92 5.41
C ASP A 1152 22.86 -4.07 4.68
N GLN A 1153 21.80 -3.53 5.26
CA GLN A 1153 20.51 -3.38 4.57
C GLN A 1153 20.58 -2.19 3.59
N ILE A 1154 20.02 -2.38 2.39
CA ILE A 1154 19.96 -1.33 1.34
C ILE A 1154 18.60 -1.36 0.64
N ASP A 1155 18.28 -0.27 -0.06
CA ASP A 1155 17.07 -0.20 -0.87
C ASP A 1155 17.46 0.04 -2.32
N ALA A 1156 16.57 -0.30 -3.25
CA ALA A 1156 16.82 -0.04 -4.66
C ALA A 1156 17.29 1.42 -4.79
N LYS A 1157 18.28 1.65 -5.65
CA LYS A 1157 18.83 3.01 -5.90
C LYS A 1157 19.93 3.49 -4.96
N ASP A 1158 20.11 2.83 -3.82
CA ASP A 1158 21.25 3.10 -2.97
C ASP A 1158 22.55 2.92 -3.77
N LEU A 1159 23.51 3.82 -3.52
CA LEU A 1159 24.81 3.81 -4.20
C LEU A 1159 25.72 2.77 -3.60
N LEU A 1160 26.10 1.80 -4.41
CA LEU A 1160 26.87 0.66 -3.90
C LEU A 1160 28.37 0.87 -4.03
N ALA A 1161 28.77 1.49 -5.15
CA ALA A 1161 30.15 1.63 -5.54
C ALA A 1161 30.26 2.70 -6.64
N VAL A 1162 31.43 3.33 -6.74
CA VAL A 1162 31.66 4.36 -7.73
C VAL A 1162 32.90 4.02 -8.55
N TYR A 1163 32.79 4.08 -9.88
CA TYR A 1163 33.94 4.00 -10.79
C TYR A 1163 34.75 5.29 -10.72
N GLY B 12 -22.95 35.65 -18.12
CA GLY B 12 -21.59 35.00 -18.11
C GLY B 12 -21.71 33.48 -18.07
N PRO B 13 -20.86 32.76 -18.84
CA PRO B 13 -21.08 31.33 -18.82
C PRO B 13 -20.65 30.78 -17.43
N ILE B 14 -21.17 29.63 -17.06
CA ILE B 14 -20.79 28.94 -15.82
C ILE B 14 -19.26 28.80 -15.69
N SER B 15 -18.67 29.26 -14.59
CA SER B 15 -17.23 29.17 -14.46
C SER B 15 -16.75 28.44 -13.19
N LYS B 16 -17.66 28.21 -12.24
CA LYS B 16 -17.34 27.49 -11.00
C LYS B 16 -18.57 26.72 -10.51
N ILE B 17 -18.48 25.39 -10.56
CA ILE B 17 -19.57 24.54 -10.13
C ILE B 17 -19.31 23.87 -8.77
N LEU B 18 -20.25 24.01 -7.86
CA LEU B 18 -20.24 23.23 -6.63
C LEU B 18 -21.09 21.96 -6.87
N VAL B 19 -20.54 20.81 -6.54
CA VAL B 19 -21.31 19.58 -6.64
C VAL B 19 -21.87 19.28 -5.25
N ALA B 20 -23.19 19.34 -5.16
CA ALA B 20 -23.92 19.09 -3.91
C ALA B 20 -24.17 17.60 -3.74
N ASN B 21 -23.06 16.87 -3.57
CA ASN B 21 -23.06 15.42 -3.56
C ASN B 21 -21.66 14.93 -3.13
N ARG B 22 -21.42 13.63 -3.34
CA ARG B 22 -20.25 12.91 -2.81
C ARG B 22 -19.97 11.71 -3.71
N SER B 23 -18.81 11.06 -3.45
CA SER B 23 -18.50 9.75 -3.99
C SER B 23 -18.45 9.77 -5.53
N GLU B 24 -18.83 8.70 -6.19
CA GLU B 24 -18.55 8.56 -7.62
C GLU B 24 -19.25 9.62 -8.47
N ILE B 25 -20.46 10.04 -8.10
CA ILE B 25 -21.19 11.00 -8.96
C ILE B 25 -20.53 12.37 -8.86
N ALA B 26 -20.00 12.69 -7.69
CA ALA B 26 -19.34 13.99 -7.54
C ALA B 26 -18.09 14.00 -8.41
N ILE B 27 -17.32 12.90 -8.36
CA ILE B 27 -16.13 12.73 -9.20
C ILE B 27 -16.47 12.78 -10.69
N ARG B 28 -17.55 12.10 -11.07
CA ARG B 28 -18.03 12.09 -12.47
C ARG B 28 -18.28 13.51 -12.92
N VAL B 29 -18.89 14.32 -12.06
CA VAL B 29 -19.21 15.70 -12.47
C VAL B 29 -17.93 16.56 -12.46
N PHE B 30 -17.04 16.39 -11.46
CA PHE B 30 -15.75 17.12 -11.49
C PHE B 30 -14.96 16.86 -12.78
N ARG B 31 -15.00 15.64 -13.26
CA ARG B 31 -14.26 15.31 -14.47
C ARG B 31 -14.81 16.09 -15.66
N ALA B 32 -16.13 16.07 -15.85
CA ALA B 32 -16.75 16.79 -16.95
C ALA B 32 -16.42 18.30 -16.84
N ALA B 33 -16.56 18.83 -15.65
CA ALA B 33 -16.32 20.27 -15.45
C ALA B 33 -14.88 20.65 -15.72
N ASN B 34 -13.92 19.87 -15.22
CA ASN B 34 -12.51 20.14 -15.43
C ASN B 34 -12.18 20.06 -16.94
N GLU B 35 -12.67 19.01 -17.61
CA GLU B 35 -12.51 18.91 -19.07
C GLU B 35 -13.04 20.14 -19.84
N LEU B 36 -14.12 20.75 -19.35
CA LEU B 36 -14.64 22.02 -19.89
C LEU B 36 -13.90 23.26 -19.43
N GLY B 37 -12.86 23.08 -18.61
CA GLY B 37 -12.17 24.26 -18.10
C GLY B 37 -12.93 25.03 -17.03
N ILE B 38 -13.87 24.38 -16.37
CA ILE B 38 -14.66 24.99 -15.30
C ILE B 38 -14.10 24.56 -13.92
N LYS B 39 -14.00 25.54 -13.01
CA LYS B 39 -13.57 25.32 -11.62
C LYS B 39 -14.57 24.47 -10.83
N THR B 40 -14.07 23.69 -9.87
CA THR B 40 -15.01 22.83 -9.12
C THR B 40 -14.89 23.05 -7.63
N VAL B 41 -16.00 22.82 -6.92
CA VAL B 41 -16.06 22.97 -5.46
C VAL B 41 -16.72 21.72 -4.87
N ALA B 42 -16.06 21.08 -3.90
CA ALA B 42 -16.62 19.92 -3.22
C ALA B 42 -17.14 20.28 -1.86
N ILE B 43 -18.13 19.52 -1.40
CA ILE B 43 -18.56 19.64 0.00
C ILE B 43 -18.34 18.31 0.69
N TRP B 44 -18.15 18.30 2.01
CA TRP B 44 -17.96 17.05 2.75
C TRP B 44 -18.46 17.15 4.16
N ALA B 45 -19.16 16.11 4.61
CA ALA B 45 -19.49 15.97 6.03
C ALA B 45 -18.20 15.57 6.74
N GLU B 46 -18.11 15.78 8.06
CA GLU B 46 -16.94 15.34 8.85
C GLU B 46 -16.61 13.87 8.55
N GLU B 47 -17.65 13.06 8.41
CA GLU B 47 -17.49 11.60 8.19
C GLU B 47 -16.81 11.30 6.87
N ASP B 48 -16.96 12.25 5.93
CA ASP B 48 -16.28 12.17 4.63
C ASP B 48 -14.93 12.94 4.57
N LYS B 49 -14.27 13.15 5.71
CA LYS B 49 -13.01 13.92 5.75
C LYS B 49 -11.92 13.28 4.89
N LEU B 50 -12.02 11.97 4.66
CA LEU B 50 -11.07 11.25 3.84
C LEU B 50 -11.60 10.83 2.48
N ALA B 51 -12.84 11.20 2.15
CA ALA B 51 -13.45 10.77 0.90
C ALA B 51 -12.73 11.36 -0.33
N LEU B 52 -12.39 10.54 -1.31
CA LEU B 52 -11.60 11.07 -2.41
C LEU B 52 -12.29 12.15 -3.23
N HIS B 53 -13.63 12.18 -3.32
CA HIS B 53 -14.27 13.24 -4.14
C HIS B 53 -13.81 14.64 -3.70
N ARG B 54 -13.65 14.86 -2.39
CA ARG B 54 -13.25 16.20 -1.90
C ARG B 54 -11.84 16.65 -2.34
N PHE B 55 -10.97 15.67 -2.63
CA PHE B 55 -9.60 15.95 -3.08
C PHE B 55 -9.53 16.03 -4.59
N LYS B 56 -10.65 15.71 -5.24
CA LYS B 56 -10.72 15.79 -6.68
C LYS B 56 -11.25 17.14 -7.18
N ALA B 57 -11.85 17.94 -6.32
CA ALA B 57 -12.33 19.25 -6.72
C ALA B 57 -11.16 20.21 -6.56
N ASP B 58 -11.29 21.40 -7.14
CA ASP B 58 -10.29 22.45 -6.96
C ASP B 58 -10.23 23.03 -5.56
N GLU B 59 -11.34 23.03 -4.85
CA GLU B 59 -11.38 23.42 -3.42
C GLU B 59 -12.52 22.62 -2.80
N SER B 60 -12.54 22.48 -1.46
CA SER B 60 -13.60 21.72 -0.79
C SER B 60 -13.88 22.31 0.56
N TYR B 61 -15.11 22.19 1.03
CA TYR B 61 -15.47 22.83 2.32
C TYR B 61 -16.35 21.89 3.12
N GLN B 62 -16.14 21.83 4.42
CA GLN B 62 -16.95 20.99 5.28
C GLN B 62 -18.37 21.52 5.42
N VAL B 63 -19.35 20.62 5.35
CA VAL B 63 -20.72 20.94 5.72
C VAL B 63 -21.17 20.20 6.98
N GLY B 64 -22.05 20.81 7.77
CA GLY B 64 -22.81 20.11 8.84
C GLY B 64 -22.27 20.23 10.26
N ARG B 65 -21.11 20.85 10.39
CA ARG B 65 -20.55 20.93 11.71
C ARG B 65 -20.06 22.33 11.98
N GLY B 66 -20.29 22.81 13.20
CA GLY B 66 -19.60 23.98 13.67
C GLY B 66 -20.41 24.95 14.51
N PRO B 67 -19.71 25.96 15.05
CA PRO B 67 -20.26 27.11 15.79
C PRO B 67 -21.55 27.69 15.19
N HIS B 68 -21.75 27.52 13.89
CA HIS B 68 -22.95 28.05 13.19
C HIS B 68 -24.19 27.16 13.30
N LEU B 69 -24.16 26.18 14.21
CA LEU B 69 -25.30 25.25 14.39
C LEU B 69 -25.76 25.18 15.84
N ARG B 71 -26.53 21.96 16.55
CA ARG B 71 -25.91 20.63 16.71
C ARG B 71 -25.11 20.24 15.47
N ASP B 72 -24.29 19.19 15.59
CA ASP B 72 -23.64 18.55 14.45
C ASP B 72 -24.72 17.80 13.69
N LEU B 73 -24.78 18.02 12.38
CA LEU B 73 -25.70 17.28 11.56
C LEU B 73 -25.09 15.89 11.30
N GLY B 74 -25.95 14.90 11.08
CA GLY B 74 -25.50 13.54 10.80
C GLY B 74 -24.72 13.43 9.50
N PRO B 75 -24.14 12.25 9.23
CA PRO B 75 -23.36 12.06 8.00
C PRO B 75 -24.10 12.41 6.68
N ILE B 76 -25.36 11.99 6.56
CA ILE B 76 -26.14 12.21 5.35
C ILE B 76 -26.96 13.49 5.50
N GLU B 77 -27.43 13.74 6.70
CA GLU B 77 -28.09 15.00 7.03
C GLU B 77 -27.28 16.26 6.60
N SER B 78 -25.95 16.22 6.80
CA SER B 78 -25.06 17.34 6.40
C SER B 78 -25.18 17.67 4.91
N TYR B 79 -25.35 16.63 4.09
CA TYR B 79 -25.51 16.78 2.65
C TYR B 79 -26.92 17.18 2.25
N LEU B 80 -27.91 16.93 3.12
CA LEU B 80 -29.31 17.32 2.81
C LEU B 80 -29.66 18.73 3.31
N SER B 81 -28.69 19.43 3.89
CA SER B 81 -28.94 20.77 4.46
C SER B 81 -28.86 21.80 3.35
N ILE B 82 -30.00 22.30 2.90
CA ILE B 82 -30.02 23.31 1.85
C ILE B 82 -29.21 24.52 2.29
N ASP B 83 -29.39 24.93 3.54
CA ASP B 83 -28.67 26.04 4.11
C ASP B 83 -27.15 25.87 4.07
N GLU B 84 -26.67 24.66 4.38
CA GLU B 84 -25.21 24.43 4.33
C GLU B 84 -24.66 24.50 2.92
N VAL B 85 -25.38 23.93 1.99
CA VAL B 85 -24.95 23.87 0.61
C VAL B 85 -24.84 25.30 0.04
N ILE B 86 -25.89 26.10 0.27
CA ILE B 86 -25.93 27.52 -0.17
C ILE B 86 -24.82 28.37 0.51
N ARG B 87 -24.65 28.19 1.82
CA ARG B 87 -23.52 28.78 2.54
C ARG B 87 -22.18 28.53 1.82
N VAL B 88 -21.87 27.28 1.47
CA VAL B 88 -20.61 26.97 0.78
C VAL B 88 -20.53 27.50 -0.67
N ALA B 89 -21.65 27.45 -1.39
CA ALA B 89 -21.71 28.06 -2.71
C ALA B 89 -21.36 29.56 -2.62
N LYS B 90 -21.91 30.29 -1.65
CA LYS B 90 -21.58 31.70 -1.50
C LYS B 90 -20.11 31.93 -1.08
N LEU B 91 -19.70 31.24 -0.02
CA LEU B 91 -18.29 31.22 0.45
C LEU B 91 -17.30 30.98 -0.70
N SER B 92 -17.48 29.89 -1.48
CA SER B 92 -16.54 29.56 -2.57
C SER B 92 -16.65 30.40 -3.86
N GLY B 93 -17.76 31.13 -4.00
CA GLY B 93 -18.11 31.91 -5.19
C GLY B 93 -18.60 31.04 -6.35
N ALA B 94 -19.24 29.91 -6.06
CA ALA B 94 -19.72 29.00 -7.14
C ALA B 94 -20.88 29.68 -7.87
N ASP B 95 -20.93 29.61 -9.19
CA ASP B 95 -22.06 30.28 -9.85
C ASP B 95 -23.11 29.28 -10.35
N ALA B 96 -22.84 27.99 -10.17
CA ALA B 96 -23.79 26.92 -10.44
C ALA B 96 -23.60 25.75 -9.47
N ILE B 97 -24.68 24.99 -9.25
CA ILE B 97 -24.64 23.79 -8.41
C ILE B 97 -25.17 22.60 -9.21
N HIS B 98 -24.41 21.51 -9.21
CA HIS B 98 -24.88 20.25 -9.82
C HIS B 98 -25.29 19.35 -8.66
N PRO B 99 -26.58 18.95 -8.61
CA PRO B 99 -27.01 18.20 -7.43
C PRO B 99 -26.65 16.68 -7.55
N GLY B 100 -26.02 16.26 -8.63
CA GLY B 100 -25.82 14.81 -8.94
C GLY B 100 -27.13 14.00 -8.95
N TYR B 101 -27.13 12.83 -8.33
CA TYR B 101 -28.37 12.03 -8.14
C TYR B 101 -28.57 11.75 -6.66
N GLY B 102 -29.81 11.45 -6.30
CA GLY B 102 -30.16 11.24 -4.90
C GLY B 102 -30.07 12.56 -4.15
N LEU B 103 -29.95 12.48 -2.83
CA LEU B 103 -29.76 13.68 -2.00
C LEU B 103 -30.77 14.80 -2.36
N LEU B 104 -30.26 15.97 -2.77
CA LEU B 104 -31.17 17.10 -3.04
C LEU B 104 -31.56 17.24 -4.52
N SER B 105 -31.24 16.25 -5.35
CA SER B 105 -31.43 16.40 -6.79
C SER B 105 -32.90 16.51 -7.29
N GLU B 106 -33.87 16.12 -6.47
CA GLU B 106 -35.28 16.35 -6.82
C GLU B 106 -36.07 17.14 -5.75
N SER B 107 -35.38 18.07 -5.10
CA SER B 107 -36.00 18.95 -4.12
C SER B 107 -36.32 20.29 -4.79
N PRO B 108 -37.63 20.62 -4.98
CA PRO B 108 -37.94 21.94 -5.50
C PRO B 108 -37.55 23.05 -4.53
N GLU B 109 -37.63 22.78 -3.23
CA GLU B 109 -37.18 23.71 -2.21
CA GLU B 109 -37.16 23.71 -2.20
C GLU B 109 -35.70 24.10 -2.44
N PHE B 110 -34.89 23.11 -2.81
CA PHE B 110 -33.48 23.37 -3.09
C PHE B 110 -33.28 24.25 -4.34
N VAL B 111 -33.97 23.90 -5.43
CA VAL B 111 -33.94 24.72 -6.66
C VAL B 111 -34.35 26.17 -6.29
N ASP B 112 -35.42 26.31 -5.50
CA ASP B 112 -35.88 27.61 -5.06
C ASP B 112 -34.80 28.37 -4.32
N ALA B 113 -34.15 27.75 -3.36
CA ALA B 113 -33.04 28.42 -2.65
C ALA B 113 -31.88 28.85 -3.59
N CYS B 114 -31.55 28.02 -4.57
CA CYS B 114 -30.56 28.36 -5.58
C CYS B 114 -30.98 29.61 -6.35
N ASN B 115 -32.23 29.61 -6.81
CA ASN B 115 -32.79 30.72 -7.57
C ASN B 115 -32.66 32.03 -6.75
N LYS B 116 -32.97 31.93 -5.45
CA LYS B 116 -32.97 33.09 -4.51
C LYS B 116 -31.56 33.66 -4.31
N ALA B 117 -30.56 32.78 -4.28
CA ALA B 117 -29.16 33.16 -4.16
C ALA B 117 -28.50 33.59 -5.47
N GLY B 118 -29.21 33.48 -6.59
CA GLY B 118 -28.65 33.80 -7.90
C GLY B 118 -27.67 32.74 -8.40
N ILE B 119 -27.90 31.50 -7.98
CA ILE B 119 -26.97 30.42 -8.31
C ILE B 119 -27.72 29.52 -9.25
N ILE B 120 -27.08 29.15 -10.35
CA ILE B 120 -27.75 28.31 -11.33
C ILE B 120 -27.92 26.89 -10.78
N PHE B 121 -29.13 26.34 -10.84
CA PHE B 121 -29.37 24.93 -10.48
C PHE B 121 -29.21 24.13 -11.74
N ILE B 122 -28.27 23.19 -11.77
CA ILE B 122 -28.08 22.40 -12.97
C ILE B 122 -29.10 21.25 -12.99
N GLY B 123 -30.27 21.54 -13.59
CA GLY B 123 -31.33 20.57 -13.76
C GLY B 123 -32.62 21.34 -14.04
N PRO B 124 -33.77 20.63 -14.05
CA PRO B 124 -35.01 21.28 -14.43
C PRO B 124 -35.45 22.35 -13.41
N LYS B 125 -36.40 23.19 -13.82
CA LYS B 125 -36.91 24.23 -12.94
C LYS B 125 -37.76 23.63 -11.82
N ALA B 126 -37.95 24.39 -10.73
CA ALA B 126 -38.77 23.99 -9.57
C ALA B 126 -40.22 23.55 -9.89
N ASP B 127 -40.86 24.28 -10.81
N ASP B 127 -40.90 24.23 -10.82
CA ASP B 127 -42.23 23.99 -11.17
CA ASP B 127 -42.29 23.88 -11.12
C ASP B 127 -42.30 22.65 -11.91
C ASP B 127 -42.39 22.70 -12.08
N THR B 128 -41.30 22.38 -12.76
CA THR B 128 -41.17 21.10 -13.46
C THR B 128 -41.14 19.93 -12.44
N MET B 129 -40.32 20.06 -11.42
CA MET B 129 -40.24 19.06 -10.35
C MET B 129 -41.56 18.84 -9.61
N ARG B 130 -42.24 19.93 -9.26
CA ARG B 130 -43.47 19.83 -8.47
C ARG B 130 -44.58 19.15 -9.28
N GLN B 131 -44.62 19.46 -10.58
CA GLN B 131 -45.59 18.86 -11.50
C GLN B 131 -45.33 17.35 -11.71
N LEU B 132 -44.07 16.93 -11.68
CA LEU B 132 -43.73 15.53 -11.92
C LEU B 132 -43.66 14.76 -10.63
N GLY B 133 -43.49 15.48 -9.53
CA GLY B 133 -43.32 14.88 -8.21
C GLY B 133 -44.60 14.29 -7.66
N ASN B 134 -45.72 14.94 -7.92
CA ASN B 134 -47.04 14.42 -7.53
C ASN B 134 -47.49 13.36 -8.55
N LYS B 135 -47.53 12.06 -8.16
CA LYS B 135 -47.39 11.03 -9.20
C LYS B 135 -48.61 10.75 -10.11
N VAL B 136 -49.69 11.50 -9.82
CA VAL B 136 -50.87 11.59 -10.66
C VAL B 136 -51.22 13.01 -11.16
N ALA B 137 -50.43 14.01 -10.78
CA ALA B 137 -50.39 15.24 -11.59
C ALA B 137 -49.63 14.81 -12.87
N ALA B 138 -48.65 13.95 -12.67
CA ALA B 138 -47.80 13.43 -13.74
C ALA B 138 -48.57 12.44 -14.63
N ARG B 139 -49.47 11.67 -14.00
CA ARG B 139 -50.38 10.74 -14.69
C ARG B 139 -51.33 11.53 -15.57
N ASN B 140 -51.96 12.56 -15.00
CA ASN B 140 -52.89 13.38 -15.75
C ASN B 140 -52.16 14.04 -16.91
N LEU B 141 -50.92 14.41 -16.67
CA LEU B 141 -50.09 15.01 -17.71
C LEU B 141 -49.78 14.00 -18.83
N ALA B 142 -49.42 12.78 -18.48
CA ALA B 142 -49.19 11.74 -19.51
C ALA B 142 -50.44 11.52 -20.33
N ILE B 143 -51.59 11.43 -19.65
CA ILE B 143 -52.87 11.19 -20.28
C ILE B 143 -53.18 12.30 -21.28
N SER B 144 -52.92 13.55 -20.87
CA SER B 144 -53.26 14.74 -21.68
C SER B 144 -52.49 14.83 -22.99
N VAL B 145 -51.36 14.16 -23.08
CA VAL B 145 -50.53 14.13 -24.31
C VAL B 145 -50.51 12.78 -25.04
N GLY B 146 -51.44 11.88 -24.70
CA GLY B 146 -51.54 10.59 -25.43
C GLY B 146 -50.45 9.59 -25.09
N VAL B 147 -50.00 9.58 -23.82
CA VAL B 147 -49.01 8.54 -23.39
C VAL B 147 -49.72 7.55 -22.44
N PRO B 148 -49.63 6.24 -22.73
CA PRO B 148 -50.39 5.26 -21.92
C PRO B 148 -49.91 5.23 -20.47
N VAL B 149 -50.85 4.98 -19.55
CA VAL B 149 -50.53 4.87 -18.12
C VAL B 149 -51.19 3.58 -17.63
N VAL B 150 -50.76 3.05 -16.49
CA VAL B 150 -51.41 1.83 -15.96
C VAL B 150 -52.88 2.08 -15.54
N PRO B 151 -53.83 1.19 -15.95
CA PRO B 151 -55.19 1.39 -15.47
C PRO B 151 -55.19 1.40 -13.95
N ALA B 152 -55.17 2.61 -13.36
CA ALA B 152 -55.00 2.80 -11.90
C ALA B 152 -56.19 3.43 -11.17
N THR B 153 -55.87 4.20 -10.12
CA THR B 153 -56.82 4.66 -9.10
C THR B 153 -56.52 6.12 -8.68
N GLU B 154 -57.53 6.81 -8.14
CA GLU B 154 -57.35 8.12 -7.50
C GLU B 154 -56.83 7.92 -6.07
N PRO B 155 -55.98 8.85 -5.57
CA PRO B 155 -55.14 8.70 -4.34
C PRO B 155 -55.82 8.16 -3.07
N LEU B 156 -56.34 6.93 -3.15
CA LEU B 156 -57.39 6.35 -2.26
C LEU B 156 -57.93 7.10 -1.02
N PRO B 157 -59.28 7.08 -0.85
CA PRO B 157 -59.90 7.56 0.38
C PRO B 157 -59.69 6.55 1.51
N PRO B 173 -55.04 -8.25 -9.55
CA PRO B 173 -55.13 -6.81 -9.38
C PRO B 173 -53.81 -6.06 -9.03
N VAL B 174 -53.67 -5.55 -7.81
CA VAL B 174 -53.01 -4.25 -7.59
C VAL B 174 -51.60 -4.09 -6.91
N MET B 175 -51.00 -2.92 -7.10
CA MET B 175 -49.87 -2.43 -6.29
C MET B 175 -50.15 -1.04 -5.68
N LEU B 176 -50.17 -0.96 -4.34
CA LEU B 176 -50.20 0.33 -3.64
C LEU B 176 -48.90 1.10 -3.89
N LYS B 177 -49.01 2.42 -4.06
CA LYS B 177 -47.84 3.28 -4.23
C LYS B 177 -48.09 4.62 -3.55
N ALA B 178 -47.07 5.16 -2.88
CA ALA B 178 -47.16 6.51 -2.31
C ALA B 178 -46.97 7.55 -3.42
N SER B 179 -47.84 8.56 -3.43
CA SER B 179 -47.93 9.57 -4.49
C SER B 179 -46.64 10.39 -4.78
CA MET B 187 -44.91 0.50 -2.28
C MET B 187 -45.10 -0.91 -1.75
N ARG B 188 -46.20 -1.55 -2.14
CA ARG B 188 -46.54 -2.91 -1.70
C ARG B 188 -47.65 -3.54 -2.55
N VAL B 189 -47.64 -4.87 -2.65
CA VAL B 189 -48.60 -5.64 -3.50
C VAL B 189 -49.84 -6.11 -2.72
N ILE B 190 -51.04 -5.84 -3.26
CA ILE B 190 -52.30 -6.40 -2.71
C ILE B 190 -53.01 -7.31 -3.73
N ARG B 191 -53.42 -8.49 -3.28
CA ARG B 191 -53.92 -9.53 -4.18
C ARG B 191 -55.41 -9.83 -3.99
N VAL B 216 -51.33 5.96 -0.24
CA VAL B 216 -51.20 6.54 -1.57
C VAL B 216 -52.35 6.11 -2.49
N TYR B 217 -51.99 5.65 -3.70
CA TYR B 217 -52.96 5.18 -4.71
C TYR B 217 -52.69 3.72 -5.09
N LEU B 218 -53.67 3.07 -5.71
CA LEU B 218 -53.51 1.69 -6.19
C LEU B 218 -53.33 1.60 -7.73
N GLU B 219 -52.19 1.08 -8.16
CA GLU B 219 -51.92 0.83 -9.58
C GLU B 219 -52.11 -0.68 -9.90
N LYS B 220 -52.81 -1.00 -10.98
CA LYS B 220 -52.97 -2.43 -11.40
C LYS B 220 -51.64 -3.18 -11.66
N LEU B 221 -51.62 -4.48 -11.36
CA LEU B 221 -50.39 -5.29 -11.35
C LEU B 221 -49.97 -5.90 -12.69
N VAL B 222 -48.81 -5.48 -13.17
CA VAL B 222 -48.13 -6.11 -14.30
C VAL B 222 -47.28 -7.24 -13.71
N GLU B 223 -47.79 -8.48 -13.76
CA GLU B 223 -47.11 -9.57 -13.07
C GLU B 223 -45.80 -10.05 -13.70
N ARG B 224 -45.65 -9.81 -15.01
CA ARG B 224 -44.41 -10.10 -15.72
C ARG B 224 -43.99 -8.82 -16.40
N ALA B 225 -43.37 -7.97 -15.60
CA ALA B 225 -42.97 -6.59 -15.98
C ALA B 225 -41.49 -6.47 -16.32
N ARG B 226 -41.19 -5.65 -17.32
CA ARG B 226 -39.85 -5.09 -17.50
C ARG B 226 -39.88 -3.59 -17.14
N HIS B 227 -38.79 -3.08 -16.58
CA HIS B 227 -38.66 -1.65 -16.35
C HIS B 227 -37.76 -1.13 -17.45
N VAL B 228 -38.31 -0.29 -18.31
CA VAL B 228 -37.54 0.32 -19.40
C VAL B 228 -37.70 1.85 -19.33
N GLU B 229 -36.63 2.58 -19.63
CA GLU B 229 -36.66 4.03 -19.38
C GLU B 229 -35.91 4.76 -20.49
N SER B 230 -36.39 5.95 -20.84
CA SER B 230 -35.79 6.76 -21.90
C SER B 230 -34.94 7.81 -21.28
N GLN B 231 -33.75 8.00 -21.82
CA GLN B 231 -32.96 9.19 -21.44
C GLN B 231 -33.44 10.36 -22.32
N ILE B 232 -33.78 11.49 -21.70
CA ILE B 232 -34.07 12.68 -22.46
C ILE B 232 -33.16 13.85 -22.04
N LEU B 233 -33.07 14.83 -22.92
CA LEU B 233 -32.37 16.11 -22.63
C LEU B 233 -33.23 17.19 -23.24
N GLY B 234 -33.43 18.31 -22.53
CA GLY B 234 -34.21 19.42 -23.10
C GLY B 234 -33.45 20.68 -22.84
N ASP B 235 -33.55 21.67 -23.73
CA ASP B 235 -32.82 22.93 -23.52
C ASP B 235 -33.76 24.08 -23.16
N THR B 236 -33.18 25.26 -23.00
CA THR B 236 -33.93 26.46 -22.65
C THR B 236 -34.63 27.12 -23.84
N HIS B 237 -34.45 26.52 -25.01
CA HIS B 237 -35.07 26.95 -26.24
C HIS B 237 -36.20 26.05 -26.71
N GLY B 238 -36.62 25.14 -25.83
CA GLY B 238 -37.73 24.23 -26.13
C GLY B 238 -37.39 23.05 -27.00
N ASN B 239 -36.12 22.77 -27.22
CA ASN B 239 -35.75 21.58 -28.00
C ASN B 239 -35.59 20.42 -27.05
N VAL B 240 -36.10 19.25 -27.40
CA VAL B 240 -35.91 18.06 -26.57
C VAL B 240 -35.51 16.93 -27.50
N VAL B 241 -34.55 16.11 -27.03
CA VAL B 241 -34.09 14.92 -27.76
C VAL B 241 -34.16 13.70 -26.83
N HIS B 242 -34.19 12.49 -27.39
CA HIS B 242 -34.06 11.33 -26.53
C HIS B 242 -32.74 10.65 -26.90
N LEU B 243 -32.13 10.01 -25.90
CA LEU B 243 -30.92 9.26 -26.14
C LEU B 243 -31.23 7.76 -25.98
N PHE B 244 -32.34 7.32 -26.57
CA PHE B 244 -32.82 5.95 -26.49
C PHE B 244 -33.09 5.50 -25.03
N GLU B 245 -33.14 4.20 -24.81
CA GLU B 245 -33.65 3.65 -23.58
C GLU B 245 -32.64 2.75 -22.90
N ARG B 246 -32.97 2.38 -21.67
CA ARG B 246 -32.21 1.44 -20.87
C ARG B 246 -33.18 0.45 -20.28
N ASP B 247 -32.71 -0.79 -20.13
CA ASP B 247 -33.43 -1.78 -19.35
C ASP B 247 -32.89 -1.76 -17.92
N CYS B 248 -33.79 -1.74 -16.93
CA CYS B 248 -33.41 -1.72 -15.52
C CYS B 248 -34.20 -2.78 -14.75
N SER B 249 -34.49 -3.90 -15.40
CA SER B 249 -35.41 -4.93 -14.84
C SER B 249 -34.74 -5.82 -13.79
N VAL B 250 -33.40 -5.89 -13.84
CA VAL B 250 -32.63 -6.72 -12.91
C VAL B 250 -32.49 -5.92 -11.60
N GLN B 251 -33.35 -6.28 -10.65
CA GLN B 251 -33.54 -5.58 -9.37
C GLN B 251 -33.61 -6.60 -8.23
N ARG B 252 -33.10 -6.22 -7.06
CA ARG B 252 -33.21 -7.04 -5.85
C ARG B 252 -33.80 -6.16 -4.76
N ARG B 253 -34.87 -6.63 -4.11
CA ARG B 253 -35.59 -5.85 -3.08
C ARG B 253 -35.77 -4.39 -3.55
N ASN B 254 -36.35 -4.26 -4.74
CA ASN B 254 -36.59 -2.95 -5.39
C ASN B 254 -35.43 -1.96 -5.59
N GLN B 255 -34.17 -2.41 -5.54
CA GLN B 255 -33.09 -1.57 -6.06
C GLN B 255 -32.42 -2.21 -7.30
N LYS B 256 -32.08 -1.38 -8.27
CA LYS B 256 -31.49 -1.79 -9.55
C LYS B 256 -30.09 -2.34 -9.32
N VAL B 257 -29.75 -3.43 -10.01
CA VAL B 257 -28.44 -4.06 -9.83
C VAL B 257 -27.60 -4.02 -11.14
N VAL B 258 -28.21 -4.42 -12.24
CA VAL B 258 -27.55 -4.36 -13.54
C VAL B 258 -28.48 -3.56 -14.47
N GLU B 259 -27.92 -2.55 -15.15
CA GLU B 259 -28.69 -1.79 -16.16
C GLU B 259 -28.05 -2.01 -17.52
N ARG B 260 -28.83 -1.86 -18.60
CA ARG B 260 -28.37 -2.20 -19.95
C ARG B 260 -28.86 -1.12 -20.90
N ALA B 261 -28.04 -0.74 -21.87
CA ALA B 261 -28.47 0.14 -22.99
C ALA B 261 -27.97 -0.47 -24.31
N PRO B 262 -28.83 -0.52 -25.34
CA PRO B 262 -30.27 -0.24 -25.36
C PRO B 262 -30.95 -1.40 -24.60
N ALA B 263 -32.28 -1.39 -24.47
CA ALA B 263 -32.99 -2.54 -23.90
C ALA B 263 -33.00 -3.64 -24.95
N PRO B 264 -32.34 -4.80 -24.68
CA PRO B 264 -32.11 -5.83 -25.71
C PRO B 264 -33.32 -6.63 -26.18
N TYR B 265 -34.41 -6.60 -25.42
CA TYR B 265 -35.61 -7.38 -25.77
C TYR B 265 -36.58 -6.53 -26.60
N LEU B 266 -36.28 -5.25 -26.84
CA LEU B 266 -37.16 -4.42 -27.69
C LEU B 266 -36.95 -4.63 -29.21
N SER B 267 -38.05 -4.61 -29.98
CA SER B 267 -37.98 -4.45 -31.44
C SER B 267 -37.61 -3.02 -31.82
N GLU B 268 -37.29 -2.78 -33.09
CA GLU B 268 -36.98 -1.42 -33.49
C GLU B 268 -38.25 -0.58 -33.34
N ALA B 269 -39.40 -1.22 -33.55
CA ALA B 269 -40.70 -0.54 -33.50
C ALA B 269 -41.01 -0.09 -32.10
N GLN B 270 -40.86 -1.00 -31.13
CA GLN B 270 -41.08 -0.65 -29.71
C GLN B 270 -40.14 0.44 -29.25
N ARG B 271 -38.91 0.43 -29.77
CA ARG B 271 -37.88 1.43 -29.42
C ARG B 271 -38.30 2.84 -29.87
N GLN B 272 -38.88 2.93 -31.07
CA GLN B 272 -39.33 4.22 -31.58
C GLN B 272 -40.64 4.64 -30.89
N GLU B 273 -41.51 3.67 -30.56
CA GLU B 273 -42.75 3.96 -29.81
C GLU B 273 -42.47 4.67 -28.49
N LEU B 274 -41.53 4.11 -27.72
CA LEU B 274 -41.15 4.64 -26.42
CA LEU B 274 -41.13 4.62 -26.42
C LEU B 274 -40.51 6.00 -26.57
N ALA B 275 -39.64 6.13 -27.56
CA ALA B 275 -38.99 7.42 -27.79
C ALA B 275 -40.01 8.52 -28.06
N ALA B 276 -41.05 8.21 -28.84
CA ALA B 276 -42.09 9.22 -29.11
C ALA B 276 -42.86 9.61 -27.85
N TYR B 277 -43.12 8.66 -26.96
CA TYR B 277 -43.83 8.95 -25.70
C TYR B 277 -42.99 9.87 -24.84
N SER B 278 -41.68 9.61 -24.77
CA SER B 278 -40.78 10.39 -23.93
C SER B 278 -40.60 11.84 -24.39
N LEU B 279 -40.52 12.06 -25.69
CA LEU B 279 -40.51 13.43 -26.24
C LEU B 279 -41.81 14.17 -25.95
N LYS B 280 -42.93 13.45 -25.94
CA LYS B 280 -44.23 14.03 -25.59
C LYS B 280 -44.22 14.54 -24.13
N ILE B 281 -43.80 13.68 -23.21
CA ILE B 281 -43.63 14.03 -21.80
C ILE B 281 -42.63 15.18 -21.61
N ALA B 282 -41.46 15.08 -22.22
CA ALA B 282 -40.44 16.14 -22.05
C ALA B 282 -40.94 17.48 -22.55
N GLY B 283 -41.52 17.51 -23.74
CA GLY B 283 -42.11 18.74 -24.29
C GLY B 283 -43.24 19.31 -23.46
N ALA B 284 -44.14 18.45 -23.02
CA ALA B 284 -45.27 18.86 -22.18
C ALA B 284 -44.84 19.55 -20.86
N THR B 285 -43.65 19.23 -20.36
CA THR B 285 -43.21 19.80 -19.12
C THR B 285 -42.09 20.83 -19.36
N ASN B 286 -41.84 21.14 -20.65
CA ASN B 286 -40.83 22.12 -21.02
C ASN B 286 -39.54 21.79 -20.33
N TYR B 287 -39.23 20.50 -20.30
CA TYR B 287 -38.15 19.98 -19.46
C TYR B 287 -36.78 20.57 -19.77
N ILE B 288 -36.10 21.07 -18.73
CA ILE B 288 -34.70 21.57 -18.86
C ILE B 288 -33.67 20.67 -18.20
N GLY B 289 -32.71 20.18 -18.98
CA GLY B 289 -31.59 19.39 -18.43
C GLY B 289 -31.70 17.94 -18.86
N ALA B 290 -31.18 17.06 -18.02
CA ALA B 290 -31.26 15.60 -18.21
C ALA B 290 -32.35 15.07 -17.27
N GLY B 291 -33.13 14.14 -17.79
CA GLY B 291 -34.18 13.50 -17.03
C GLY B 291 -34.45 12.16 -17.64
N THR B 292 -35.16 11.33 -16.90
CA THR B 292 -35.45 9.96 -17.37
C THR B 292 -36.96 9.72 -17.26
N VAL B 293 -37.53 9.16 -18.32
CA VAL B 293 -38.94 8.86 -18.36
C VAL B 293 -39.02 7.36 -18.22
N GLU B 294 -39.67 6.90 -17.14
CA GLU B 294 -39.77 5.48 -16.80
C GLU B 294 -41.11 4.84 -17.19
N TYR B 295 -41.01 3.64 -17.75
CA TYR B 295 -42.15 2.83 -18.17
C TYR B 295 -42.06 1.45 -17.52
N LEU B 296 -43.22 0.81 -17.39
CA LEU B 296 -43.24 -0.61 -17.20
C LEU B 296 -43.72 -1.23 -18.51
N MET B 297 -43.08 -2.29 -18.94
CA MET B 297 -43.53 -3.04 -20.11
C MET B 297 -44.13 -4.36 -19.63
N ASP B 298 -45.30 -4.70 -20.13
CA ASP B 298 -45.93 -5.97 -19.88
C ASP B 298 -45.30 -6.96 -20.86
N ALA B 299 -44.52 -7.90 -20.33
CA ALA B 299 -43.84 -8.87 -21.17
C ALA B 299 -44.81 -9.81 -21.89
N ASP B 300 -46.03 -9.95 -21.36
CA ASP B 300 -47.05 -10.80 -21.97
C ASP B 300 -47.68 -10.18 -23.23
N THR B 301 -47.78 -8.85 -23.27
CA THR B 301 -48.55 -8.13 -24.30
C THR B 301 -47.69 -7.15 -25.13
N GLY B 302 -46.51 -6.80 -24.64
CA GLY B 302 -45.69 -5.77 -25.29
C GLY B 302 -46.11 -4.33 -25.02
N LYS B 303 -47.19 -4.14 -24.25
CA LYS B 303 -47.66 -2.79 -23.90
C LYS B 303 -46.73 -2.04 -22.96
N PHE B 304 -46.53 -0.74 -23.22
CA PHE B 304 -45.80 0.16 -22.33
C PHE B 304 -46.79 1.01 -21.51
N TYR B 305 -46.38 1.36 -20.30
CA TYR B 305 -47.18 2.17 -19.39
C TYR B 305 -46.24 3.14 -18.69
N PHE B 306 -46.43 4.44 -18.89
CA PHE B 306 -45.60 5.46 -18.19
C PHE B 306 -45.78 5.33 -16.67
N ILE B 307 -44.68 5.35 -15.91
CA ILE B 307 -44.71 5.27 -14.44
CA ILE B 307 -44.82 5.32 -14.46
C ILE B 307 -44.40 6.62 -13.78
N GLU B 308 -43.25 7.18 -14.16
CA GLU B 308 -42.82 8.48 -13.60
C GLU B 308 -41.64 9.06 -14.35
N VAL B 309 -41.34 10.32 -14.05
CA VAL B 309 -40.12 10.96 -14.53
C VAL B 309 -39.17 11.12 -13.35
N ASN B 310 -37.92 10.69 -13.55
CA ASN B 310 -36.81 11.01 -12.65
C ASN B 310 -36.12 12.27 -13.09
N PRO B 311 -36.36 13.39 -12.40
CA PRO B 311 -35.97 14.64 -12.99
C PRO B 311 -34.53 15.01 -12.63
N ARG B 312 -33.59 14.16 -13.07
CA ARG B 312 -32.17 14.31 -12.71
C ARG B 312 -31.37 13.29 -13.49
N ILE B 313 -30.06 13.42 -13.43
CA ILE B 313 -29.17 12.37 -13.91
C ILE B 313 -29.35 11.14 -13.02
N GLN B 314 -29.03 9.97 -13.56
CA GLN B 314 -29.14 8.75 -12.80
C GLN B 314 -27.83 8.00 -12.76
N VAL B 315 -27.74 7.07 -11.82
CA VAL B 315 -26.55 6.24 -11.68
C VAL B 315 -26.30 5.51 -13.00
N GLU B 316 -27.38 5.08 -13.67
CA GLU B 316 -27.24 4.29 -14.92
C GLU B 316 -27.06 5.11 -16.21
N HIS B 317 -26.75 6.40 -16.10
CA HIS B 317 -26.50 7.20 -17.31
C HIS B 317 -25.34 6.68 -18.14
N THR B 318 -24.40 5.98 -17.48
CA THR B 318 -23.16 5.63 -18.13
C THR B 318 -23.38 4.68 -19.33
N VAL B 319 -24.30 3.72 -19.23
CA VAL B 319 -24.54 2.81 -20.35
C VAL B 319 -25.04 3.60 -21.57
N THR B 320 -25.80 4.68 -21.34
CA THR B 320 -26.34 5.46 -22.46
C THR B 320 -25.23 6.30 -23.08
N GLU B 321 -24.36 6.87 -22.25
CA GLU B 321 -23.22 7.63 -22.76
C GLU B 321 -22.36 6.75 -23.67
N VAL B 322 -22.11 5.51 -23.24
CA VAL B 322 -21.22 4.64 -24.03
C VAL B 322 -21.82 4.17 -25.36
N VAL B 323 -23.12 3.93 -25.42
CA VAL B 323 -23.72 3.48 -26.69
C VAL B 323 -24.13 4.66 -27.59
N THR B 324 -24.23 5.88 -27.05
CA THR B 324 -24.61 7.06 -27.88
C THR B 324 -23.41 7.97 -28.19
N GLY B 325 -22.37 7.89 -27.36
CA GLY B 325 -21.24 8.77 -27.52
C GLY B 325 -21.45 10.18 -27.00
N ILE B 326 -22.53 10.43 -26.23
CA ILE B 326 -22.91 11.78 -25.79
C ILE B 326 -22.71 11.89 -24.28
N ASP B 327 -21.87 12.86 -23.89
CA ASP B 327 -21.55 13.10 -22.51
C ASP B 327 -22.74 13.87 -21.97
N ILE B 328 -23.51 13.20 -21.11
CA ILE B 328 -24.73 13.76 -20.54
C ILE B 328 -24.45 14.88 -19.56
N VAL B 329 -23.33 14.80 -18.85
CA VAL B 329 -23.03 15.83 -17.84
C VAL B 329 -22.60 17.14 -18.52
N LYS B 330 -21.78 17.05 -19.55
CA LYS B 330 -21.37 18.26 -20.28
C LYS B 330 -22.60 18.81 -20.96
N ALA B 331 -23.45 17.93 -21.49
CA ALA B 331 -24.73 18.40 -22.09
C ALA B 331 -25.52 19.24 -21.08
N GLN B 332 -25.70 18.74 -19.86
CA GLN B 332 -26.41 19.49 -18.80
C GLN B 332 -25.82 20.88 -18.54
N ILE B 333 -24.48 20.95 -18.41
CA ILE B 333 -23.78 22.19 -18.20
C ILE B 333 -24.03 23.13 -19.36
N HIS B 334 -23.84 22.67 -20.60
CA HIS B 334 -24.05 23.59 -21.76
C HIS B 334 -25.50 24.09 -21.88
N ILE B 335 -26.47 23.21 -21.61
CA ILE B 335 -27.90 23.53 -21.63
C ILE B 335 -28.15 24.66 -20.66
N LEU B 336 -27.64 24.53 -19.43
CA LEU B 336 -27.84 25.59 -18.47
CA LEU B 336 -27.84 25.59 -18.44
C LEU B 336 -27.05 26.87 -18.77
N ASP B 337 -26.01 26.76 -19.60
CA ASP B 337 -25.34 27.99 -20.13
C ASP B 337 -26.12 28.66 -21.25
N GLY B 338 -27.25 28.08 -21.62
CA GLY B 338 -28.12 28.68 -22.61
C GLY B 338 -27.92 28.09 -24.01
N ALA B 339 -27.09 27.06 -24.16
CA ALA B 339 -26.84 26.47 -25.49
C ALA B 339 -28.05 25.72 -26.06
N ALA B 340 -28.09 25.70 -27.39
CA ALA B 340 -29.16 25.08 -28.15
C ALA B 340 -28.70 23.72 -28.62
N ILE B 341 -29.48 22.72 -28.24
CA ILE B 341 -29.30 21.34 -28.68
C ILE B 341 -29.16 21.34 -30.21
N GLY B 342 -28.20 20.59 -30.72
CA GLY B 342 -27.96 20.58 -32.17
C GLY B 342 -26.82 21.50 -32.61
N THR B 343 -26.47 22.49 -31.80
CA THR B 343 -25.28 23.32 -32.08
C THR B 343 -24.07 22.65 -31.44
N PRO B 344 -22.87 22.89 -32.02
CA PRO B 344 -21.66 22.24 -31.44
C PRO B 344 -21.40 22.58 -29.98
N GLN B 345 -21.65 23.83 -29.63
CA GLN B 345 -21.43 24.28 -28.26
C GLN B 345 -22.39 23.66 -27.19
N SER B 346 -23.48 23.01 -27.62
CA SER B 346 -24.33 22.22 -26.71
C SER B 346 -23.74 20.85 -26.31
N GLY B 347 -22.87 20.30 -27.15
CA GLY B 347 -22.38 18.92 -26.96
C GLY B 347 -23.44 17.88 -27.25
N VAL B 348 -24.57 18.30 -27.87
CA VAL B 348 -25.67 17.37 -28.19
C VAL B 348 -26.02 17.49 -29.69
N PRO B 349 -25.98 16.35 -30.44
CA PRO B 349 -26.44 16.37 -31.84
C PRO B 349 -27.96 16.62 -31.99
N ASN B 350 -28.39 17.02 -33.18
CA ASN B 350 -29.81 16.98 -33.51
C ASN B 350 -30.26 15.52 -33.48
N GLN B 351 -31.55 15.30 -33.20
CA GLN B 351 -32.13 13.96 -33.03
C GLN B 351 -31.69 13.01 -34.13
N GLU B 352 -31.75 13.47 -35.38
CA GLU B 352 -31.44 12.61 -36.52
CA GLU B 352 -31.39 12.71 -36.59
C GLU B 352 -29.99 12.12 -36.52
N ASP B 353 -29.11 12.79 -35.77
CA ASP B 353 -27.72 12.38 -35.63
C ASP B 353 -27.43 11.59 -34.34
N ILE B 354 -28.41 11.41 -33.47
CA ILE B 354 -28.24 10.56 -32.28
C ILE B 354 -28.48 9.09 -32.69
N ARG B 355 -27.49 8.22 -32.47
CA ARG B 355 -27.53 6.83 -32.92
C ARG B 355 -27.04 5.89 -31.83
N LEU B 356 -27.57 4.67 -31.84
CA LEU B 356 -27.05 3.57 -31.03
C LEU B 356 -25.82 2.96 -31.69
N ASN B 357 -24.76 2.76 -30.92
CA ASN B 357 -23.56 2.08 -31.41
C ASN B 357 -23.25 0.96 -30.40
N GLY B 358 -23.61 -0.26 -30.73
CA GLY B 358 -23.36 -1.38 -29.83
C GLY B 358 -24.28 -1.48 -28.61
N HIS B 359 -23.78 -2.16 -27.57
CA HIS B 359 -24.55 -2.52 -26.37
C HIS B 359 -23.65 -2.38 -25.16
N ALA B 360 -24.25 -2.02 -24.03
CA ALA B 360 -23.51 -1.85 -22.79
C ALA B 360 -24.32 -2.31 -21.60
N LEU B 361 -23.60 -2.74 -20.57
CA LEU B 361 -24.23 -3.04 -19.28
C LEU B 361 -23.37 -2.47 -18.19
N GLN B 362 -24.00 -2.15 -17.06
CA GLN B 362 -23.22 -1.65 -15.94
CA GLN B 362 -23.25 -1.60 -15.93
C GLN B 362 -23.65 -2.29 -14.63
N CYS B 363 -22.70 -2.39 -13.71
CA CYS B 363 -22.87 -3.07 -12.42
CA CYS B 363 -23.12 -2.78 -12.39
C CYS B 363 -22.22 -2.14 -11.38
N ARG B 364 -22.76 -2.05 -10.16
CA ARG B 364 -22.10 -1.37 -9.06
C ARG B 364 -21.46 -2.45 -8.18
N VAL B 365 -20.16 -2.34 -7.93
CA VAL B 365 -19.46 -3.25 -7.05
C VAL B 365 -19.49 -2.63 -5.67
N THR B 366 -19.91 -3.42 -4.69
CA THR B 366 -20.09 -2.93 -3.33
C THR B 366 -19.51 -3.97 -2.36
N THR B 367 -19.44 -3.63 -1.07
CA THR B 367 -19.03 -4.58 -0.07
C THR B 367 -20.18 -5.42 0.51
N GLU B 368 -21.34 -5.40 -0.15
CA GLU B 368 -22.44 -6.28 0.25
C GLU B 368 -22.04 -7.74 0.06
N ASP B 369 -21.95 -8.49 1.16
CA ASP B 369 -21.45 -9.86 1.18
C ASP B 369 -22.56 -10.87 0.91
N PRO B 370 -22.58 -11.45 -0.30
CA PRO B 370 -23.66 -12.39 -0.68
C PRO B 370 -23.75 -13.61 0.27
N GLU B 371 -22.62 -13.93 0.91
CA GLU B 371 -22.54 -15.08 1.79
C GLU B 371 -22.98 -14.71 3.22
N HIS B 372 -23.27 -13.44 3.44
CA HIS B 372 -23.67 -12.94 4.73
C HIS B 372 -24.90 -12.05 4.54
N ASN B 373 -25.88 -12.59 3.82
CA ASN B 373 -27.19 -11.94 3.60
C ASN B 373 -27.15 -10.52 2.99
N PHE B 374 -26.05 -10.19 2.32
CA PHE B 374 -25.85 -8.87 1.67
C PHE B 374 -25.63 -7.71 2.63
N ILE B 375 -25.30 -8.06 3.88
CA ILE B 375 -24.86 -7.07 4.85
C ILE B 375 -23.54 -6.47 4.35
N PRO B 376 -23.44 -5.13 4.28
CA PRO B 376 -22.20 -4.57 3.75
C PRO B 376 -21.04 -4.84 4.69
N ASP B 377 -19.91 -5.23 4.11
CA ASP B 377 -18.70 -5.39 4.89
C ASP B 377 -18.07 -4.01 5.03
N TYR B 378 -17.25 -3.84 6.07
CA TYR B 378 -16.58 -2.55 6.28
C TYR B 378 -15.18 -2.80 6.81
N GLY B 379 -14.33 -1.79 6.72
CA GLY B 379 -12.98 -1.88 7.24
C GLY B 379 -11.99 -1.47 6.20
N ARG B 380 -10.73 -1.82 6.45
CA ARG B 380 -9.61 -1.47 5.60
C ARG B 380 -9.55 -2.34 4.36
N ILE B 381 -9.48 -1.67 3.22
CA ILE B 381 -9.17 -2.38 2.00
C ILE B 381 -7.65 -2.59 1.94
N THR B 382 -7.23 -3.84 1.83
CA THR B 382 -5.79 -4.08 1.85
C THR B 382 -5.17 -4.13 0.46
N ALA B 383 -6.01 -4.37 -0.55
CA ALA B 383 -5.58 -4.41 -1.95
C ALA B 383 -6.75 -4.01 -2.80
N TYR B 384 -6.51 -3.09 -3.72
CA TYR B 384 -7.51 -2.76 -4.73
C TYR B 384 -6.80 -2.55 -6.03
N ARG B 385 -7.08 -3.42 -6.99
CA ARG B 385 -6.59 -3.26 -8.36
CA ARG B 385 -6.61 -3.24 -8.36
C ARG B 385 -7.79 -3.48 -9.29
N SER B 386 -8.14 -2.47 -10.06
CA SER B 386 -9.23 -2.56 -11.03
C SER B 386 -8.74 -3.18 -12.29
N ALA B 387 -9.68 -3.53 -13.19
CA ALA B 387 -9.35 -4.13 -14.46
C ALA B 387 -10.06 -3.35 -15.56
N SER B 388 -9.30 -2.94 -16.58
CA SER B 388 -9.82 -2.10 -17.67
C SER B 388 -9.66 -2.76 -19.03
N GLY B 389 -9.02 -2.08 -19.98
CA GLY B 389 -8.81 -2.69 -21.30
C GLY B 389 -9.91 -2.22 -22.27
N PHE B 390 -9.95 -2.81 -23.45
CA PHE B 390 -10.90 -2.34 -24.46
C PHE B 390 -12.35 -2.58 -24.01
N GLY B 391 -13.14 -1.50 -24.06
CA GLY B 391 -14.58 -1.55 -23.85
C GLY B 391 -15.00 -1.52 -22.40
N ILE B 392 -14.07 -1.20 -21.50
CA ILE B 392 -14.38 -1.07 -20.06
C ILE B 392 -14.27 0.38 -19.69
N ARG B 393 -15.30 0.86 -19.00
CA ARG B 393 -15.34 2.20 -18.45
C ARG B 393 -15.46 2.03 -16.95
N LEU B 394 -14.73 2.86 -16.19
CA LEU B 394 -14.83 2.84 -14.74
C LEU B 394 -15.28 4.19 -14.23
N ASP B 395 -16.23 4.17 -13.28
CA ASP B 395 -16.59 5.38 -12.52
C ASP B 395 -16.53 4.99 -11.10
N GLY B 396 -15.35 5.21 -10.53
CA GLY B 396 -15.09 4.87 -9.14
C GLY B 396 -14.45 6.11 -8.62
N GLY B 397 -13.12 6.01 -8.41
CA GLY B 397 -12.25 7.11 -7.96
C GLY B 397 -12.16 7.15 -6.45
N THR B 398 -12.92 6.26 -5.80
CA THR B 398 -13.07 6.32 -4.35
C THR B 398 -12.30 5.25 -3.56
N SER B 399 -11.99 4.10 -4.18
CA SER B 399 -11.36 2.97 -3.52
C SER B 399 -9.91 2.89 -3.90
N TYR B 400 -9.10 2.38 -2.98
CA TYR B 400 -7.66 2.25 -3.21
C TYR B 400 -7.17 1.39 -2.07
N SER B 401 -5.97 0.84 -2.24
CA SER B 401 -5.34 0.06 -1.19
C SER B 401 -5.15 0.96 0.06
N GLY B 402 -5.73 0.55 1.18
CA GLY B 402 -5.69 1.36 2.38
C GLY B 402 -6.93 2.19 2.68
N ALA B 403 -7.87 2.25 1.75
CA ALA B 403 -9.14 2.94 1.99
C ALA B 403 -9.89 2.26 3.11
N ILE B 404 -10.62 3.04 3.90
CA ILE B 404 -11.48 2.44 4.93
C ILE B 404 -12.91 2.58 4.42
N ILE B 405 -13.63 1.45 4.39
CA ILE B 405 -15.06 1.47 4.11
C ILE B 405 -15.78 1.69 5.48
N THR B 406 -16.53 2.78 5.59
CA THR B 406 -17.26 3.06 6.83
C THR B 406 -18.73 2.64 6.71
N ARG B 407 -19.47 2.66 7.82
CA ARG B 407 -20.88 2.28 7.78
C ARG B 407 -21.82 3.44 7.42
N TYR B 408 -21.26 4.63 7.15
CA TYR B 408 -22.05 5.87 7.10
C TYR B 408 -22.86 6.08 5.84
N TYR B 409 -22.33 5.64 4.69
CA TYR B 409 -22.95 5.87 3.41
C TYR B 409 -23.08 4.57 2.61
N ASP B 410 -23.60 4.66 1.40
CA ASP B 410 -23.68 3.52 0.49
C ASP B 410 -22.33 2.84 0.32
N PRO B 411 -22.29 1.49 0.33
CA PRO B 411 -21.01 0.79 0.41
C PRO B 411 -20.40 0.54 -0.99
N LEU B 412 -20.43 1.57 -1.84
CA LEU B 412 -19.99 1.46 -3.24
C LEU B 412 -18.48 1.46 -3.35
N LEU B 413 -17.94 0.53 -4.15
CA LEU B 413 -16.52 0.50 -4.45
C LEU B 413 -16.22 1.18 -5.79
N VAL B 414 -16.94 0.77 -6.83
CA VAL B 414 -16.72 1.27 -8.18
C VAL B 414 -17.90 0.84 -9.05
N LYS B 415 -18.23 1.66 -10.05
CA LYS B 415 -19.23 1.32 -11.02
CA LYS B 415 -19.23 1.31 -11.05
C LYS B 415 -18.52 0.92 -12.32
N VAL B 416 -18.86 -0.24 -12.85
CA VAL B 416 -18.17 -0.75 -14.02
C VAL B 416 -19.17 -0.79 -15.17
N THR B 417 -18.77 -0.29 -16.34
CA THR B 417 -19.62 -0.32 -17.55
C THR B 417 -18.83 -1.03 -18.64
N ALA B 418 -19.44 -2.04 -19.25
CA ALA B 418 -18.77 -2.80 -20.33
C ALA B 418 -19.53 -2.55 -21.61
N TRP B 419 -18.79 -2.42 -22.72
CA TRP B 419 -19.35 -2.16 -24.08
C TRP B 419 -18.85 -3.18 -25.07
N ALA B 420 -19.70 -3.62 -26.00
CA ALA B 420 -19.28 -4.40 -27.14
C ALA B 420 -20.30 -4.17 -28.24
N PRO B 421 -19.96 -4.57 -29.51
CA PRO B 421 -20.89 -4.39 -30.64
C PRO B 421 -22.15 -5.20 -30.48
N ASN B 422 -22.09 -6.28 -29.68
CA ASN B 422 -23.21 -7.19 -29.53
CA ASN B 422 -23.22 -7.18 -29.50
C ASN B 422 -23.42 -7.51 -28.02
N PRO B 423 -24.69 -7.75 -27.58
CA PRO B 423 -24.97 -7.86 -26.14
C PRO B 423 -24.28 -9.04 -25.44
N LEU B 424 -24.10 -10.17 -26.12
CA LEU B 424 -23.39 -11.32 -25.50
C LEU B 424 -21.90 -11.08 -25.29
N GLU B 425 -21.25 -10.49 -26.28
CA GLU B 425 -19.89 -10.02 -26.09
C GLU B 425 -19.75 -9.01 -24.96
N ALA B 426 -20.68 -8.08 -24.86
CA ALA B 426 -20.63 -7.10 -23.75
C ALA B 426 -20.67 -7.84 -22.40
N ILE B 427 -21.52 -8.86 -22.29
CA ILE B 427 -21.55 -9.70 -21.07
C ILE B 427 -20.19 -10.39 -20.78
N SER B 428 -19.63 -11.06 -21.78
CA SER B 428 -18.32 -11.73 -21.63
C SER B 428 -17.24 -10.75 -21.21
N ARG B 429 -17.36 -9.52 -21.71
CA ARG B 429 -16.43 -8.44 -21.36
C ARG B 429 -16.59 -8.00 -19.91
N MET B 430 -17.84 -7.73 -19.51
CA MET B 430 -18.13 -7.43 -18.10
C MET B 430 -17.64 -8.56 -17.18
N ASP B 431 -17.92 -9.80 -17.56
CA ASP B 431 -17.54 -10.95 -16.74
C ASP B 431 -16.00 -11.07 -16.58
N ARG B 432 -15.25 -10.92 -17.68
CA ARG B 432 -13.78 -10.93 -17.60
C ARG B 432 -13.33 -9.80 -16.65
N ALA B 433 -13.81 -8.58 -16.84
CA ALA B 433 -13.35 -7.48 -15.97
C ALA B 433 -13.66 -7.74 -14.50
N LEU B 434 -14.92 -8.11 -14.19
CA LEU B 434 -15.26 -8.38 -12.77
C LEU B 434 -14.36 -9.43 -12.16
N ARG B 435 -14.13 -10.52 -12.89
CA ARG B 435 -13.27 -11.58 -12.38
C ARG B 435 -11.80 -11.23 -12.29
N GLU B 436 -11.37 -10.25 -13.08
CA GLU B 436 -9.99 -9.75 -13.03
C GLU B 436 -9.72 -8.75 -11.91
N PHE B 437 -10.75 -8.03 -11.42
CA PHE B 437 -10.55 -7.10 -10.29
C PHE B 437 -9.95 -7.87 -9.14
N ARG B 438 -9.17 -7.17 -8.31
CA ARG B 438 -8.60 -7.80 -7.13
C ARG B 438 -8.91 -6.81 -6.01
N ILE B 439 -9.86 -7.19 -5.16
CA ILE B 439 -10.22 -6.38 -3.98
C ILE B 439 -10.02 -7.29 -2.79
N ARG B 440 -9.21 -6.84 -1.85
CA ARG B 440 -8.95 -7.64 -0.63
C ARG B 440 -9.18 -6.81 0.63
N GLY B 441 -9.55 -7.49 1.71
CA GLY B 441 -9.65 -6.84 3.03
C GLY B 441 -11.09 -6.61 3.44
N VAL B 442 -11.98 -6.55 2.43
CA VAL B 442 -13.44 -6.50 2.60
C VAL B 442 -14.03 -7.49 1.61
N ALA B 443 -15.20 -8.03 1.94
CA ALA B 443 -16.00 -8.84 1.04
C ALA B 443 -16.66 -7.96 -0.01
N THR B 444 -17.03 -8.55 -1.16
CA THR B 444 -17.69 -7.80 -2.24
C THR B 444 -18.81 -8.62 -2.82
N ASN B 445 -19.64 -7.98 -3.66
CA ASN B 445 -20.75 -8.66 -4.32
C ASN B 445 -20.37 -9.19 -5.69
N LEU B 446 -19.07 -9.33 -5.96
CA LEU B 446 -18.61 -9.67 -7.31
C LEU B 446 -19.17 -11.01 -7.76
N THR B 447 -19.24 -12.00 -6.88
CA THR B 447 -19.69 -13.33 -7.32
C THR B 447 -21.17 -13.30 -7.66
N PHE B 448 -21.90 -12.40 -6.99
CA PHE B 448 -23.33 -12.20 -7.23
C PHE B 448 -23.56 -11.54 -8.57
N LEU B 449 -22.80 -10.47 -8.85
CA LEU B 449 -22.86 -9.83 -10.17
C LEU B 449 -22.55 -10.83 -11.30
N GLU B 450 -21.49 -11.63 -11.12
CA GLU B 450 -21.13 -12.66 -12.05
C GLU B 450 -22.22 -13.75 -12.25
N ALA B 451 -22.88 -14.17 -11.16
CA ALA B 451 -23.95 -15.18 -11.28
C ALA B 451 -25.09 -14.59 -12.09
N ILE B 452 -25.39 -13.31 -11.88
CA ILE B 452 -26.52 -12.68 -12.58
C ILE B 452 -26.28 -12.66 -14.10
N ILE B 453 -25.16 -12.07 -14.49
CA ILE B 453 -24.85 -11.89 -15.92
C ILE B 453 -24.54 -13.22 -16.60
N GLY B 454 -24.13 -14.22 -15.81
CA GLY B 454 -23.93 -15.55 -16.35
C GLY B 454 -25.17 -16.43 -16.43
N HIS B 455 -26.31 -15.92 -15.95
CA HIS B 455 -27.53 -16.74 -15.91
C HIS B 455 -28.15 -16.84 -17.30
N PRO B 456 -28.58 -18.04 -17.72
CA PRO B 456 -29.28 -18.20 -19.00
C PRO B 456 -30.40 -17.19 -19.32
N LYS B 457 -31.21 -16.82 -18.33
CA LYS B 457 -32.34 -15.90 -18.56
C LYS B 457 -31.84 -14.48 -18.73
N PHE B 458 -30.72 -14.11 -18.09
CA PHE B 458 -30.12 -12.79 -18.35
C PHE B 458 -29.60 -12.75 -19.79
N ARG B 459 -28.99 -13.85 -20.23
CA ARG B 459 -28.37 -13.91 -21.55
C ARG B 459 -29.41 -13.86 -22.68
N ASP B 460 -30.56 -14.49 -22.47
CA ASP B 460 -31.63 -14.49 -23.47
C ASP B 460 -32.71 -13.41 -23.25
N ASN B 461 -32.51 -12.51 -22.30
CA ASN B 461 -33.35 -11.32 -22.12
C ASN B 461 -34.78 -11.69 -21.76
N SER B 462 -34.95 -12.83 -21.09
CA SER B 462 -36.30 -13.24 -20.73
C SER B 462 -36.66 -12.94 -19.27
N TYR B 463 -35.83 -12.18 -18.57
CA TYR B 463 -36.05 -11.95 -17.16
C TYR B 463 -37.14 -10.87 -16.95
N THR B 464 -37.73 -10.85 -15.77
CA THR B 464 -38.67 -9.78 -15.36
C THR B 464 -38.11 -9.03 -14.14
N THR B 465 -38.87 -8.05 -13.65
CA THR B 465 -38.46 -7.33 -12.43
C THR B 465 -38.39 -8.30 -11.22
N ARG B 466 -38.99 -9.47 -11.35
CA ARG B 466 -39.03 -10.44 -10.26
C ARG B 466 -37.87 -11.46 -10.33
N PHE B 467 -36.96 -11.27 -11.28
CA PHE B 467 -35.97 -12.30 -11.65
C PHE B 467 -35.09 -12.71 -10.49
N ILE B 468 -34.47 -11.73 -9.82
CA ILE B 468 -33.52 -12.04 -8.77
C ILE B 468 -34.27 -12.60 -7.57
N ASP B 469 -35.37 -11.95 -7.20
CA ASP B 469 -36.11 -12.30 -5.99
C ASP B 469 -36.71 -13.69 -6.07
N THR B 470 -36.79 -14.26 -7.28
CA THR B 470 -37.38 -15.58 -7.45
C THR B 470 -36.42 -16.59 -8.09
N THR B 471 -35.11 -16.31 -8.06
CA THR B 471 -34.11 -17.23 -8.65
C THR B 471 -33.08 -17.68 -7.61
N PRO B 472 -33.34 -18.84 -6.97
CA PRO B 472 -32.51 -19.31 -5.85
C PRO B 472 -31.07 -19.62 -6.27
N GLU B 473 -30.88 -20.13 -7.47
CA GLU B 473 -29.54 -20.52 -7.88
C GLU B 473 -28.50 -19.37 -7.94
N LEU B 474 -28.95 -18.12 -7.88
CA LEU B 474 -28.05 -16.96 -7.87
CA LEU B 474 -28.04 -16.98 -7.89
C LEU B 474 -27.32 -16.84 -6.54
N PHE B 475 -27.85 -17.50 -5.51
CA PHE B 475 -27.37 -17.38 -4.14
C PHE B 475 -26.85 -18.71 -3.57
N GLN B 476 -26.77 -19.75 -4.41
CA GLN B 476 -26.43 -21.10 -3.98
C GLN B 476 -25.17 -21.64 -4.65
N GLN B 477 -24.79 -22.86 -4.28
CA GLN B 477 -23.96 -23.77 -5.10
C GLN B 477 -23.84 -25.16 -4.50
N VAL B 478 -23.59 -26.13 -5.38
CA VAL B 478 -23.62 -27.58 -5.11
C VAL B 478 -22.57 -28.06 -4.11
N ARG B 480 -20.20 -29.89 -5.19
CA ARG B 480 -19.69 -31.04 -5.94
C ARG B 480 -19.08 -32.07 -4.98
N GLN B 481 -18.95 -33.31 -5.44
CA GLN B 481 -18.55 -34.44 -4.59
C GLN B 481 -17.33 -35.21 -5.11
N ASP B 482 -16.80 -34.79 -6.25
CA ASP B 482 -15.76 -35.53 -7.00
C ASP B 482 -14.34 -35.46 -6.38
N ARG B 483 -13.43 -36.23 -6.97
CA ARG B 483 -12.03 -36.36 -6.52
C ARG B 483 -11.30 -35.00 -6.42
N ALA B 484 -11.44 -34.16 -7.45
CA ALA B 484 -10.76 -32.87 -7.49
C ALA B 484 -11.26 -31.97 -6.37
N THR B 485 -12.56 -31.95 -6.13
CA THR B 485 -13.11 -31.15 -5.04
C THR B 485 -12.59 -31.60 -3.65
N LYS B 486 -12.52 -32.91 -3.44
CA LYS B 486 -11.98 -33.45 -2.19
C LYS B 486 -10.53 -32.97 -2.02
N LEU B 487 -9.74 -33.07 -3.10
CA LEU B 487 -8.35 -32.64 -3.12
C LEU B 487 -8.22 -31.15 -2.86
N LEU B 488 -9.11 -30.34 -3.45
CA LEU B 488 -9.13 -28.88 -3.17
C LEU B 488 -9.51 -28.63 -1.70
N THR B 489 -10.33 -29.51 -1.14
CA THR B 489 -10.71 -29.45 0.28
C THR B 489 -9.49 -29.69 1.18
N TYR B 490 -8.65 -30.65 0.79
CA TYR B 490 -7.40 -30.86 1.54
C TYR B 490 -6.51 -29.62 1.49
N LEU B 491 -6.24 -29.13 0.28
CA LEU B 491 -5.41 -27.96 0.03
C LEU B 491 -5.86 -26.74 0.78
N ALA B 492 -7.17 -26.47 0.74
CA ALA B 492 -7.77 -25.39 1.51
C ALA B 492 -7.46 -25.59 3.01
N ASP B 493 -7.76 -26.79 3.52
CA ASP B 493 -7.60 -27.09 4.94
C ASP B 493 -6.15 -26.89 5.43
N VAL B 494 -5.18 -27.46 4.70
CA VAL B 494 -3.76 -27.24 5.06
C VAL B 494 -3.31 -25.80 4.84
N THR B 495 -3.82 -25.14 3.79
CA THR B 495 -3.44 -23.75 3.54
C THR B 495 -3.87 -22.86 4.72
N VAL B 496 -5.08 -23.11 5.23
CA VAL B 496 -5.62 -22.29 6.35
C VAL B 496 -5.04 -22.71 7.71
N ASN B 497 -4.96 -24.02 7.93
CA ASN B 497 -4.65 -24.54 9.24
C ASN B 497 -3.23 -25.05 9.40
N GLY B 498 -2.55 -25.29 8.29
CA GLY B 498 -1.21 -25.87 8.36
C GLY B 498 -1.33 -27.37 8.62
N HIS B 499 -0.20 -28.08 8.65
CA HIS B 499 -0.23 -29.50 8.90
C HIS B 499 0.26 -29.67 10.32
N PRO B 500 -0.41 -30.52 11.13
CA PRO B 500 0.05 -30.75 12.52
C PRO B 500 1.52 -31.21 12.63
N GLU B 501 2.02 -31.96 11.65
CA GLU B 501 3.39 -32.50 11.75
C GLU B 501 4.43 -31.44 11.38
N ALA B 502 3.99 -30.37 10.72
CA ALA B 502 4.92 -29.40 10.13
C ALA B 502 4.83 -28.02 10.70
N LYS B 503 3.65 -27.64 11.21
CA LYS B 503 3.34 -26.23 11.38
C LYS B 503 4.24 -25.50 12.40
N ASP B 504 4.73 -26.24 13.40
CA ASP B 504 5.58 -25.68 14.46
C ASP B 504 7.07 -26.10 14.36
N ARG B 505 7.44 -26.69 13.23
CA ARG B 505 8.79 -27.25 13.06
C ARG B 505 9.50 -26.35 12.05
N PRO B 506 10.84 -26.51 11.89
CA PRO B 506 11.58 -25.74 10.89
C PRO B 506 11.05 -25.91 9.45
N LYS B 507 11.05 -24.83 8.68
CA LYS B 507 10.54 -24.84 7.32
C LYS B 507 11.68 -25.05 6.31
N PRO B 508 11.36 -25.60 5.11
CA PRO B 508 12.33 -25.63 4.05
C PRO B 508 12.63 -24.22 3.53
N LEU B 509 13.89 -24.00 3.14
CA LEU B 509 14.33 -22.72 2.60
C LEU B 509 13.35 -22.24 1.54
N GLU B 510 13.14 -20.92 1.52
CA GLU B 510 11.95 -20.28 0.95
C GLU B 510 11.63 -20.62 -0.51
N ALA B 512 13.73 -22.61 -3.06
CA ALA B 512 14.21 -24.00 -2.91
C ALA B 512 13.92 -24.81 -4.17
N ALA B 513 14.95 -25.47 -4.72
CA ALA B 513 14.84 -26.21 -5.98
C ALA B 513 13.97 -27.46 -5.82
N ARG B 514 12.86 -27.54 -6.58
CA ARG B 514 12.07 -28.74 -6.69
C ARG B 514 12.95 -29.91 -7.17
N PRO B 515 12.67 -31.14 -6.69
CA PRO B 515 13.41 -32.32 -7.18
C PRO B 515 13.05 -32.60 -8.64
N VAL B 516 14.07 -32.94 -9.43
CA VAL B 516 13.95 -33.24 -10.84
C VAL B 516 14.32 -34.70 -11.07
N VAL B 517 13.40 -35.50 -11.57
CA VAL B 517 13.73 -36.90 -11.92
C VAL B 517 14.78 -36.93 -13.06
N PRO B 518 15.92 -37.65 -12.87
CA PRO B 518 16.90 -37.71 -13.96
C PRO B 518 16.27 -38.03 -15.34
N TYR B 519 16.87 -37.51 -16.40
CA TYR B 519 16.43 -37.73 -17.80
C TYR B 519 16.19 -39.21 -18.10
N GLY B 522 17.67 -42.97 -22.47
CA GLY B 522 16.29 -43.34 -22.83
C GLY B 522 16.29 -44.64 -23.62
N ASN B 523 15.57 -45.67 -23.12
CA ASN B 523 15.67 -47.07 -23.61
C ASN B 523 14.92 -48.04 -22.68
N GLY B 524 14.94 -49.35 -22.98
CA GLY B 524 14.06 -50.36 -22.31
C GLY B 524 14.67 -51.20 -21.17
N VAL B 525 13.89 -51.45 -20.11
CA VAL B 525 14.35 -52.17 -18.88
C VAL B 525 15.03 -53.55 -19.03
N LYS B 526 16.25 -53.64 -18.53
CA LYS B 526 17.04 -54.86 -18.50
C LYS B 526 16.64 -55.82 -17.37
N ASP B 527 16.48 -57.10 -17.72
CA ASP B 527 16.13 -58.17 -16.77
C ASP B 527 17.05 -58.12 -15.55
N GLY B 528 16.46 -58.31 -14.37
CA GLY B 528 17.22 -58.25 -13.13
C GLY B 528 16.84 -59.37 -12.19
N THR B 529 17.07 -59.13 -10.88
CA THR B 529 16.89 -60.18 -9.89
C THR B 529 15.45 -60.62 -9.74
N LYS B 530 14.52 -59.76 -10.14
CA LYS B 530 13.11 -60.11 -10.08
C LYS B 530 12.82 -61.24 -11.11
N GLN B 531 13.28 -61.07 -12.35
CA GLN B 531 13.04 -62.12 -13.38
C GLN B 531 13.70 -63.42 -12.95
N LEU B 532 14.90 -63.32 -12.37
CA LEU B 532 15.67 -64.47 -11.90
C LEU B 532 15.01 -65.20 -10.74
N LEU B 533 14.40 -64.47 -9.80
CA LEU B 533 13.57 -65.11 -8.78
C LEU B 533 12.36 -65.82 -9.38
N ASP B 534 11.67 -65.14 -10.31
CA ASP B 534 10.44 -65.66 -10.91
C ASP B 534 10.73 -66.96 -11.67
N THR B 535 11.95 -67.06 -12.21
CA THR B 535 12.46 -68.24 -12.92
C THR B 535 12.91 -69.36 -11.98
N LEU B 536 13.75 -69.02 -10.99
CA LEU B 536 14.44 -70.02 -10.16
C LEU B 536 13.63 -70.50 -8.96
N GLY B 537 12.88 -69.59 -8.36
CA GLY B 537 12.21 -69.88 -7.11
C GLY B 537 13.17 -69.49 -5.99
N PRO B 538 12.63 -69.33 -4.79
CA PRO B 538 13.46 -68.75 -3.70
C PRO B 538 14.66 -69.61 -3.29
N LYS B 539 14.49 -70.92 -3.20
CA LYS B 539 15.61 -71.81 -2.83
C LYS B 539 16.78 -71.69 -3.83
N LYS B 540 16.53 -71.92 -5.11
CA LYS B 540 17.55 -71.79 -6.16
C LYS B 540 18.07 -70.38 -6.34
N PHE B 541 17.25 -69.36 -6.03
CA PHE B 541 17.70 -67.97 -6.12
C PHE B 541 18.73 -67.69 -5.01
N GLY B 542 18.43 -68.16 -3.79
CA GLY B 542 19.40 -68.22 -2.70
C GLY B 542 20.70 -68.90 -3.11
N GLU B 543 20.62 -70.07 -3.79
CA GLU B 543 21.84 -70.71 -4.32
C GLU B 543 22.63 -69.81 -5.29
N TRP B 544 21.91 -69.11 -6.17
CA TRP B 544 22.50 -68.12 -7.09
C TRP B 544 23.24 -66.97 -6.40
N MET B 545 22.67 -66.42 -5.32
CA MET B 545 23.35 -65.34 -4.59
C MET B 545 24.64 -65.85 -3.97
N ARG B 546 24.57 -67.04 -3.36
CA ARG B 546 25.73 -67.64 -2.74
C ARG B 546 26.85 -67.78 -3.78
N ASN B 547 26.49 -68.26 -4.96
CA ASN B 547 27.45 -68.53 -6.01
C ASN B 547 27.98 -67.28 -6.70
N GLU B 548 27.27 -66.15 -6.61
CA GLU B 548 27.71 -64.89 -7.24
C GLU B 548 29.07 -64.44 -6.68
N LYS B 549 30.01 -64.12 -7.56
CA LYS B 549 31.28 -63.50 -7.12
C LYS B 549 31.09 -62.04 -6.68
N ARG B 550 30.38 -61.24 -7.49
CA ARG B 550 30.18 -59.84 -7.17
C ARG B 550 29.41 -59.74 -5.85
N VAL B 551 29.67 -58.72 -5.04
CA VAL B 551 28.84 -58.51 -3.87
C VAL B 551 27.53 -57.93 -4.43
N LEU B 552 26.39 -58.33 -3.85
CA LEU B 552 25.10 -57.80 -4.27
C LEU B 552 24.72 -56.66 -3.34
N LEU B 553 24.05 -55.62 -3.84
CA LEU B 553 23.70 -54.46 -3.01
C LEU B 553 22.21 -54.31 -2.89
N THR B 554 21.77 -53.97 -1.69
CA THR B 554 20.40 -53.57 -1.44
C THR B 554 20.43 -52.07 -1.07
N ASP B 555 19.60 -51.27 -1.76
CA ASP B 555 19.51 -49.83 -1.44
C ASP B 555 18.39 -49.63 -0.43
N THR B 556 18.67 -48.98 0.70
CA THR B 556 17.67 -48.86 1.76
C THR B 556 17.11 -47.46 1.83
N THR B 557 17.40 -46.60 0.84
CA THR B 557 16.96 -45.21 0.84
C THR B 557 15.44 -45.06 1.04
N MET B 558 14.66 -45.90 0.35
CA MET B 558 13.21 -45.81 0.41
C MET B 558 12.57 -46.32 1.69
N ARG B 559 13.38 -46.90 2.60
CA ARG B 559 12.83 -47.34 3.91
C ARG B 559 13.72 -46.95 5.10
N ASP B 560 14.77 -47.71 5.37
CA ASP B 560 15.58 -47.44 6.59
C ASP B 560 16.27 -46.07 6.55
N GLY B 561 16.66 -45.59 5.37
CA GLY B 561 17.31 -44.26 5.32
C GLY B 561 16.46 -43.11 5.88
N HIS B 562 15.24 -42.98 5.40
CA HIS B 562 14.34 -41.93 5.88
C HIS B 562 13.73 -42.30 7.20
N GLN B 563 13.53 -43.59 7.46
CA GLN B 563 13.15 -43.99 8.83
C GLN B 563 14.17 -43.46 9.84
N SER B 564 15.48 -43.62 9.57
CA SER B 564 16.51 -43.15 10.54
C SER B 564 16.68 -41.64 10.58
N LEU B 565 16.59 -40.98 9.42
CA LEU B 565 16.97 -39.57 9.38
C LEU B 565 15.81 -38.59 9.39
N LEU B 566 14.65 -39.04 8.95
CA LEU B 566 13.50 -38.12 8.77
C LEU B 566 12.20 -38.61 9.37
N ALA B 567 12.31 -39.40 10.43
CA ALA B 567 11.13 -39.92 11.18
C ALA B 567 10.17 -40.68 10.28
N THR B 568 10.73 -41.30 9.25
CA THR B 568 9.93 -42.06 8.29
C THR B 568 8.87 -41.25 7.55
N ARG B 569 9.07 -39.95 7.40
CA ARG B 569 8.07 -39.06 6.80
CA ARG B 569 8.05 -39.09 6.79
C ARG B 569 8.13 -38.94 5.29
N MET B 570 9.04 -39.67 4.65
CA MET B 570 9.18 -39.54 3.20
C MET B 570 7.90 -40.03 2.50
N ARG B 571 7.39 -39.24 1.54
CA ARG B 571 6.11 -39.52 0.92
C ARG B 571 6.19 -40.36 -0.38
N THR B 572 5.12 -41.08 -0.67
CA THR B 572 4.96 -41.84 -1.92
C THR B 572 5.32 -41.02 -3.18
N TYR B 573 4.83 -39.78 -3.22
CA TYR B 573 5.09 -38.86 -4.36
C TYR B 573 6.61 -38.88 -4.74
N ASP B 574 7.49 -38.72 -3.75
CA ASP B 574 8.94 -38.60 -3.95
C ASP B 574 9.63 -39.96 -4.23
N ILE B 575 9.08 -41.01 -3.61
CA ILE B 575 9.65 -42.34 -3.64
C ILE B 575 9.26 -43.01 -4.95
N ALA B 576 8.00 -42.89 -5.34
CA ALA B 576 7.55 -43.62 -6.54
C ALA B 576 8.17 -42.98 -7.75
N ARG B 577 8.40 -41.67 -7.71
CA ARG B 577 8.90 -40.94 -8.89
C ARG B 577 10.31 -41.35 -9.33
N ILE B 578 11.09 -41.94 -8.43
CA ILE B 578 12.47 -42.34 -8.76
C ILE B 578 12.63 -43.83 -9.11
N ALA B 579 11.56 -44.61 -8.93
CA ALA B 579 11.64 -46.06 -9.06
C ALA B 579 12.07 -46.49 -10.44
N GLY B 580 11.52 -45.84 -11.47
CA GLY B 580 11.89 -46.11 -12.87
C GLY B 580 13.35 -45.79 -13.14
N THR B 581 13.85 -44.72 -12.52
CA THR B 581 15.26 -44.37 -12.63
C THR B 581 16.17 -45.47 -12.10
N TYR B 582 15.92 -45.94 -10.86
CA TYR B 582 16.62 -47.12 -10.37
C TYR B 582 16.58 -48.27 -11.38
N SER B 583 15.38 -48.58 -11.87
CA SER B 583 15.13 -49.70 -12.77
C SER B 583 15.99 -49.63 -14.03
N HIS B 584 16.08 -48.42 -14.61
CA HIS B 584 16.84 -48.18 -15.84
C HIS B 584 18.34 -48.04 -15.62
N ALA B 585 18.73 -47.38 -14.53
CA ALA B 585 20.10 -46.97 -14.34
C ALA B 585 20.91 -47.93 -13.50
N LEU B 586 20.26 -48.67 -12.58
CA LEU B 586 20.96 -49.58 -11.66
C LEU B 586 20.36 -50.99 -11.69
N PRO B 587 20.30 -51.60 -12.89
CA PRO B 587 19.55 -52.86 -13.06
C PRO B 587 20.20 -54.06 -12.35
N ASN B 588 21.42 -53.89 -11.87
CA ASN B 588 22.18 -54.94 -11.20
C ASN B 588 21.93 -55.01 -9.70
N LEU B 589 21.16 -54.07 -9.14
CA LEU B 589 20.91 -54.08 -7.70
C LEU B 589 20.16 -55.33 -7.33
N LEU B 590 20.47 -55.86 -6.15
CA LEU B 590 19.74 -56.96 -5.60
C LEU B 590 18.28 -56.62 -5.32
N SER B 591 18.08 -55.56 -4.55
CA SER B 591 16.73 -55.20 -4.12
C SER B 591 16.68 -53.75 -3.69
N LEU B 592 15.46 -53.23 -3.61
CA LEU B 592 15.20 -51.93 -2.97
C LEU B 592 14.48 -52.28 -1.70
N GLU B 593 15.05 -51.88 -0.56
CA GLU B 593 14.31 -52.00 0.69
C GLU B 593 13.38 -50.80 0.69
N CYS B 594 12.09 -51.06 0.58
CA CYS B 594 11.15 -49.97 0.34
C CYS B 594 9.84 -50.10 1.12
N TRP B 595 9.79 -50.98 2.13
CA TRP B 595 8.50 -51.28 2.77
C TRP B 595 8.72 -51.93 4.14
N GLY B 596 7.67 -51.98 4.96
CA GLY B 596 7.80 -52.54 6.30
C GLY B 596 8.46 -51.52 7.22
N GLY B 597 8.96 -51.99 8.38
CA GLY B 597 9.45 -51.09 9.43
C GLY B 597 8.31 -50.13 9.78
N ALA B 598 8.65 -48.88 10.00
CA ALA B 598 7.63 -47.91 10.40
C ALA B 598 6.82 -47.34 9.24
N THR B 599 7.19 -47.65 7.98
CA THR B 599 6.51 -46.97 6.86
C THR B 599 5.01 -47.31 6.83
N PHE B 600 4.65 -48.49 7.37
CA PHE B 600 3.27 -49.01 7.17
C PHE B 600 2.25 -48.15 7.91
N ASP B 601 2.45 -47.98 9.21
CA ASP B 601 1.56 -47.12 9.97
C ASP B 601 1.84 -45.62 9.78
N VAL B 602 3.11 -45.22 9.69
CA VAL B 602 3.43 -43.79 9.48
C VAL B 602 2.77 -43.27 8.22
N SER B 603 2.78 -44.05 7.13
CA SER B 603 2.17 -43.59 5.88
C SER B 603 0.72 -43.14 6.08
N MET B 604 -0.06 -43.95 6.82
CA MET B 604 -1.48 -43.64 7.03
C MET B 604 -1.69 -42.57 8.09
N ARG B 605 -0.96 -42.71 9.20
CA ARG B 605 -1.23 -41.89 10.37
C ARG B 605 -0.77 -40.46 10.16
N PHE B 606 0.40 -40.30 9.55
CA PHE B 606 1.04 -38.98 9.49
C PHE B 606 1.12 -38.41 8.09
N LEU B 607 1.00 -39.26 7.07
CA LEU B 607 1.08 -38.79 5.70
C LEU B 607 -0.22 -38.89 4.93
N THR B 608 -1.27 -39.39 5.58
CA THR B 608 -2.58 -39.55 4.94
C THR B 608 -2.45 -40.32 3.61
N GLU B 609 -1.66 -41.39 3.61
CA GLU B 609 -1.52 -42.19 2.36
C GLU B 609 -1.43 -43.67 2.61
N ASP B 610 -1.70 -44.44 1.56
CA ASP B 610 -1.90 -45.90 1.61
C ASP B 610 -0.54 -46.61 1.33
N PRO B 611 -0.07 -47.48 2.26
CA PRO B 611 1.22 -48.11 1.97
C PRO B 611 1.12 -49.15 0.83
N TRP B 612 -0.08 -49.64 0.52
CA TRP B 612 -0.23 -50.61 -0.54
C TRP B 612 -0.07 -49.91 -1.89
N GLU B 613 -0.60 -48.70 -1.96
CA GLU B 613 -0.50 -47.86 -3.16
C GLU B 613 0.98 -47.53 -3.44
N ARG B 614 1.73 -47.18 -2.37
CA ARG B 614 3.18 -46.95 -2.46
C ARG B 614 3.87 -48.18 -3.05
N LEU B 615 3.63 -49.35 -2.47
CA LEU B 615 4.21 -50.60 -3.01
C LEU B 615 3.88 -50.84 -4.49
N ALA B 616 2.60 -50.66 -4.84
CA ALA B 616 2.11 -50.92 -6.19
C ALA B 616 2.87 -50.05 -7.19
N LEU B 617 3.02 -48.78 -6.86
CA LEU B 617 3.70 -47.82 -7.73
C LEU B 617 5.20 -48.13 -7.88
N ILE B 618 5.84 -48.57 -6.79
CA ILE B 618 7.26 -48.92 -6.89
C ILE B 618 7.39 -50.18 -7.78
N ARG B 619 6.46 -51.10 -7.60
CA ARG B 619 6.44 -52.36 -8.35
C ARG B 619 6.32 -52.09 -9.84
N GLU B 620 5.42 -51.18 -10.22
CA GLU B 620 5.24 -50.74 -11.61
C GLU B 620 6.48 -50.07 -12.16
N GLY B 621 7.08 -49.18 -11.37
CA GLY B 621 8.27 -48.45 -11.77
C GLY B 621 9.52 -49.31 -11.89
N ALA B 622 9.64 -50.36 -11.09
CA ALA B 622 10.84 -51.21 -11.06
C ALA B 622 10.49 -52.68 -11.21
N PRO B 623 10.05 -53.10 -12.40
CA PRO B 623 9.68 -54.50 -12.61
C PRO B 623 10.86 -55.47 -12.62
N ASN B 624 12.09 -54.97 -12.59
CA ASN B 624 13.24 -55.87 -12.74
C ASN B 624 14.03 -56.11 -11.44
N LEU B 625 13.72 -55.35 -10.39
CA LEU B 625 14.43 -55.43 -9.09
C LEU B 625 13.54 -56.08 -8.03
N LEU B 626 14.15 -56.79 -7.07
CA LEU B 626 13.36 -57.38 -5.97
C LEU B 626 12.91 -56.26 -5.07
N LEU B 627 11.69 -56.34 -4.55
CA LEU B 627 11.24 -55.37 -3.55
C LEU B 627 11.35 -56.05 -2.20
N GLN B 628 11.96 -55.36 -1.23
CA GLN B 628 12.29 -56.00 0.02
C GLN B 628 11.55 -55.29 1.15
N MET B 629 11.03 -56.06 2.10
CA MET B 629 10.47 -55.38 3.29
C MET B 629 11.18 -55.83 4.54
N LEU B 630 11.06 -55.06 5.62
CA LEU B 630 11.44 -55.57 6.92
C LEU B 630 10.16 -56.01 7.63
N LEU B 631 10.15 -57.24 8.13
CA LEU B 631 9.00 -57.82 8.77
C LEU B 631 9.38 -58.35 10.18
N ARG B 632 8.61 -58.00 11.18
CA ARG B 632 8.78 -58.61 12.51
C ARG B 632 8.06 -59.96 12.54
N GLY B 633 8.79 -61.00 12.93
CA GLY B 633 8.31 -62.39 12.89
C GLY B 633 7.03 -62.53 13.68
N ALA B 634 6.98 -61.89 14.84
CA ALA B 634 5.89 -62.15 15.76
C ALA B 634 4.63 -61.39 15.34
N ASN B 635 4.78 -60.24 14.68
CA ASN B 635 3.59 -59.46 14.40
C ASN B 635 3.52 -58.66 13.07
N GLY B 636 4.22 -59.15 12.04
CA GLY B 636 4.22 -58.54 10.71
C GLY B 636 4.70 -57.10 10.70
N VAL B 637 3.76 -56.15 10.60
CA VAL B 637 4.10 -54.72 10.62
C VAL B 637 3.40 -54.04 11.79
N GLY B 638 2.77 -54.85 12.63
CA GLY B 638 1.85 -54.34 13.66
C GLY B 638 2.50 -53.86 14.96
N TYR B 639 1.67 -53.59 15.95
CA TYR B 639 2.13 -52.91 17.16
C TYR B 639 1.99 -53.82 18.39
N THR B 640 1.31 -54.94 18.24
CA THR B 640 1.10 -55.85 19.36
C THR B 640 1.21 -57.27 18.82
N ASN B 641 0.75 -58.27 19.57
CA ASN B 641 0.80 -59.64 19.08
C ASN B 641 -0.54 -59.93 18.42
N TYR B 642 -0.53 -60.78 17.40
CA TYR B 642 -1.76 -61.14 16.65
C TYR B 642 -1.84 -62.65 16.56
N PRO B 643 -3.07 -63.20 16.41
CA PRO B 643 -3.16 -64.65 16.19
C PRO B 643 -2.36 -65.02 14.94
N ASP B 644 -1.92 -66.27 14.85
CA ASP B 644 -1.14 -66.77 13.72
C ASP B 644 -1.84 -66.60 12.37
N ASN B 645 -3.15 -66.82 12.34
CA ASN B 645 -3.90 -66.67 11.09
C ASN B 645 -3.89 -65.23 10.55
N VAL B 646 -3.83 -64.23 11.44
CA VAL B 646 -3.72 -62.80 11.05
C VAL B 646 -2.33 -62.51 10.48
N VAL B 647 -1.29 -63.02 11.14
CA VAL B 647 0.07 -62.82 10.63
C VAL B 647 0.24 -63.47 9.24
N LYS B 648 -0.28 -64.68 9.10
CA LYS B 648 -0.22 -65.39 7.83
C LYS B 648 -1.00 -64.61 6.74
N TYR B 649 -2.18 -64.10 7.08
CA TYR B 649 -3.00 -63.32 6.15
C TYR B 649 -2.25 -62.08 5.65
N PHE B 650 -1.63 -61.37 6.59
CA PHE B 650 -0.79 -60.24 6.23
C PHE B 650 0.34 -60.61 5.27
N VAL B 651 1.11 -61.66 5.61
CA VAL B 651 2.20 -62.10 4.71
C VAL B 651 1.65 -62.45 3.34
N ARG B 652 0.50 -63.13 3.30
CA ARG B 652 -0.15 -63.45 2.02
C ARG B 652 -0.38 -62.19 1.18
N GLN B 653 -0.94 -61.15 1.80
CA GLN B 653 -1.26 -59.91 1.07
C GLN B 653 0.02 -59.15 0.67
N ALA B 654 1.01 -59.10 1.57
CA ALA B 654 2.30 -58.47 1.24
C ALA B 654 2.92 -59.05 -0.02
N ALA B 655 2.94 -60.37 -0.13
CA ALA B 655 3.40 -61.07 -1.35
C ALA B 655 2.57 -60.72 -2.59
N LYS B 656 1.25 -60.78 -2.47
CA LYS B 656 0.36 -60.36 -3.57
C LYS B 656 0.63 -58.90 -3.98
N GLY B 657 0.88 -58.04 -2.98
CA GLY B 657 1.13 -56.60 -3.20
C GLY B 657 2.43 -56.27 -3.94
N GLY B 658 3.34 -57.24 -3.98
CA GLY B 658 4.60 -57.06 -4.69
C GLY B 658 5.89 -57.21 -3.92
N ILE B 659 5.85 -57.58 -2.65
CA ILE B 659 7.10 -57.89 -1.94
C ILE B 659 7.68 -59.24 -2.40
N ASP B 660 8.96 -59.27 -2.75
CA ASP B 660 9.63 -60.52 -3.16
C ASP B 660 10.55 -61.07 -2.02
N LEU B 661 11.12 -60.14 -1.25
CA LEU B 661 12.15 -60.45 -0.25
C LEU B 661 11.73 -59.96 1.12
N PHE B 662 11.48 -60.89 2.03
CA PHE B 662 11.01 -60.57 3.37
C PHE B 662 12.18 -60.76 4.30
N ARG B 663 12.63 -59.67 4.94
CA ARG B 663 13.67 -59.80 5.93
C ARG B 663 12.91 -59.92 7.26
N VAL B 664 12.97 -61.11 7.87
CA VAL B 664 12.19 -61.35 9.09
C VAL B 664 13.14 -61.47 10.28
N PHE B 665 12.84 -60.73 11.36
CA PHE B 665 13.67 -60.74 12.56
C PHE B 665 12.83 -60.91 13.80
N ASP B 666 13.52 -61.12 14.92
CA ASP B 666 12.82 -61.16 16.18
C ASP B 666 13.66 -60.38 17.17
N CYS B 667 13.00 -59.58 18.00
CA CYS B 667 13.74 -58.67 18.82
C CYS B 667 14.57 -59.33 19.93
N LEU B 668 14.42 -60.64 20.15
CA LEU B 668 15.28 -61.32 21.14
C LEU B 668 15.97 -62.48 20.47
N ASN B 669 15.95 -62.49 19.13
CA ASN B 669 16.52 -63.59 18.32
C ASN B 669 15.92 -64.95 18.71
N TRP B 670 14.63 -64.96 18.99
CA TRP B 670 13.98 -66.24 19.40
C TRP B 670 13.41 -66.91 18.17
N VAL B 671 14.05 -67.96 17.72
CA VAL B 671 13.69 -68.59 16.42
C VAL B 671 12.24 -69.08 16.49
N GLU B 672 11.83 -69.57 17.66
CA GLU B 672 10.45 -70.05 17.84
C GLU B 672 9.42 -69.00 17.46
N ASN B 673 9.73 -67.74 17.79
CA ASN B 673 8.84 -66.63 17.53
C ASN B 673 8.90 -66.18 16.06
N MET B 674 9.70 -66.85 15.24
CA MET B 674 9.87 -66.44 13.85
C MET B 674 9.26 -67.48 12.92
N ARG B 675 8.95 -68.67 13.43
CA ARG B 675 8.55 -69.80 12.57
C ARG B 675 7.25 -69.55 11.79
N VAL B 676 6.23 -69.01 12.45
CA VAL B 676 4.96 -68.75 11.74
C VAL B 676 5.13 -67.85 10.48
N SER B 677 5.93 -66.77 10.61
CA SER B 677 6.18 -65.89 9.47
C SER B 677 7.05 -66.56 8.41
N MET B 678 8.10 -67.24 8.83
CA MET B 678 8.98 -67.95 7.91
C MET B 678 8.19 -68.99 7.10
N ASP B 679 7.30 -69.72 7.75
CA ASP B 679 6.45 -70.70 7.07
C ASP B 679 5.55 -70.01 6.06
N ALA B 680 4.88 -68.95 6.49
CA ALA B 680 4.01 -68.15 5.61
C ALA B 680 4.74 -67.66 4.34
N ILE B 681 5.96 -67.15 4.53
CA ILE B 681 6.76 -66.64 3.42
C ILE B 681 7.07 -67.77 2.39
N ALA B 682 7.57 -68.89 2.89
CA ALA B 682 7.83 -70.05 2.01
C ALA B 682 6.54 -70.49 1.31
N GLU B 683 5.44 -70.58 2.06
CA GLU B 683 4.12 -70.87 1.50
C GLU B 683 3.74 -69.97 0.30
N GLU B 684 4.19 -68.71 0.30
CA GLU B 684 3.88 -67.80 -0.80
C GLU B 684 4.93 -67.85 -1.89
N ASN B 685 5.94 -68.69 -1.70
CA ASN B 685 7.00 -68.88 -2.67
C ASN B 685 7.89 -67.65 -2.88
N LYS B 686 8.05 -66.86 -1.81
CA LYS B 686 8.93 -65.71 -1.79
C LYS B 686 10.20 -65.99 -0.98
N LEU B 687 11.16 -65.06 -1.04
CA LEU B 687 12.39 -65.16 -0.28
C LEU B 687 12.18 -64.88 1.21
N CYS B 688 12.52 -65.89 2.01
CA CYS B 688 12.58 -65.75 3.46
C CYS B 688 14.03 -65.48 3.84
N GLU B 689 14.33 -64.21 4.14
CA GLU B 689 15.64 -63.84 4.64
C GLU B 689 15.52 -63.73 6.16
N ALA B 690 15.97 -64.77 6.86
CA ALA B 690 15.87 -64.80 8.32
C ALA B 690 17.06 -64.06 8.93
N ALA B 691 16.78 -63.03 9.76
CA ALA B 691 17.84 -62.16 10.30
C ALA B 691 18.21 -62.60 11.69
N ILE B 692 19.52 -62.53 11.98
CA ILE B 692 20.01 -62.60 13.34
C ILE B 692 20.47 -61.17 13.71
N CYS B 693 19.91 -60.62 14.78
CA CYS B 693 20.35 -59.32 15.25
C CYS B 693 21.69 -59.41 15.97
N TYR B 694 22.57 -58.46 15.68
CA TYR B 694 23.89 -58.44 16.30
C TYR B 694 23.91 -57.53 17.54
N THR B 695 24.52 -57.98 18.62
CA THR B 695 24.65 -57.11 19.82
C THR B 695 25.97 -57.52 20.50
N GLY B 696 26.46 -56.76 21.45
CA GLY B 696 27.69 -57.17 22.12
C GLY B 696 28.90 -57.05 21.21
N ASP B 697 29.86 -57.95 21.43
CA ASP B 697 31.12 -57.91 20.69
C ASP B 697 31.67 -59.31 20.72
N ILE B 698 31.59 -60.03 19.60
CA ILE B 698 32.08 -61.41 19.61
C ILE B 698 33.57 -61.54 19.91
N LEU B 699 34.32 -60.45 19.76
CA LEU B 699 35.76 -60.52 20.00
C LEU B 699 36.12 -60.10 21.42
N ASN B 700 35.12 -59.74 22.23
CA ASN B 700 35.35 -59.38 23.62
C ASN B 700 35.04 -60.56 24.57
N SER B 701 36.09 -61.18 25.10
CA SER B 701 35.94 -62.41 25.88
C SER B 701 35.24 -62.14 27.21
N ALA B 702 35.05 -60.86 27.53
CA ALA B 702 34.42 -60.48 28.80
C ALA B 702 32.93 -60.45 28.69
N ARG B 703 32.39 -60.61 27.48
CA ARG B 703 30.95 -60.64 27.30
C ARG B 703 30.45 -61.89 26.51
N PRO B 704 30.74 -63.12 27.01
CA PRO B 704 30.63 -64.37 26.21
C PRO B 704 29.26 -64.81 25.77
N LYS B 705 28.22 -64.24 26.35
CA LYS B 705 26.82 -64.51 25.97
C LYS B 705 26.60 -64.37 24.45
N TYR B 706 27.17 -63.32 23.85
CA TYR B 706 27.00 -63.08 22.43
C TYR B 706 28.32 -63.33 21.75
N ASP B 707 28.75 -64.60 21.76
CA ASP B 707 30.05 -65.00 21.21
C ASP B 707 29.86 -65.53 19.81
N LEU B 708 30.92 -65.99 19.15
CA LEU B 708 30.79 -66.41 17.76
C LEU B 708 29.79 -67.57 17.60
N LYS B 709 29.86 -68.58 18.47
CA LYS B 709 28.97 -69.75 18.36
CA LYS B 709 28.96 -69.76 18.42
C LYS B 709 27.48 -69.41 18.53
N TYR B 710 27.19 -68.34 19.27
CA TYR B 710 25.82 -67.86 19.40
C TYR B 710 25.26 -67.55 18.01
N TYR B 711 26.05 -66.86 17.19
CA TYR B 711 25.61 -66.50 15.84
C TYR B 711 25.63 -67.68 14.85
N THR B 712 26.69 -68.49 14.87
CA THR B 712 26.74 -69.63 13.94
C THR B 712 25.66 -70.69 14.28
N ASN B 713 25.37 -70.89 15.56
CA ASN B 713 24.27 -71.79 15.98
C ASN B 713 22.89 -71.29 15.54
N LEU B 714 22.66 -69.99 15.63
CA LEU B 714 21.39 -69.40 15.16
C LEU B 714 21.26 -69.53 13.64
N ALA B 715 22.36 -69.35 12.90
CA ALA B 715 22.32 -69.49 11.44
C ALA B 715 21.92 -70.91 11.07
N VAL B 716 22.42 -71.87 11.84
CA VAL B 716 22.14 -73.28 11.59
C VAL B 716 20.64 -73.55 11.84
N GLU B 717 20.11 -73.01 12.95
CA GLU B 717 18.70 -73.17 13.33
CA GLU B 717 18.71 -73.24 13.29
C GLU B 717 17.75 -72.54 12.34
N LEU B 718 18.11 -71.35 11.87
CA LEU B 718 17.28 -70.63 10.89
C LEU B 718 17.25 -71.35 9.54
N GLU B 719 18.35 -71.98 9.17
CA GLU B 719 18.40 -72.74 7.92
C GLU B 719 17.49 -73.98 8.03
N LYS B 720 17.57 -74.66 9.17
CA LYS B 720 16.72 -75.84 9.48
C LYS B 720 15.26 -75.40 9.54
N ALA B 721 15.00 -74.15 9.94
CA ALA B 721 13.65 -73.57 9.93
C ALA B 721 13.19 -73.10 8.55
N GLY B 722 14.05 -73.26 7.54
CA GLY B 722 13.67 -73.01 6.15
C GLY B 722 14.02 -71.66 5.56
N ALA B 723 14.92 -70.88 6.18
CA ALA B 723 15.39 -69.63 5.56
C ALA B 723 15.96 -69.88 4.14
N HIS B 724 15.86 -68.91 3.23
CA HIS B 724 16.53 -69.02 1.91
C HIS B 724 17.86 -68.23 1.91
N ILE B 725 17.94 -67.30 2.85
CA ILE B 725 19.08 -66.36 3.01
C ILE B 725 19.16 -66.11 4.51
N ILE B 726 20.37 -65.99 5.06
CA ILE B 726 20.53 -65.52 6.46
C ILE B 726 20.98 -64.06 6.46
N ALA B 727 20.36 -63.20 7.29
CA ALA B 727 20.82 -61.84 7.42
C ALA B 727 21.54 -61.66 8.76
N VAL B 728 22.55 -60.79 8.77
CA VAL B 728 23.02 -60.22 10.02
C VAL B 728 22.45 -58.82 10.06
N KCX B 729 21.55 -58.57 11.02
CA KCX B 729 20.96 -57.27 11.19
CB KCX B 729 19.45 -57.44 11.48
CG KCX B 729 18.71 -56.16 11.69
CD KCX B 729 17.20 -56.44 11.94
CE KCX B 729 16.52 -55.12 12.25
NZ KCX B 729 16.39 -54.19 11.10
C KCX B 729 21.65 -56.55 12.33
O KCX B 729 21.36 -56.80 13.50
CX KCX B 729 17.08 -53.08 10.83
OQ1 KCX B 729 16.67 -52.50 9.74
OQ2 KCX B 729 18.10 -52.62 11.54
N ASP B 730 22.54 -55.61 12.00
CA ASP B 730 23.28 -54.88 13.00
C ASP B 730 22.55 -53.54 13.16
N MET B 731 21.42 -53.56 13.89
CA MET B 731 20.50 -52.42 13.97
C MET B 731 21.10 -51.21 14.67
N ALA B 732 22.10 -51.47 15.51
CA ALA B 732 22.78 -50.39 16.22
C ALA B 732 24.18 -50.05 15.64
N GLY B 733 24.61 -50.78 14.61
CA GLY B 733 25.93 -50.49 13.97
C GLY B 733 27.11 -50.81 14.90
N LEU B 734 27.01 -51.92 15.62
CA LEU B 734 28.01 -52.31 16.66
C LEU B 734 29.09 -53.25 16.11
N LEU B 735 28.82 -53.88 14.98
CA LEU B 735 29.77 -54.84 14.41
C LEU B 735 31.03 -54.07 13.90
N LYS B 736 32.21 -54.45 14.41
CA LYS B 736 33.46 -53.79 14.08
C LYS B 736 34.15 -54.61 12.98
N PRO B 737 35.03 -53.97 12.17
CA PRO B 737 35.66 -54.61 11.02
C PRO B 737 36.37 -55.95 11.35
N ALA B 738 37.19 -55.98 12.40
CA ALA B 738 37.88 -57.24 12.78
C ALA B 738 36.85 -58.37 13.09
N ALA B 739 35.77 -57.99 13.78
CA ALA B 739 34.71 -58.96 14.08
C ALA B 739 34.01 -59.46 12.79
N ALA B 740 33.72 -58.55 11.85
CA ALA B 740 33.09 -58.92 10.54
C ALA B 740 33.93 -59.97 9.80
N LYS B 741 35.25 -59.78 9.84
CA LYS B 741 36.14 -60.72 9.15
CA LYS B 741 36.17 -60.70 9.18
C LYS B 741 36.02 -62.10 9.80
N VAL B 742 35.98 -62.16 11.14
CA VAL B 742 35.77 -63.44 11.81
C VAL B 742 34.32 -63.97 11.58
N LEU B 743 33.33 -63.10 11.75
CA LEU B 743 31.91 -63.51 11.71
C LEU B 743 31.51 -64.02 10.34
N PHE B 744 31.85 -63.29 9.28
CA PHE B 744 31.30 -63.74 8.00
C PHE B 744 31.99 -64.98 7.44
N LYS B 745 33.26 -65.17 7.78
CA LYS B 745 34.00 -66.39 7.42
C LYS B 745 33.30 -67.59 8.07
N ALA B 746 33.05 -67.47 9.38
CA ALA B 746 32.47 -68.51 10.23
C ALA B 746 31.04 -68.84 9.80
N LEU B 747 30.23 -67.81 9.54
CA LEU B 747 28.87 -68.01 9.05
C LEU B 747 28.80 -68.79 7.75
N ARG B 748 29.69 -68.47 6.81
CA ARG B 748 29.65 -69.13 5.52
C ARG B 748 30.22 -70.56 5.55
N GLU B 749 30.89 -70.91 6.63
CA GLU B 749 31.35 -72.27 6.88
C GLU B 749 30.24 -73.06 7.60
N ALA B 750 29.45 -72.35 8.40
CA ALA B 750 28.38 -72.95 9.22
C ALA B 750 27.11 -73.29 8.44
N THR B 751 26.79 -72.47 7.44
CA THR B 751 25.65 -72.71 6.55
C THR B 751 26.07 -72.47 5.10
N GLY B 752 25.42 -73.18 4.18
CA GLY B 752 25.60 -72.98 2.74
C GLY B 752 24.70 -71.90 2.17
N LEU B 753 23.77 -71.39 2.98
CA LEU B 753 22.92 -70.27 2.59
C LEU B 753 23.71 -68.97 2.33
N PRO B 754 23.21 -68.13 1.41
CA PRO B 754 23.86 -66.84 1.24
C PRO B 754 23.65 -65.98 2.49
N ILE B 755 24.55 -65.02 2.68
CA ILE B 755 24.51 -64.12 3.83
C ILE B 755 24.37 -62.68 3.38
N HIS B 756 23.55 -61.90 4.10
CA HIS B 756 23.20 -60.55 3.71
C HIS B 756 23.43 -59.69 4.94
N PHE B 757 24.26 -58.65 4.84
CA PHE B 757 24.64 -57.84 6.00
C PHE B 757 23.98 -56.47 5.98
N HIS B 758 23.34 -56.11 7.11
CA HIS B 758 22.71 -54.84 7.24
C HIS B 758 23.31 -54.10 8.46
N THR B 759 23.75 -52.86 8.27
CA THR B 759 24.28 -52.13 9.42
C THR B 759 23.88 -50.65 9.36
N HIS B 760 24.22 -49.94 10.44
CA HIS B 760 24.01 -48.49 10.59
C HIS B 760 25.31 -47.81 10.90
N ASP B 761 25.41 -46.53 10.53
CA ASP B 761 26.68 -45.85 10.54
C ASP B 761 26.82 -44.90 11.72
N THR B 762 26.10 -45.18 12.83
CA THR B 762 26.18 -44.36 14.01
C THR B 762 27.61 -44.07 14.52
N SER B 763 28.47 -45.07 14.48
CA SER B 763 29.91 -44.92 14.93
C SER B 763 30.78 -44.15 13.98
N GLY B 764 30.29 -43.93 12.76
CA GLY B 764 31.08 -43.33 11.67
C GLY B 764 32.11 -44.24 11.01
N ILE B 765 32.05 -45.56 11.30
CA ILE B 765 33.00 -46.51 10.73
C ILE B 765 32.28 -47.71 10.10
N ALA B 766 30.97 -47.65 9.96
CA ALA B 766 30.32 -48.84 9.41
C ALA B 766 30.74 -49.23 8.02
N ALA B 767 31.18 -48.26 7.20
CA ALA B 767 31.64 -48.61 5.83
C ALA B 767 32.87 -49.50 5.94
N ALA B 768 33.70 -49.28 6.95
CA ALA B 768 34.86 -50.19 7.17
C ALA B 768 34.36 -51.64 7.43
N THR B 769 33.29 -51.76 8.20
CA THR B 769 32.70 -53.06 8.54
C THR B 769 32.06 -53.70 7.33
N VAL B 770 31.33 -52.92 6.56
CA VAL B 770 30.83 -53.43 5.27
C VAL B 770 31.96 -53.98 4.37
N LEU B 771 32.99 -53.18 4.15
CA LEU B 771 34.08 -53.59 3.26
C LEU B 771 34.83 -54.81 3.81
N ALA B 772 34.96 -54.92 5.13
CA ALA B 772 35.50 -56.15 5.78
C ALA B 772 34.63 -57.39 5.51
N ALA B 773 33.32 -57.20 5.62
CA ALA B 773 32.35 -58.26 5.31
C ALA B 773 32.47 -58.68 3.85
N VAL B 774 32.62 -57.72 2.93
CA VAL B 774 32.78 -58.05 1.49
C VAL B 774 34.07 -58.87 1.26
N GLU B 775 35.19 -58.40 1.79
CA GLU B 775 36.47 -59.10 1.75
C GLU B 775 36.33 -60.51 2.31
N ALA B 776 35.55 -60.66 3.39
CA ALA B 776 35.27 -61.97 4.00
C ALA B 776 34.31 -62.89 3.20
N GLY B 777 33.73 -62.39 2.11
CA GLY B 777 32.90 -63.23 1.26
C GLY B 777 31.40 -63.06 1.47
N VAL B 778 30.95 -62.04 2.23
CA VAL B 778 29.51 -61.83 2.40
C VAL B 778 28.83 -61.65 1.05
N ASP B 779 27.61 -62.18 0.93
CA ASP B 779 26.98 -62.25 -0.38
C ASP B 779 26.28 -61.00 -0.79
N ALA B 780 25.73 -60.26 0.18
CA ALA B 780 25.02 -59.08 -0.15
C ALA B 780 25.14 -58.12 1.03
N VAL B 781 25.14 -56.83 0.74
CA VAL B 781 25.19 -55.79 1.81
C VAL B 781 24.18 -54.68 1.54
N ASP B 782 23.75 -53.92 2.59
CA ASP B 782 22.84 -52.79 2.42
C ASP B 782 23.63 -51.47 2.50
N ALA B 783 23.19 -50.46 1.76
CA ALA B 783 23.68 -49.10 1.94
C ALA B 783 22.59 -48.14 1.45
N ALA B 784 22.70 -46.89 1.88
CA ALA B 784 21.74 -45.85 1.54
C ALA B 784 22.40 -44.92 0.54
N MET B 785 21.62 -44.38 -0.39
CA MET B 785 22.16 -43.31 -1.24
C MET B 785 22.82 -42.22 -0.45
N ASP B 786 23.91 -41.64 -1.00
CA ASP B 786 24.78 -40.73 -0.25
C ASP B 786 23.99 -39.68 0.51
N ALA B 787 23.04 -39.05 -0.19
CA ALA B 787 22.24 -37.91 0.31
C ALA B 787 21.36 -38.26 1.54
N LEU B 788 21.16 -39.55 1.75
CA LEU B 788 20.47 -40.04 2.96
C LEU B 788 21.26 -41.16 3.69
N SER B 789 22.58 -41.00 3.76
CA SER B 789 23.46 -42.00 4.39
C SER B 789 24.18 -41.38 5.55
N GLY B 790 24.92 -42.23 6.27
CA GLY B 790 25.79 -41.76 7.37
C GLY B 790 25.00 -41.59 8.66
N ASN B 791 25.72 -41.27 9.74
CA ASN B 791 25.16 -41.21 11.08
C ASN B 791 24.24 -42.39 11.43
N THR B 792 22.98 -42.13 11.81
CA THR B 792 22.09 -43.24 12.20
C THR B 792 21.51 -44.06 11.02
N SER B 793 21.76 -43.60 9.80
CA SER B 793 21.30 -44.33 8.58
C SER B 793 22.32 -45.39 8.20
N GLN B 794 22.21 -45.97 7.01
CA GLN B 794 23.24 -46.86 6.52
C GLN B 794 24.47 -46.06 6.06
N PRO B 795 25.60 -46.73 5.95
CA PRO B 795 26.79 -46.09 5.36
C PRO B 795 26.54 -45.79 3.87
N CYS B 796 27.40 -44.97 3.28
CA CYS B 796 27.21 -44.39 1.98
C CYS B 796 27.36 -45.37 0.83
N LEU B 797 26.32 -45.52 0.01
CA LEU B 797 26.33 -46.43 -1.12
C LEU B 797 27.37 -46.06 -2.20
N GLY B 798 27.42 -44.79 -2.58
CA GLY B 798 28.32 -44.34 -3.62
C GLY B 798 29.77 -44.59 -3.23
N SER B 799 30.12 -44.31 -1.97
CA SER B 799 31.52 -44.44 -1.56
C SER B 799 31.91 -45.92 -1.41
N ILE B 800 30.99 -46.73 -0.91
CA ILE B 800 31.22 -48.19 -0.82
C ILE B 800 31.42 -48.77 -2.21
N VAL B 801 30.58 -48.38 -3.16
CA VAL B 801 30.77 -48.82 -4.54
C VAL B 801 32.13 -48.36 -5.09
N GLU B 802 32.44 -47.07 -4.93
N GLU B 802 32.43 -47.07 -4.94
CA GLU B 802 33.73 -46.56 -5.39
CA GLU B 802 33.73 -46.53 -5.38
C GLU B 802 34.91 -47.34 -4.78
C GLU B 802 34.91 -47.31 -4.78
N ALA B 803 34.81 -47.66 -3.49
CA ALA B 803 35.88 -48.42 -2.80
C ALA B 803 36.14 -49.77 -3.51
N LEU B 804 35.07 -50.38 -4.03
CA LEU B 804 35.10 -51.73 -4.67
C LEU B 804 35.29 -51.69 -6.16
N SER B 805 35.33 -50.49 -6.72
CA SER B 805 35.43 -50.36 -8.18
C SER B 805 36.75 -50.94 -8.64
N GLY B 806 36.67 -51.81 -9.65
CA GLY B 806 37.84 -52.45 -10.20
C GLY B 806 38.35 -53.66 -9.42
N SER B 807 37.70 -54.00 -8.32
CA SER B 807 38.11 -55.18 -7.50
C SER B 807 37.45 -56.48 -7.97
N GLU B 808 37.77 -57.63 -7.36
CA GLU B 808 37.20 -58.85 -7.93
CA GLU B 808 37.22 -58.96 -7.75
C GLU B 808 35.71 -59.00 -7.59
N ARG B 809 35.24 -58.32 -6.53
CA ARG B 809 33.85 -58.38 -6.12
C ARG B 809 33.05 -57.10 -6.46
N ASP B 810 33.63 -56.28 -7.34
CA ASP B 810 33.03 -55.09 -7.92
C ASP B 810 31.55 -55.36 -8.22
N PRO B 811 30.63 -54.58 -7.63
CA PRO B 811 29.21 -54.86 -7.84
C PRO B 811 28.63 -54.49 -9.21
N GLY B 812 29.41 -53.80 -10.04
CA GLY B 812 28.99 -53.40 -11.42
C GLY B 812 27.84 -52.39 -11.35
N LEU B 813 28.01 -51.34 -10.54
CA LEU B 813 27.04 -50.25 -10.43
C LEU B 813 27.70 -48.94 -10.86
N ASP B 814 27.04 -48.18 -11.71
CA ASP B 814 27.63 -46.98 -12.31
C ASP B 814 27.62 -45.83 -11.29
N PRO B 815 28.80 -45.34 -10.89
CA PRO B 815 28.89 -44.29 -9.83
C PRO B 815 28.27 -42.96 -10.27
N ALA B 816 28.30 -42.67 -11.57
CA ALA B 816 27.70 -41.45 -12.09
C ALA B 816 26.18 -41.50 -11.93
N TRP B 817 25.59 -42.67 -12.15
CA TRP B 817 24.17 -42.83 -11.96
C TRP B 817 23.80 -42.85 -10.47
N ILE B 818 24.66 -43.41 -9.63
CA ILE B 818 24.44 -43.36 -8.17
C ILE B 818 24.41 -41.90 -7.75
N ARG B 819 25.39 -41.11 -8.23
CA ARG B 819 25.47 -39.67 -7.96
CA ARG B 819 25.43 -39.69 -7.89
C ARG B 819 24.20 -38.92 -8.41
N ARG B 820 23.77 -39.17 -9.64
CA ARG B 820 22.54 -38.53 -10.16
C ARG B 820 21.30 -38.85 -9.32
N ILE B 821 21.17 -40.11 -8.92
CA ILE B 821 20.01 -40.50 -8.11
C ILE B 821 20.16 -39.91 -6.70
N SER B 822 21.38 -39.87 -6.16
CA SER B 822 21.58 -39.17 -4.87
C SER B 822 21.26 -37.68 -4.93
N PHE B 823 21.57 -37.01 -6.06
CA PHE B 823 21.29 -35.57 -6.20
C PHE B 823 19.78 -35.36 -6.13
N TYR B 824 19.03 -36.26 -6.76
CA TYR B 824 17.58 -36.28 -6.66
C TYR B 824 17.16 -36.43 -5.16
N TRP B 825 17.72 -37.40 -4.46
CA TRP B 825 17.35 -37.57 -3.04
C TRP B 825 17.68 -36.36 -2.18
N GLU B 826 18.82 -35.69 -2.49
CA GLU B 826 19.23 -34.46 -1.78
C GLU B 826 18.16 -33.38 -1.91
N ALA B 827 17.69 -33.17 -3.13
CA ALA B 827 16.61 -32.23 -3.38
C ALA B 827 15.30 -32.64 -2.70
N VAL B 828 14.98 -33.93 -2.73
CA VAL B 828 13.81 -34.45 -2.04
C VAL B 828 13.96 -34.19 -0.55
N ARG B 829 15.12 -34.53 0.01
CA ARG B 829 15.35 -34.40 1.44
C ARG B 829 15.19 -32.97 1.93
N ASN B 830 15.63 -31.98 1.13
CA ASN B 830 15.44 -30.56 1.45
C ASN B 830 13.97 -30.19 1.79
N GLN B 831 13.01 -30.92 1.23
CA GLN B 831 11.59 -30.66 1.44
C GLN B 831 11.14 -31.10 2.84
N TYR B 832 11.94 -31.93 3.48
CA TYR B 832 11.61 -32.51 4.76
C TYR B 832 12.37 -31.86 5.94
N ALA B 833 12.75 -30.61 5.75
CA ALA B 833 13.42 -29.80 6.79
C ALA B 833 12.80 -29.88 8.19
N ALA B 834 11.47 -29.96 8.25
CA ALA B 834 10.77 -30.11 9.55
C ALA B 834 11.16 -31.31 10.38
N PHE B 835 11.64 -32.38 9.73
CA PHE B 835 11.85 -33.69 10.36
C PHE B 835 13.31 -34.02 10.56
N GLU B 836 14.20 -33.05 10.41
CA GLU B 836 15.61 -33.31 10.57
C GLU B 836 15.96 -33.30 12.06
N SER B 837 16.92 -34.14 12.49
CA SER B 837 17.36 -34.10 13.90
C SER B 837 18.54 -33.15 14.04
N ASP B 838 19.02 -32.97 15.27
CA ASP B 838 20.15 -32.08 15.48
CA ASP B 838 20.14 -32.09 15.55
C ASP B 838 21.46 -32.88 15.59
N LEU B 839 21.47 -34.13 15.11
CA LEU B 839 22.71 -34.94 15.25
C LEU B 839 23.83 -34.37 14.36
N LYS B 840 25.02 -34.21 14.89
CA LYS B 840 26.05 -33.55 14.07
C LYS B 840 27.00 -34.55 13.38
N GLY B 841 27.05 -35.78 13.88
CA GLY B 841 27.97 -36.74 13.25
C GLY B 841 28.19 -37.99 14.08
N PRO B 842 29.33 -38.71 13.84
CA PRO B 842 29.68 -39.98 14.42
C PRO B 842 29.72 -39.96 15.95
N ALA B 843 29.49 -41.11 16.55
CA ALA B 843 29.49 -41.17 18.00
C ALA B 843 29.93 -42.54 18.44
N SER B 844 31.16 -42.66 18.95
CA SER B 844 31.59 -43.94 19.54
C SER B 844 30.79 -44.30 20.79
N GLU B 845 30.03 -43.35 21.35
CA GLU B 845 29.24 -43.75 22.51
CA GLU B 845 29.13 -43.64 22.48
C GLU B 845 28.21 -44.83 22.18
N VAL B 846 27.91 -45.04 20.92
CA VAL B 846 27.04 -46.13 20.51
C VAL B 846 27.52 -47.48 21.12
N TYR B 847 28.84 -47.66 21.27
CA TYR B 847 29.37 -48.93 21.75
C TYR B 847 29.08 -49.05 23.25
N LEU B 848 28.79 -47.93 23.92
CA LEU B 848 28.37 -47.93 25.30
C LEU B 848 26.86 -48.29 25.37
N HIS B 849 26.03 -47.50 24.69
CA HIS B 849 24.58 -47.67 24.90
C HIS B 849 23.91 -48.70 24.01
N GLU B 850 24.43 -48.89 22.77
CA GLU B 850 23.83 -49.86 21.81
C GLU B 850 22.35 -49.51 21.43
N MET B 851 21.98 -48.22 21.46
CA MET B 851 20.66 -47.77 20.94
C MET B 851 20.66 -47.95 19.42
N PRO B 852 19.62 -48.64 18.86
CA PRO B 852 19.53 -48.91 17.43
C PRO B 852 19.47 -47.56 16.67
N GLY B 853 20.07 -47.49 15.49
CA GLY B 853 20.11 -46.22 14.72
C GLY B 853 18.72 -45.67 14.58
N GLY B 854 17.76 -46.57 14.35
CA GLY B 854 16.36 -46.22 14.19
C GLY B 854 15.71 -45.66 15.46
N GLN B 855 16.39 -45.79 16.61
CA GLN B 855 15.78 -45.34 17.89
C GLN B 855 16.33 -44.04 18.38
N PHE B 856 17.63 -43.86 18.14
CA PHE B 856 18.47 -42.85 18.79
C PHE B 856 17.81 -41.45 18.84
N THR B 857 17.35 -40.98 17.70
CA THR B 857 16.80 -39.61 17.61
C THR B 857 15.48 -39.54 18.31
N ASN B 858 14.62 -40.53 18.12
CA ASN B 858 13.35 -40.59 18.85
C ASN B 858 13.58 -40.53 20.36
N LEU B 859 14.54 -41.30 20.85
CA LEU B 859 14.73 -41.37 22.30
C LEU B 859 15.26 -40.04 22.81
N LYS B 860 16.15 -39.44 22.03
CA LYS B 860 16.73 -38.17 22.48
C LYS B 860 15.66 -37.05 22.57
N GLU B 861 14.75 -37.08 21.62
CA GLU B 861 13.67 -36.09 21.54
C GLU B 861 12.71 -36.37 22.68
N GLN B 862 12.47 -37.65 22.90
CA GLN B 862 11.65 -38.04 24.04
C GLN B 862 12.26 -37.65 25.38
N ALA B 863 13.56 -37.78 25.54
CA ALA B 863 14.22 -37.25 26.73
C ALA B 863 14.05 -35.74 26.88
N ARG B 864 14.24 -35.01 25.78
CA ARG B 864 14.03 -33.54 25.77
C ARG B 864 12.62 -33.16 26.25
N SER B 865 11.61 -33.85 25.73
N SER B 865 11.62 -33.89 25.76
CA SER B 865 10.24 -33.67 26.22
CA SER B 865 10.20 -33.73 26.17
C SER B 865 10.11 -33.72 27.73
C SER B 865 9.88 -33.99 27.65
N LEU B 866 10.76 -34.70 28.35
CA LEU B 866 10.62 -34.91 29.79
C LEU B 866 11.56 -34.01 30.58
N GLY B 867 12.14 -33.01 29.94
CA GLY B 867 13.03 -32.09 30.67
C GLY B 867 14.42 -32.65 30.94
N LEU B 868 14.82 -33.66 30.17
CA LEU B 868 16.10 -34.36 30.40
C LEU B 868 17.18 -34.04 29.36
N GLU B 869 17.00 -32.97 28.57
CA GLU B 869 17.95 -32.68 27.46
C GLU B 869 19.39 -32.51 27.96
N THR B 870 19.55 -31.90 29.12
CA THR B 870 20.88 -31.66 29.67
C THR B 870 21.48 -32.93 30.31
N ARG B 871 20.70 -34.01 30.37
CA ARG B 871 21.14 -35.21 31.04
C ARG B 871 21.15 -36.36 30.05
N TRP B 872 21.36 -36.06 28.78
CA TRP B 872 21.24 -37.07 27.72
C TRP B 872 22.31 -38.13 27.89
N HIS B 873 23.51 -37.72 28.30
CA HIS B 873 24.58 -38.72 28.41
C HIS B 873 24.29 -39.61 29.68
N GLN B 874 23.62 -39.05 30.70
CA GLN B 874 23.07 -39.92 31.77
C GLN B 874 21.98 -40.90 31.32
N VAL B 875 21.12 -40.49 30.37
CA VAL B 875 20.11 -41.41 29.82
C VAL B 875 20.83 -42.51 29.10
N ALA B 876 21.84 -42.15 28.31
CA ALA B 876 22.60 -43.16 27.55
C ALA B 876 23.29 -44.19 28.48
N GLN B 877 23.82 -43.71 29.60
CA GLN B 877 24.40 -44.59 30.60
C GLN B 877 23.34 -45.46 31.32
N ALA B 878 22.18 -44.86 31.65
CA ALA B 878 21.06 -45.59 32.27
C ALA B 878 20.52 -46.67 31.31
N TYR B 879 20.59 -46.38 30.01
CA TYR B 879 20.17 -47.31 28.95
C TYR B 879 21.11 -48.54 28.95
N ALA B 880 22.41 -48.28 28.99
CA ALA B 880 23.41 -49.35 29.14
C ALA B 880 23.20 -50.15 30.45
N ASP B 881 22.99 -49.46 31.57
CA ASP B 881 22.78 -50.10 32.87
C ASP B 881 21.51 -50.95 32.91
N ALA B 882 20.45 -50.40 32.34
CA ALA B 882 19.16 -51.09 32.29
C ALA B 882 19.29 -52.34 31.43
N ASN B 883 19.97 -52.22 30.29
CA ASN B 883 20.21 -53.42 29.45
C ASN B 883 20.82 -54.57 30.28
N GLN B 884 21.85 -54.27 31.06
N GLN B 884 21.86 -54.29 31.06
CA GLN B 884 22.50 -55.28 31.89
CA GLN B 884 22.50 -55.34 31.88
C GLN B 884 21.52 -55.81 32.95
C GLN B 884 21.54 -55.82 32.99
N MET B 885 20.76 -54.87 33.52
CA MET B 885 19.74 -55.20 34.52
C MET B 885 18.70 -56.19 33.99
N PHE B 886 18.33 -56.08 32.70
CA PHE B 886 17.38 -57.03 32.06
C PHE B 886 18.00 -58.37 31.62
N GLY B 887 19.33 -58.50 31.82
CA GLY B 887 20.01 -59.75 31.57
C GLY B 887 20.91 -59.66 30.36
N ASP B 888 21.02 -58.46 29.74
CA ASP B 888 21.86 -58.16 28.54
C ASP B 888 21.10 -58.73 27.36
N ILE B 889 20.25 -57.90 26.76
CA ILE B 889 19.33 -58.41 25.76
C ILE B 889 19.57 -57.79 24.39
N VAL B 890 19.04 -58.41 23.36
CA VAL B 890 18.99 -57.76 22.04
C VAL B 890 18.00 -56.59 22.09
N LYS B 891 18.42 -55.43 21.59
CA LYS B 891 17.61 -54.20 21.68
C LYS B 891 17.32 -53.70 20.24
N VAL B 892 16.12 -54.03 19.76
CA VAL B 892 15.68 -53.58 18.46
C VAL B 892 14.14 -53.53 18.66
N THR B 893 13.40 -52.90 17.74
N THR B 893 13.41 -52.80 17.82
CA THR B 893 11.95 -52.83 17.83
CA THR B 893 11.99 -52.65 18.11
C THR B 893 11.25 -54.17 18.14
C THR B 893 11.28 -54.01 18.19
N PRO B 894 10.43 -54.22 19.23
CA PRO B 894 10.14 -53.23 20.28
C PRO B 894 10.91 -53.37 21.59
N SER B 895 11.85 -54.31 21.73
CA SER B 895 12.61 -54.42 23.00
C SER B 895 13.44 -53.17 23.30
N SER B 896 13.93 -52.48 22.24
CA SER B 896 14.67 -51.24 22.45
C SER B 896 13.82 -50.19 23.14
N LYS B 897 12.54 -50.12 22.79
CA LYS B 897 11.67 -49.12 23.38
C LYS B 897 11.51 -49.35 24.91
N VAL B 898 11.42 -50.62 25.30
CA VAL B 898 11.34 -50.98 26.72
C VAL B 898 12.57 -50.48 27.51
N VAL B 899 13.78 -50.76 27.02
CA VAL B 899 15.02 -50.31 27.66
C VAL B 899 15.08 -48.79 27.66
N GLY B 900 14.64 -48.15 26.58
CA GLY B 900 14.55 -46.68 26.62
C GLY B 900 13.59 -46.18 27.69
N ASP B 901 12.39 -46.78 27.77
CA ASP B 901 11.43 -46.38 28.82
C ASP B 901 11.99 -46.52 30.21
N MET B 902 12.70 -47.62 30.44
CA MET B 902 13.33 -47.85 31.74
C MET B 902 14.39 -46.81 32.04
N ALA B 903 15.27 -46.56 31.07
CA ALA B 903 16.33 -45.59 31.26
C ALA B 903 15.80 -44.20 31.56
N LEU B 904 14.78 -43.74 30.82
CA LEU B 904 14.18 -42.43 31.13
C LEU B 904 13.60 -42.36 32.54
N MET B 905 12.93 -43.41 32.96
CA MET B 905 12.45 -43.47 34.35
C MET B 905 13.58 -43.39 35.39
N MET B 906 14.66 -44.14 35.16
CA MET B 906 15.78 -44.10 36.09
C MET B 906 16.34 -42.67 36.22
N VAL B 907 16.50 -41.98 35.10
CA VAL B 907 17.06 -40.64 35.16
C VAL B 907 16.03 -39.70 35.76
N SER B 908 14.78 -39.73 35.26
CA SER B 908 13.74 -38.83 35.83
C SER B 908 13.56 -39.03 37.31
N GLN B 909 13.62 -40.27 37.78
N GLN B 909 13.62 -40.28 37.77
CA GLN B 909 13.31 -40.55 39.18
CA GLN B 909 13.30 -40.57 39.17
C GLN B 909 14.56 -40.73 40.04
C GLN B 909 14.56 -40.79 40.02
N ASP B 910 15.73 -40.56 39.44
CA ASP B 910 16.99 -40.68 40.17
CA ASP B 910 17.00 -40.70 40.13
C ASP B 910 17.18 -42.08 40.78
N LEU B 911 16.94 -43.13 39.99
CA LEU B 911 17.01 -44.48 40.53
C LEU B 911 18.18 -45.16 39.88
N THR B 912 19.07 -45.76 40.67
CA THR B 912 20.08 -46.70 40.12
C THR B 912 19.44 -48.08 39.92
N VAL B 913 20.12 -48.95 39.16
CA VAL B 913 19.62 -50.33 39.03
C VAL B 913 19.41 -51.07 40.35
N ALA B 914 20.23 -50.81 41.38
CA ALA B 914 20.05 -51.35 42.73
C ALA B 914 18.74 -50.85 43.36
N ASP B 915 18.43 -49.57 43.14
CA ASP B 915 17.12 -49.06 43.64
C ASP B 915 15.97 -49.74 42.89
N VAL B 916 16.14 -49.91 41.59
CA VAL B 916 15.13 -50.51 40.74
C VAL B 916 14.74 -51.91 41.24
N VAL B 917 15.73 -52.74 41.63
CA VAL B 917 15.40 -54.11 42.05
C VAL B 917 15.19 -54.27 43.52
N SER B 918 15.44 -53.21 44.30
N SER B 918 15.46 -53.22 44.30
CA SER B 918 15.30 -53.22 45.75
CA SER B 918 15.36 -53.29 45.75
C SER B 918 13.93 -53.66 46.24
C SER B 918 13.96 -53.65 46.25
N PRO B 919 13.91 -54.48 47.32
CA PRO B 919 12.71 -54.82 48.06
C PRO B 919 11.93 -53.59 48.56
N ASP B 920 12.62 -52.55 49.02
CA ASP B 920 11.98 -51.47 49.76
C ASP B 920 11.81 -50.14 49.03
N ARG B 921 11.99 -50.11 47.72
CA ARG B 921 11.87 -48.86 46.98
C ARG B 921 10.71 -49.03 46.01
N GLU B 922 9.59 -48.36 46.28
CA GLU B 922 8.42 -48.45 45.38
C GLU B 922 8.74 -47.87 44.04
N VAL B 923 8.42 -48.61 42.98
CA VAL B 923 8.75 -48.19 41.65
C VAL B 923 7.50 -48.43 40.82
N SER B 924 7.10 -47.44 40.05
CA SER B 924 5.99 -47.65 39.12
C SER B 924 6.56 -47.97 37.76
N PHE B 925 6.71 -49.24 37.41
CA PHE B 925 7.37 -49.60 36.15
C PHE B 925 6.60 -49.10 34.92
N PRO B 926 7.30 -48.66 33.85
N PRO B 926 7.33 -48.71 33.83
CA PRO B 926 6.65 -48.38 32.57
CA PRO B 926 6.63 -48.42 32.58
C PRO B 926 5.91 -49.60 32.05
C PRO B 926 5.83 -49.62 32.17
N GLU B 927 4.72 -49.37 31.48
CA GLU B 927 3.89 -50.45 31.02
C GLU B 927 4.64 -51.35 30.03
N SER B 928 5.57 -50.79 29.24
CA SER B 928 6.33 -51.59 28.27
C SER B 928 7.24 -52.60 28.96
N VAL B 929 7.75 -52.22 30.13
CA VAL B 929 8.64 -53.05 30.96
C VAL B 929 7.87 -54.19 31.64
N VAL B 930 6.73 -53.85 32.21
CA VAL B 930 5.87 -54.88 32.84
C VAL B 930 5.54 -55.94 31.75
N SER B 931 5.12 -55.45 30.57
CA SER B 931 4.69 -56.32 29.49
C SER B 931 5.82 -57.24 28.94
N MET B 932 7.00 -56.68 28.79
CA MET B 932 8.15 -57.48 28.41
C MET B 932 8.50 -58.56 29.47
N LEU B 933 8.55 -58.17 30.73
CA LEU B 933 8.86 -59.13 31.82
C LEU B 933 7.74 -60.20 31.99
N LYS B 934 6.50 -59.85 31.63
CA LYS B 934 5.38 -60.79 31.62
C LYS B 934 5.58 -61.87 30.53
N GLY B 935 6.26 -61.52 29.43
CA GLY B 935 6.51 -62.48 28.35
C GLY B 935 5.99 -62.02 26.99
N ASP B 936 5.43 -60.80 26.91
CA ASP B 936 4.72 -60.38 25.65
C ASP B 936 5.64 -60.18 24.43
N LEU B 937 6.95 -59.99 24.64
CA LEU B 937 7.90 -59.87 23.54
C LEU B 937 8.62 -61.16 23.30
N GLY B 938 8.32 -62.18 24.09
CA GLY B 938 9.01 -63.47 23.95
C GLY B 938 10.05 -63.72 25.03
N GLN B 939 10.96 -64.66 24.78
CA GLN B 939 11.86 -65.14 25.81
C GLN B 939 13.27 -65.03 25.32
N PRO B 940 14.16 -64.38 26.12
CA PRO B 940 15.58 -64.44 25.85
C PRO B 940 16.14 -65.79 26.32
N PRO B 941 17.32 -66.19 25.79
CA PRO B 941 17.70 -67.60 26.05
C PRO B 941 17.96 -67.91 27.53
N SER B 942 18.38 -66.92 28.32
CA SER B 942 18.50 -67.19 29.76
C SER B 942 17.23 -66.85 30.58
N GLY B 943 16.18 -66.36 29.91
CA GLY B 943 14.97 -65.96 30.63
C GLY B 943 15.12 -64.58 31.23
N TRP B 944 14.07 -64.13 31.90
CA TRP B 944 14.04 -62.81 32.54
C TRP B 944 14.56 -62.87 33.99
N PRO B 945 15.36 -61.86 34.43
CA PRO B 945 15.83 -61.84 35.84
C PRO B 945 14.63 -61.84 36.80
N GLU B 946 14.64 -62.75 37.78
CA GLU B 946 13.44 -63.03 38.56
C GLU B 946 13.08 -61.98 39.59
N ALA B 947 14.09 -61.41 40.28
CA ALA B 947 13.83 -60.43 41.32
C ALA B 947 13.18 -59.21 40.64
N LEU B 948 13.77 -58.79 39.53
CA LEU B 948 13.20 -57.69 38.74
C LEU B 948 11.75 -57.99 38.26
N GLN B 949 11.60 -59.13 37.56
CA GLN B 949 10.30 -59.57 37.05
C GLN B 949 9.22 -59.58 38.14
N LYS B 950 9.56 -60.15 39.29
CA LYS B 950 8.64 -60.28 40.43
C LYS B 950 8.20 -58.91 40.92
N LYS B 951 9.17 -58.03 41.09
CA LYS B 951 8.92 -56.68 41.55
CA LYS B 951 8.87 -56.70 41.57
C LYS B 951 7.98 -55.94 40.60
N ALA B 952 8.33 -55.99 39.31
CA ALA B 952 7.57 -55.27 38.30
C ALA B 952 6.14 -55.78 38.12
N LEU B 953 5.93 -57.09 38.18
CA LEU B 953 4.62 -57.67 37.85
C LEU B 953 3.59 -57.56 38.97
N LYS B 954 4.05 -57.32 40.19
CA LYS B 954 3.15 -57.03 41.33
C LYS B 954 2.08 -58.12 41.54
N GLY B 955 2.50 -59.38 41.39
CA GLY B 955 1.59 -60.51 41.63
C GLY B 955 1.11 -61.15 40.34
N GLU B 956 1.16 -60.45 39.23
CA GLU B 956 0.72 -61.02 37.95
C GLU B 956 1.73 -62.08 37.49
N LYS B 957 1.24 -63.20 36.95
CA LYS B 957 2.13 -64.34 36.68
C LYS B 957 2.73 -64.25 35.27
N PRO B 958 4.06 -64.42 35.15
CA PRO B 958 4.60 -64.32 33.81
C PRO B 958 4.31 -65.62 33.02
N TYR B 959 4.45 -65.59 31.71
CA TYR B 959 4.41 -66.84 30.98
C TYR B 959 5.65 -66.96 30.13
N THR B 960 5.94 -68.16 29.63
CA THR B 960 7.16 -68.35 28.83
C THR B 960 6.88 -68.96 27.46
N VAL B 961 5.61 -69.26 27.19
CA VAL B 961 5.24 -69.77 25.88
C VAL B 961 5.31 -68.63 24.85
N ARG B 962 5.34 -69.00 23.57
CA ARG B 962 5.25 -68.04 22.47
C ARG B 962 4.00 -67.19 22.66
N PRO B 963 4.15 -65.84 22.67
CA PRO B 963 2.95 -65.03 22.87
C PRO B 963 1.73 -65.33 21.96
N GLY B 964 1.94 -65.54 20.67
CA GLY B 964 0.85 -65.85 19.73
C GLY B 964 0.18 -67.18 19.92
N SER B 965 0.88 -68.10 20.59
CA SER B 965 0.29 -69.37 20.96
C SER B 965 -0.85 -69.20 21.96
N LEU B 966 -0.95 -68.05 22.62
CA LEU B 966 -2.03 -67.80 23.57
C LEU B 966 -3.28 -67.17 22.96
N LEU B 967 -3.18 -66.76 21.72
CA LEU B 967 -4.29 -65.99 21.09
C LEU B 967 -5.17 -66.90 20.29
N LYS B 968 -6.48 -66.72 20.45
CA LYS B 968 -7.49 -67.43 19.67
C LYS B 968 -7.38 -67.03 18.19
N GLU B 969 -7.60 -67.99 17.29
CA GLU B 969 -7.68 -67.71 15.87
C GLU B 969 -8.69 -66.58 15.66
N ALA B 970 -8.36 -65.58 14.84
CA ALA B 970 -9.33 -64.54 14.50
C ALA B 970 -10.43 -65.12 13.60
N ASP B 971 -11.67 -64.66 13.79
CA ASP B 971 -12.73 -64.98 12.85
C ASP B 971 -12.60 -63.93 11.72
N LEU B 972 -11.87 -64.26 10.68
CA LEU B 972 -11.56 -63.24 9.67
C LEU B 972 -12.83 -62.77 8.97
N ASP B 973 -13.79 -63.68 8.74
CA ASP B 973 -15.06 -63.30 8.10
C ASP B 973 -15.82 -62.25 8.91
N ALA B 974 -15.94 -62.49 10.21
CA ALA B 974 -16.58 -61.55 11.14
C ALA B 974 -15.84 -60.22 11.22
N GLU B 975 -14.51 -60.26 11.28
CA GLU B 975 -13.72 -59.04 11.38
C GLU B 975 -13.88 -58.17 10.13
N ARG B 976 -13.90 -58.83 8.98
CA ARG B 976 -14.11 -58.16 7.69
CA ARG B 976 -14.11 -58.18 7.69
C ARG B 976 -15.48 -57.48 7.65
N LYS B 977 -16.50 -58.18 8.14
CA LYS B 977 -17.86 -57.64 8.23
C LYS B 977 -17.89 -56.39 9.10
N VAL B 978 -17.17 -56.44 10.21
CA VAL B 978 -17.07 -55.30 11.13
C VAL B 978 -16.58 -54.00 10.45
N ILE B 979 -15.40 -54.05 9.83
CA ILE B 979 -14.83 -52.86 9.19
C ILE B 979 -15.72 -52.39 8.03
N GLU B 980 -16.29 -53.35 7.30
CA GLU B 980 -17.09 -53.01 6.13
C GLU B 980 -18.35 -52.28 6.53
N LYS B 981 -18.89 -52.63 7.70
CA LYS B 981 -20.07 -52.00 8.28
C LYS B 981 -19.73 -50.59 8.79
N LYS B 982 -18.57 -50.44 9.44
CA LYS B 982 -18.08 -49.13 9.89
C LYS B 982 -17.91 -48.15 8.72
N LEU B 983 -17.34 -48.64 7.63
CA LEU B 983 -17.04 -47.82 6.44
C LEU B 983 -18.19 -47.78 5.46
N GLU B 984 -19.23 -48.58 5.75
CA GLU B 984 -20.43 -48.69 4.93
C GLU B 984 -20.07 -48.97 3.46
N ARG B 985 -19.10 -49.86 3.25
CA ARG B 985 -18.66 -50.28 1.92
C ARG B 985 -17.80 -51.51 2.01
N GLU B 986 -17.62 -52.21 0.88
CA GLU B 986 -16.62 -53.28 0.82
C GLU B 986 -15.18 -52.72 0.91
N VAL B 987 -14.28 -53.49 1.55
CA VAL B 987 -12.86 -53.15 1.58
C VAL B 987 -12.14 -54.20 0.74
N SER B 988 -10.98 -53.84 0.18
CA SER B 988 -10.17 -54.82 -0.54
C SER B 988 -9.47 -55.73 0.48
N ASP B 989 -8.90 -56.85 0.02
CA ASP B 989 -8.08 -57.69 0.90
C ASP B 989 -6.88 -56.96 1.50
N PHE B 990 -6.30 -56.04 0.74
CA PHE B 990 -5.20 -55.22 1.24
C PHE B 990 -5.62 -54.30 2.40
N GLU B 991 -6.72 -53.56 2.21
CA GLU B 991 -7.28 -52.71 3.27
C GLU B 991 -7.65 -53.52 4.50
N PHE B 992 -8.15 -54.74 4.27
CA PHE B 992 -8.50 -55.64 5.38
C PHE B 992 -7.23 -55.97 6.18
N ALA B 993 -6.14 -56.32 5.47
CA ALA B 993 -4.85 -56.54 6.11
C ALA B 993 -4.39 -55.30 6.92
N SER B 994 -4.54 -54.11 6.34
CA SER B 994 -4.28 -52.88 7.09
C SER B 994 -5.10 -52.80 8.37
N TYR B 995 -6.41 -53.08 8.28
CA TYR B 995 -7.29 -53.03 9.43
C TYR B 995 -6.91 -54.05 10.51
N LEU B 996 -6.51 -55.25 10.07
CA LEU B 996 -6.03 -56.25 11.01
C LEU B 996 -4.77 -55.83 11.77
N MET B 997 -3.82 -55.20 11.09
CA MET B 997 -2.60 -54.68 11.76
C MET B 997 -2.85 -53.44 12.64
N TYR B 998 -3.59 -52.48 12.09
CA TYR B 998 -3.84 -51.17 12.72
C TYR B 998 -5.29 -50.78 12.56
N PRO B 999 -6.20 -51.37 13.36
CA PRO B 999 -7.64 -51.10 13.18
C PRO B 999 -8.02 -49.63 13.29
N LYS B 1000 -7.50 -48.95 14.30
CA LYS B 1000 -7.82 -47.53 14.54
C LYS B 1000 -7.17 -46.66 13.47
N VAL B 1001 -5.86 -46.83 13.27
CA VAL B 1001 -5.13 -46.04 12.26
C VAL B 1001 -5.76 -46.23 10.87
N PHE B 1002 -6.06 -47.48 10.51
CA PHE B 1002 -6.68 -47.72 9.22
C PHE B 1002 -8.03 -47.06 9.08
N THR B 1003 -8.89 -47.27 10.08
CA THR B 1003 -10.23 -46.72 10.07
C THR B 1003 -10.13 -45.20 9.92
N ASP B 1004 -9.26 -44.58 10.71
CA ASP B 1004 -9.13 -43.12 10.62
C ASP B 1004 -8.65 -42.67 9.24
N PHE B 1005 -7.75 -43.45 8.63
CA PHE B 1005 -7.19 -43.14 7.31
C PHE B 1005 -8.27 -43.32 6.25
N ALA B 1006 -9.06 -44.37 6.38
CA ALA B 1006 -10.15 -44.59 5.43
C ALA B 1006 -11.19 -43.45 5.44
N LEU B 1007 -11.49 -42.92 6.63
CA LEU B 1007 -12.37 -41.75 6.72
C LEU B 1007 -11.74 -40.47 6.15
N ALA B 1008 -10.48 -40.20 6.50
CA ALA B 1008 -9.72 -39.08 5.93
C ALA B 1008 -9.70 -39.11 4.41
N SER B 1009 -9.46 -40.29 3.84
CA SER B 1009 -9.49 -40.45 2.36
C SER B 1009 -10.82 -40.16 1.73
N ASP B 1010 -11.87 -40.45 2.45
CA ASP B 1010 -13.20 -40.18 1.93
C ASP B 1010 -13.41 -38.67 1.89
N THR B 1011 -12.85 -37.96 2.87
CA THR B 1011 -13.00 -36.51 2.96
C THR B 1011 -12.09 -35.77 1.98
N TYR B 1012 -10.87 -36.28 1.77
CA TYR B 1012 -9.85 -35.47 1.10
C TYR B 1012 -9.42 -36.04 -0.21
N GLY B 1013 -9.87 -37.26 -0.50
CA GLY B 1013 -9.52 -37.88 -1.74
C GLY B 1013 -8.03 -38.18 -1.77
N PRO B 1014 -7.45 -38.23 -2.98
CA PRO B 1014 -6.15 -38.86 -3.18
C PRO B 1014 -4.97 -37.89 -2.88
N VAL B 1015 -4.77 -37.53 -1.62
CA VAL B 1015 -3.76 -36.53 -1.28
C VAL B 1015 -2.31 -36.93 -1.58
N SER B 1016 -2.06 -38.23 -1.78
CA SER B 1016 -0.73 -38.73 -2.08
C SER B 1016 -0.23 -38.19 -3.41
N VAL B 1017 -1.16 -37.72 -4.28
CA VAL B 1017 -0.78 -37.21 -5.61
C VAL B 1017 -0.22 -35.79 -5.51
N LEU B 1018 -0.36 -35.16 -4.35
CA LEU B 1018 0.15 -33.82 -4.16
C LEU B 1018 1.66 -33.82 -3.94
N PRO B 1019 2.36 -32.85 -4.57
CA PRO B 1019 3.78 -32.73 -4.31
C PRO B 1019 3.97 -32.35 -2.85
N THR B 1020 5.13 -32.73 -2.32
CA THR B 1020 5.39 -32.65 -0.87
C THR B 1020 5.21 -31.28 -0.24
N PRO B 1021 5.74 -30.21 -0.89
CA PRO B 1021 5.47 -28.91 -0.24
C PRO B 1021 3.99 -28.52 -0.15
N ALA B 1022 3.19 -28.91 -1.15
CA ALA B 1022 1.73 -28.65 -1.12
C ALA B 1022 1.08 -29.50 -0.01
N TYR B 1023 1.51 -30.75 0.10
CA TYR B 1023 1.03 -31.62 1.19
C TYR B 1023 1.18 -31.00 2.59
N PHE B 1024 2.39 -30.54 2.92
CA PHE B 1024 2.70 -30.04 4.27
C PHE B 1024 2.36 -28.59 4.54
N TYR B 1025 2.37 -27.77 3.48
CA TYR B 1025 2.17 -26.32 3.60
C TYR B 1025 1.03 -25.72 2.77
N GLY B 1026 0.40 -26.49 1.87
CA GLY B 1026 -0.71 -25.94 1.06
C GLY B 1026 -0.15 -24.96 0.04
N LEU B 1027 -0.90 -23.88 -0.26
CA LEU B 1027 -0.58 -22.93 -1.35
C LEU B 1027 -0.55 -21.50 -0.86
N ALA B 1028 0.49 -20.78 -1.23
CA ALA B 1028 0.56 -19.36 -0.95
C ALA B 1028 -0.38 -18.63 -1.91
N ASP B 1029 -0.67 -17.37 -1.55
CA ASP B 1029 -1.52 -16.51 -2.36
C ASP B 1029 -0.95 -16.44 -3.77
N GLY B 1030 -1.80 -16.72 -4.75
CA GLY B 1030 -1.43 -16.68 -6.16
C GLY B 1030 -0.56 -17.83 -6.66
N GLU B 1031 -0.23 -18.77 -5.76
CA GLU B 1031 0.64 -19.91 -6.11
C GLU B 1031 -0.11 -20.93 -6.98
N GLU B 1032 0.63 -21.50 -7.93
CA GLU B 1032 0.12 -22.43 -8.90
C GLU B 1032 0.66 -23.81 -8.55
N LEU B 1033 -0.20 -24.81 -8.71
CA LEU B 1033 0.11 -26.20 -8.45
C LEU B 1033 -0.39 -27.07 -9.60
N PHE B 1034 0.42 -28.02 -10.01
CA PHE B 1034 0.04 -29.03 -10.98
C PHE B 1034 -0.06 -30.38 -10.25
N ALA B 1035 -1.20 -31.05 -10.37
CA ALA B 1035 -1.42 -32.37 -9.72
C ALA B 1035 -2.17 -33.32 -10.65
N ASP B 1036 -1.73 -34.57 -10.72
CA ASP B 1036 -2.42 -35.56 -11.55
C ASP B 1036 -3.33 -36.46 -10.72
N ILE B 1037 -4.64 -36.29 -10.89
CA ILE B 1037 -5.60 -37.21 -10.26
C ILE B 1037 -5.79 -38.48 -11.08
N GLU B 1038 -5.68 -38.35 -12.40
CA GLU B 1038 -5.68 -39.50 -13.29
C GLU B 1038 -4.41 -39.51 -14.15
N LYS B 1039 -4.07 -40.66 -14.71
CA LYS B 1039 -3.01 -40.74 -15.70
C LYS B 1039 -3.57 -40.29 -17.05
N GLY B 1040 -4.00 -39.03 -17.08
CA GLY B 1040 -4.15 -38.22 -18.29
C GLY B 1040 -3.14 -37.11 -18.02
N LYS B 1041 -3.44 -36.16 -17.11
CA LYS B 1041 -4.78 -35.62 -16.76
C LYS B 1041 -4.46 -34.67 -15.62
N THR B 1042 -3.80 -33.57 -15.99
CA THR B 1042 -3.20 -32.65 -15.05
C THR B 1042 -4.18 -31.57 -14.65
N LEU B 1043 -4.29 -31.35 -13.35
CA LEU B 1043 -5.04 -30.25 -12.79
C LEU B 1043 -4.09 -29.08 -12.57
N VAL B 1044 -4.48 -27.93 -13.11
CA VAL B 1044 -3.78 -26.71 -12.85
C VAL B 1044 -4.59 -25.98 -11.78
N ILE B 1045 -4.02 -25.90 -10.58
CA ILE B 1045 -4.71 -25.31 -9.43
C ILE B 1045 -3.99 -24.04 -9.01
N VAL B 1046 -4.75 -22.96 -8.82
CA VAL B 1046 -4.23 -21.69 -8.33
C VAL B 1046 -5.03 -21.22 -7.11
N ASN B 1047 -4.33 -20.85 -6.03
CA ASN B 1047 -4.94 -20.22 -4.85
C ASN B 1047 -5.13 -18.70 -5.11
N GLN B 1048 -6.38 -18.29 -5.35
CA GLN B 1048 -6.68 -16.93 -5.75
C GLN B 1048 -6.98 -16.01 -4.58
N ALA B 1049 -7.58 -16.55 -3.51
CA ALA B 1049 -7.94 -15.77 -2.31
C ALA B 1049 -8.39 -16.66 -1.16
N VAL B 1050 -8.22 -16.13 0.06
CA VAL B 1050 -8.68 -16.81 1.26
C VAL B 1050 -9.43 -15.77 2.08
N SER B 1051 -10.69 -16.06 2.40
CA SER B 1051 -11.50 -15.11 3.17
C SER B 1051 -11.04 -15.01 4.62
N ALA B 1052 -11.44 -13.94 5.32
CA ALA B 1052 -11.32 -13.92 6.77
C ALA B 1052 -12.30 -14.98 7.27
N THR B 1053 -12.15 -15.40 8.52
CA THR B 1053 -13.04 -16.42 9.02
C THR B 1053 -14.35 -15.81 9.53
N ASP B 1054 -15.47 -16.41 9.14
CA ASP B 1054 -16.73 -15.83 9.55
C ASP B 1054 -17.04 -16.07 11.03
N SER B 1055 -17.79 -17.14 11.31
CA SER B 1055 -18.73 -17.21 12.44
C SER B 1055 -19.64 -18.27 11.87
N GLN B 1056 -19.78 -19.38 12.61
CA GLN B 1056 -19.79 -20.73 12.02
C GLN B 1056 -18.33 -21.17 11.96
N GLY B 1057 -17.41 -20.21 12.16
CA GLY B 1057 -15.97 -20.44 12.20
C GLY B 1057 -15.40 -21.12 10.96
N MET B 1058 -15.89 -20.73 9.79
CA MET B 1058 -15.39 -21.28 8.53
C MET B 1058 -14.57 -20.25 7.75
N VAL B 1059 -13.71 -20.74 6.86
CA VAL B 1059 -12.90 -19.92 5.96
C VAL B 1059 -13.14 -20.40 4.52
N THR B 1060 -13.37 -19.45 3.61
CA THR B 1060 -13.54 -19.79 2.18
C THR B 1060 -12.22 -19.55 1.43
N VAL B 1061 -11.74 -20.59 0.74
CA VAL B 1061 -10.60 -20.48 -0.15
C VAL B 1061 -11.12 -20.53 -1.57
N PHE B 1062 -10.68 -19.57 -2.37
N PHE B 1062 -10.72 -19.55 -2.39
CA PHE B 1062 -11.09 -19.40 -3.74
CA PHE B 1062 -11.18 -19.47 -3.76
C PHE B 1062 -9.97 -19.93 -4.63
C PHE B 1062 -10.04 -19.89 -4.68
N PHE B 1063 -10.25 -21.01 -5.36
CA PHE B 1063 -9.26 -21.55 -6.30
C PHE B 1063 -9.63 -21.25 -7.74
N GLU B 1064 -8.63 -21.26 -8.61
CA GLU B 1064 -8.86 -21.50 -10.02
C GLU B 1064 -8.50 -22.97 -10.24
N LEU B 1065 -9.36 -23.72 -10.94
CA LEU B 1065 -9.09 -25.12 -11.28
C LEU B 1065 -9.27 -25.29 -12.77
N ASN B 1066 -8.18 -25.53 -13.49
CA ASN B 1066 -8.22 -25.62 -14.96
C ASN B 1066 -9.05 -24.50 -15.62
N GLY B 1067 -8.73 -23.25 -15.33
CA GLY B 1067 -9.45 -22.10 -15.88
C GLY B 1067 -10.83 -21.83 -15.29
N GLN B 1068 -11.24 -22.56 -14.25
CA GLN B 1068 -12.59 -22.41 -13.70
C GLN B 1068 -12.56 -22.03 -12.22
N PRO B 1069 -13.47 -21.13 -11.79
CA PRO B 1069 -13.52 -20.74 -10.37
C PRO B 1069 -14.10 -21.84 -9.49
N ARG B 1070 -13.47 -22.08 -8.33
N ARG B 1070 -13.43 -22.13 -8.38
CA ARG B 1070 -13.92 -23.12 -7.37
CA ARG B 1070 -13.99 -23.00 -7.36
C ARG B 1070 -13.75 -22.70 -5.89
C ARG B 1070 -13.90 -22.26 -6.03
N ARG B 1071 -14.86 -22.54 -5.16
CA ARG B 1071 -14.84 -22.04 -3.78
C ARG B 1071 -15.00 -23.22 -2.84
N ILE B 1072 -14.14 -23.28 -1.82
CA ILE B 1072 -14.08 -24.41 -0.91
C ILE B 1072 -14.06 -23.85 0.52
N LYS B 1073 -14.99 -24.31 1.36
CA LYS B 1073 -15.02 -23.88 2.76
C LYS B 1073 -14.40 -24.91 3.69
N VAL B 1074 -13.68 -24.41 4.69
CA VAL B 1074 -13.02 -25.26 5.67
C VAL B 1074 -13.05 -24.59 7.04
N PRO B 1075 -13.06 -25.39 8.13
CA PRO B 1075 -12.98 -24.78 9.45
C PRO B 1075 -11.67 -24.03 9.68
N ASP B 1076 -11.77 -22.90 10.37
CA ASP B 1076 -10.61 -22.26 10.97
C ASP B 1076 -10.38 -23.01 12.27
N ARG B 1077 -9.35 -23.86 12.28
CA ARG B 1077 -9.14 -24.78 13.39
C ARG B 1077 -8.61 -24.11 14.65
N ALA B 1078 -8.29 -22.82 14.56
CA ALA B 1078 -7.95 -22.01 15.75
C ALA B 1078 -9.07 -21.05 16.18
N HIS B 1079 -10.29 -21.28 15.67
CA HIS B 1079 -11.52 -20.58 16.09
C HIS B 1079 -12.75 -21.10 15.33
MG MG C . 8.16 2.04 -38.71
MG MG D . 10.10 -1.51 -38.64
ZN ZN E . 2.78 49.13 25.80
MG MG F . -13.31 62.61 20.68
CL CL G . 19.22 39.83 12.42
CL CL H . 19.12 -9.82 -21.33
N1A COA I . -7.32 19.68 -0.70
C2A COA I . -6.59 18.94 0.19
N3A COA I . -5.22 18.84 0.04
C4A COA I . -4.58 19.48 -0.98
C5A COA I . -5.31 20.22 -1.89
C6A COA I . -6.69 20.32 -1.75
N6A COA I . -7.40 20.64 -2.84
N7A COA I . -4.46 20.76 -2.78
C8A COA I . -3.21 20.37 -2.49
N9A COA I . -3.25 19.57 -1.36
C1B COA I . -2.11 18.85 -0.77
C2B COA I . -1.99 17.44 -1.36
O2B COA I . -1.42 16.58 -0.39
C3B COA I . -0.96 17.65 -2.45
O3B COA I . -0.24 16.49 -2.79
P3B COA I . -0.63 15.82 -4.20
O7A COA I . 0.32 14.67 -4.40
O8A COA I . -0.44 16.82 -5.32
O9A COA I . -2.06 15.38 -4.14
C4B COA I . -0.05 18.70 -1.88
O4B COA I . -0.88 19.50 -1.06
C5B COA I . 0.46 19.48 -3.08
O5B COA I . 1.10 20.62 -2.62
P1A COA I . 0.80 22.04 -3.30
O1A COA I . -0.60 22.47 -2.96
O2A COA I . 1.86 22.95 -2.73
O3A COA I . 0.85 22.05 -4.90
P2A COA I . 2.11 21.76 -5.83
O4A COA I . 2.54 23.00 -6.59
O5A COA I . 3.21 21.04 -5.12
O6A COA I . 1.45 20.76 -6.90
CCP COA I . 0.39 19.91 -6.50
PG AGS J . 9.86 1.45 -36.44
S1G AGS J . 8.14 2.33 -36.77
O2G AGS J . 9.82 -0.25 -36.97
O3G AGS J . 10.25 1.49 -34.71
PB AGS J . 12.03 1.69 -38.18
O1B AGS J . 13.32 1.60 -37.38
O2B AGS J . 11.47 0.47 -38.86
O3B AGS J . 10.95 2.34 -37.21
PA AGS J . 11.04 3.68 -40.05
O1A AGS J . 11.43 3.68 -41.51
O2A AGS J . 9.66 3.14 -39.65
O3A AGS J . 12.24 2.88 -39.28
O5' AGS J . 11.15 5.15 -39.43
C5' AGS J . 10.12 5.74 -38.63
C4' AGS J . 10.41 7.23 -38.44
O4' AGS J . 11.72 7.56 -38.94
C3' AGS J . 9.43 8.14 -39.18
O3' AGS J . 8.25 8.46 -38.43
C2' AGS J . 10.27 9.36 -39.46
O2' AGS J . 10.28 10.18 -38.28
C1' AGS J . 11.67 8.81 -39.67
N9 AGS J . 11.96 8.63 -41.13
C8 AGS J . 12.09 7.46 -41.79
N7 AGS J . 12.35 7.66 -43.13
C5 AGS J . 12.38 9.00 -43.33
C6 AGS J . 12.60 9.90 -44.49
N6 AGS J . 12.86 9.42 -45.73
N1 AGS J . 12.55 11.24 -44.26
C2 AGS J . 12.32 11.76 -43.02
N3 AGS J . 12.11 10.99 -41.93
C4 AGS J . 12.13 9.63 -42.01
C FMT K . -5.65 -1.69 -16.43
O1 FMT K . -6.44 -2.32 -15.72
O2 FMT K . -5.26 -2.09 -17.52
ZN ZN L . 18.20 -50.94 10.03
MG MG M . -38.73 5.10 -10.95
MG MG N . -38.86 7.84 -8.25
MG MG O . 27.90 -64.71 -3.48
CL CL P . -4.37 -48.95 15.35
CL CL Q . -27.74 11.23 8.92
PG AGS R . -37.33 4.72 -8.30
S1G AGS R . -36.91 4.20 -10.14
O2G AGS R . -37.42 6.49 -8.23
O3G AGS R . -36.11 4.11 -7.18
PB AGS R . -40.04 4.57 -7.30
O1B AGS R . -40.02 4.14 -5.85
O2B AGS R . -40.26 6.05 -7.60
O3B AGS R . -38.73 3.97 -8.00
PA AGS R . -41.33 3.37 -9.58
O1A AGS R . -42.81 3.57 -9.88
O2A AGS R . -40.28 4.04 -10.45
O3A AGS R . -41.17 3.68 -8.00
O5' AGS R . -41.10 1.78 -9.64
C5' AGS R . -39.82 1.16 -9.53
C4' AGS R . -40.02 -0.36 -9.65
O4' AGS R . -41.18 -0.83 -8.91
C3' AGS R . -40.26 -0.81 -11.10
O3' AGS R . -39.04 -1.01 -11.84
C2' AGS R . -41.05 -2.10 -10.94
O2' AGS R . -40.17 -3.18 -10.56
C1' AGS R . -41.88 -1.81 -9.69
N9 AGS R . -43.27 -1.37 -10.01
C8 AGS R . -43.78 -0.12 -9.77
N7 AGS R . -45.10 -0.04 -10.15
C5 AGS R . -45.43 -1.26 -10.62
C6 AGS R . -46.67 -1.86 -11.15
N6 AGS R . -47.79 -1.09 -11.25
N1 AGS R . -46.61 -3.18 -11.54
C2 AGS R . -45.48 -3.93 -11.45
N3 AGS R . -44.31 -3.45 -10.95
C4 AGS R . -44.23 -2.14 -10.53
C1 GOL S . -17.71 19.67 -25.23
O1 GOL S . -19.07 19.59 -24.84
C2 GOL S . -17.51 20.95 -26.01
O2 GOL S . -17.57 22.05 -25.13
C3 GOL S . -18.65 21.08 -26.98
O3 GOL S . -18.95 19.78 -27.42
C FMT T . -11.93 5.64 -11.65
O1 FMT T . -13.02 6.19 -11.77
O2 FMT T . -10.86 6.25 -11.78
#